data_1HYK
#
_entry.id   1HYK
#
_cell.length_a   1.000
_cell.length_b   1.000
_cell.length_c   1.000
_cell.angle_alpha   90.00
_cell.angle_beta   90.00
_cell.angle_gamma   90.00
#
_symmetry.space_group_name_H-M   'P 1'
#
_entity_poly.entity_id   1
_entity_poly.type   'polypeptide(L)'
_entity_poly.pdbx_seq_one_letter_code
;CVRLHESCLGQQVPCCDPCATCYCRFFNAFCYCRKLGTAMNPCSRT
;
_entity_poly.pdbx_strand_id   A
#
# COMPACT_ATOMS: atom_id res chain seq x y z
N CYS A 1 11.06 -3.84 3.38
CA CYS A 1 9.65 -3.63 2.97
C CYS A 1 9.55 -3.39 1.46
N VAL A 2 8.38 -2.94 1.02
CA VAL A 2 8.16 -2.67 -0.39
C VAL A 2 8.41 -1.20 -0.71
N ARG A 3 8.28 -0.84 -1.98
CA ARG A 3 8.51 0.54 -2.38
C ARG A 3 7.31 1.41 -2.07
N LEU A 4 7.24 2.58 -2.68
CA LEU A 4 6.16 3.52 -2.46
C LEU A 4 4.85 2.99 -3.05
N HIS A 5 4.93 2.37 -4.22
CA HIS A 5 3.76 1.83 -4.88
C HIS A 5 4.12 0.70 -5.84
N GLU A 6 4.37 -0.48 -5.29
CA GLU A 6 4.71 -1.64 -6.11
C GLU A 6 4.05 -2.90 -5.55
N SER A 7 4.18 -4.00 -6.26
CA SER A 7 3.59 -5.26 -5.83
C SER A 7 4.32 -5.83 -4.63
N CYS A 8 3.56 -6.45 -3.71
CA CYS A 8 4.14 -7.04 -2.51
C CYS A 8 4.08 -8.57 -2.56
N LEU A 9 3.48 -9.10 -3.63
CA LEU A 9 3.34 -10.54 -3.85
C LEU A 9 3.43 -11.35 -2.55
N GLY A 10 2.26 -11.73 -2.02
CA GLY A 10 2.22 -12.52 -0.80
C GLY A 10 1.48 -11.82 0.32
N GLN A 11 1.43 -10.48 0.25
CA GLN A 11 0.75 -9.69 1.28
C GLN A 11 1.52 -9.71 2.61
N GLN A 12 2.67 -10.38 2.62
CA GLN A 12 3.48 -10.46 3.83
C GLN A 12 4.54 -9.35 3.84
N VAL A 13 4.69 -8.66 2.71
CA VAL A 13 5.67 -7.59 2.59
C VAL A 13 5.00 -6.22 2.73
N PRO A 14 4.91 -5.69 3.97
CA PRO A 14 4.29 -4.38 4.22
C PRO A 14 5.07 -3.25 3.56
N CYS A 15 4.36 -2.17 3.26
CA CYS A 15 4.98 -1.00 2.63
C CYS A 15 5.99 -0.34 3.55
N CYS A 16 7.15 0.02 3.01
CA CYS A 16 8.19 0.68 3.78
C CYS A 16 7.81 2.13 4.09
N ASP A 17 6.69 2.60 3.52
CA ASP A 17 6.23 3.96 3.73
C ASP A 17 5.27 4.04 4.93
N PRO A 18 5.48 5.02 5.83
CA PRO A 18 4.64 5.20 7.01
C PRO A 18 3.16 5.31 6.64
N CYS A 19 2.32 4.61 7.38
CA CYS A 19 0.89 4.60 7.14
C CYS A 19 0.54 4.01 5.78
N ALA A 20 1.50 3.34 5.16
CA ALA A 20 1.28 2.73 3.85
C ALA A 20 1.13 1.22 3.98
N THR A 21 0.11 0.66 3.31
CA THR A 21 -0.12 -0.77 3.36
C THR A 21 -0.47 -1.33 1.99
N CYS A 22 -0.06 -2.56 1.73
CA CYS A 22 -0.32 -3.22 0.44
C CYS A 22 -1.79 -3.62 0.32
N TYR A 23 -2.39 -3.28 -0.80
CA TYR A 23 -3.78 -3.62 -1.05
C TYR A 23 -3.95 -4.24 -2.43
N CYS A 24 -4.91 -5.16 -2.56
CA CYS A 24 -5.16 -5.84 -3.82
C CYS A 24 -6.34 -5.21 -4.56
N ARG A 25 -6.13 -4.87 -5.83
CA ARG A 25 -7.16 -4.26 -6.65
C ARG A 25 -8.23 -5.29 -7.04
N PHE A 26 -7.94 -6.56 -6.78
CA PHE A 26 -8.85 -7.64 -7.10
C PHE A 26 -8.75 -8.73 -6.04
N PHE A 27 -9.10 -9.96 -6.42
CA PHE A 27 -9.03 -11.08 -5.51
C PHE A 27 -7.62 -11.21 -4.93
N ASN A 28 -6.69 -11.64 -5.77
CA ASN A 28 -5.30 -11.80 -5.35
C ASN A 28 -4.35 -11.68 -6.54
N ALA A 29 -4.13 -10.47 -7.01
CA ALA A 29 -3.25 -10.24 -8.15
C ALA A 29 -2.63 -8.84 -8.11
N PHE A 30 -3.46 -7.82 -8.16
CA PHE A 30 -2.99 -6.44 -8.13
C PHE A 30 -2.76 -5.97 -6.70
N CYS A 31 -1.89 -6.67 -5.99
CA CYS A 31 -1.58 -6.33 -4.60
C CYS A 31 -0.30 -5.49 -4.51
N TYR A 32 -0.47 -4.19 -4.31
CA TYR A 32 0.67 -3.28 -4.19
C TYR A 32 0.47 -2.27 -3.07
N CYS A 33 1.56 -1.63 -2.65
CA CYS A 33 1.51 -0.65 -1.58
C CYS A 33 0.47 0.44 -1.86
N ARG A 34 -0.15 0.92 -0.80
CA ARG A 34 -1.17 1.97 -0.91
C ARG A 34 -1.00 2.98 0.22
N LYS A 35 -0.93 4.26 -0.14
CA LYS A 35 -0.77 5.33 0.84
C LYS A 35 -2.11 5.75 1.43
N LEU A 36 -3.15 4.95 1.23
CA LEU A 36 -4.46 5.26 1.75
C LEU A 36 -4.98 6.58 1.19
N GLY A 37 -6.00 6.49 0.36
CA GLY A 37 -6.59 7.67 -0.25
C GLY A 37 -7.49 8.42 0.73
N THR A 38 -6.94 8.78 1.88
CA THR A 38 -7.70 9.51 2.89
C THR A 38 -7.52 11.01 2.71
N ALA A 39 -8.21 11.56 1.72
CA ALA A 39 -8.14 12.99 1.44
C ALA A 39 -8.60 13.83 2.62
N MET A 40 -9.31 13.20 3.55
CA MET A 40 -9.81 13.89 4.73
C MET A 40 -8.74 13.96 5.82
N ASN A 41 -7.98 12.87 5.95
CA ASN A 41 -6.92 12.80 6.95
C ASN A 41 -5.79 11.89 6.47
N PRO A 42 -5.04 12.32 5.45
CA PRO A 42 -3.92 11.54 4.90
C PRO A 42 -2.67 11.62 5.77
N CYS A 43 -1.92 10.52 5.81
CA CYS A 43 -0.71 10.43 6.59
C CYS A 43 0.45 11.05 5.83
N SER A 44 1.44 10.23 5.55
CA SER A 44 2.62 10.65 4.84
C SER A 44 2.38 10.67 3.33
N ARG A 45 1.88 11.79 2.83
CA ARG A 45 1.60 11.92 1.40
C ARG A 45 1.65 13.40 0.98
N THR A 46 2.84 13.98 1.05
CA THR A 46 3.01 15.39 0.68
C THR A 46 4.03 15.53 -0.44
N CYS A 1 10.89 -3.88 3.34
CA CYS A 1 9.50 -3.65 2.86
C CYS A 1 9.48 -3.35 1.36
N VAL A 2 8.32 -2.93 0.87
CA VAL A 2 8.16 -2.61 -0.54
C VAL A 2 8.39 -1.13 -0.78
N ARG A 3 8.26 -0.71 -2.02
CA ARG A 3 8.47 0.69 -2.36
C ARG A 3 7.24 1.53 -2.01
N LEU A 4 7.23 2.78 -2.47
CA LEU A 4 6.13 3.69 -2.20
C LEU A 4 4.87 3.25 -2.93
N HIS A 5 5.05 2.68 -4.12
CA HIS A 5 3.93 2.21 -4.92
C HIS A 5 4.36 1.09 -5.85
N GLU A 6 4.62 -0.08 -5.29
CA GLU A 6 5.04 -1.24 -6.06
C GLU A 6 4.35 -2.51 -5.55
N SER A 7 4.45 -3.57 -6.34
CA SER A 7 3.83 -4.84 -5.97
C SER A 7 4.50 -5.43 -4.72
N CYS A 8 3.70 -6.04 -3.85
CA CYS A 8 4.22 -6.62 -2.62
C CYS A 8 4.21 -8.15 -2.69
N LEU A 9 3.38 -8.69 -3.59
CA LEU A 9 3.25 -10.15 -3.78
C LEU A 9 3.77 -10.96 -2.59
N GLY A 10 2.86 -11.38 -1.73
CA GLY A 10 3.24 -12.15 -0.57
C GLY A 10 2.34 -11.89 0.63
N GLN A 11 1.78 -10.69 0.69
CA GLN A 11 0.88 -10.30 1.79
C GLN A 11 1.64 -10.02 3.08
N GLN A 12 2.77 -10.71 3.29
CA GLN A 12 3.57 -10.50 4.50
C GLN A 12 4.59 -9.39 4.30
N VAL A 13 4.59 -8.78 3.12
CA VAL A 13 5.52 -7.70 2.82
C VAL A 13 4.82 -6.34 2.84
N PRO A 14 4.70 -5.71 4.02
CA PRO A 14 4.05 -4.40 4.15
C PRO A 14 4.86 -3.28 3.52
N CYS A 15 4.18 -2.18 3.19
CA CYS A 15 4.84 -1.04 2.57
C CYS A 15 5.82 -0.38 3.53
N CYS A 16 6.98 0.00 3.00
CA CYS A 16 8.02 0.66 3.79
C CYS A 16 7.63 2.10 4.12
N ASP A 17 6.52 2.57 3.54
CA ASP A 17 6.07 3.93 3.77
C ASP A 17 5.09 4.02 4.95
N PRO A 18 5.26 5.02 5.84
CA PRO A 18 4.39 5.21 6.99
C PRO A 18 2.93 5.33 6.58
N CYS A 19 2.05 4.64 7.31
CA CYS A 19 0.63 4.65 7.00
C CYS A 19 0.36 4.04 5.63
N ALA A 20 1.35 3.35 5.08
CA ALA A 20 1.21 2.71 3.78
C ALA A 20 1.08 1.19 3.92
N THR A 21 0.06 0.63 3.30
CA THR A 21 -0.18 -0.81 3.36
C THR A 21 -0.52 -1.35 1.98
N CYS A 22 -0.05 -2.56 1.68
CA CYS A 22 -0.31 -3.18 0.38
C CYS A 22 -1.76 -3.62 0.27
N TYR A 23 -2.28 -3.59 -0.95
CA TYR A 23 -3.66 -4.00 -1.22
C TYR A 23 -3.80 -4.50 -2.65
N CYS A 24 -4.76 -5.40 -2.86
CA CYS A 24 -5.00 -5.95 -4.19
C CYS A 24 -6.25 -5.35 -4.81
N ARG A 25 -6.18 -5.04 -6.11
CA ARG A 25 -7.32 -4.48 -6.83
C ARG A 25 -8.41 -5.51 -7.05
N PHE A 26 -8.08 -6.77 -6.79
CA PHE A 26 -9.01 -7.87 -6.97
C PHE A 26 -8.77 -8.93 -5.90
N PHE A 27 -9.15 -10.16 -6.19
CA PHE A 27 -8.95 -11.26 -5.26
C PHE A 27 -7.48 -11.37 -4.87
N ASN A 28 -6.65 -11.75 -5.84
CA ASN A 28 -5.21 -11.88 -5.60
C ASN A 28 -4.45 -11.72 -6.91
N ALA A 29 -4.18 -10.48 -7.29
CA ALA A 29 -3.45 -10.21 -8.53
C ALA A 29 -2.64 -8.91 -8.44
N PHE A 30 -3.33 -7.79 -8.57
CA PHE A 30 -2.68 -6.48 -8.52
C PHE A 30 -2.51 -6.01 -7.09
N CYS A 31 -1.60 -6.65 -6.36
CA CYS A 31 -1.34 -6.30 -4.97
C CYS A 31 -0.11 -5.40 -4.85
N TYR A 32 -0.34 -4.12 -4.55
CA TYR A 32 0.75 -3.16 -4.41
C TYR A 32 0.54 -2.26 -3.20
N CYS A 33 1.57 -1.47 -2.87
CA CYS A 33 1.51 -0.57 -1.73
C CYS A 33 0.39 0.46 -1.89
N ARG A 34 -0.23 0.83 -0.76
CA ARG A 34 -1.30 1.80 -0.76
C ARG A 34 -1.12 2.77 0.40
N LYS A 35 -0.94 4.06 0.09
CA LYS A 35 -0.74 5.07 1.12
C LYS A 35 -2.08 5.60 1.66
N LEU A 36 -3.14 4.81 1.51
CA LEU A 36 -4.45 5.20 1.99
C LEU A 36 -4.91 6.50 1.35
N GLY A 37 -5.89 6.39 0.48
CA GLY A 37 -6.41 7.56 -0.21
C GLY A 37 -7.43 8.33 0.63
N THR A 38 -7.03 8.69 1.85
CA THR A 38 -7.91 9.42 2.75
C THR A 38 -7.71 10.93 2.58
N ALA A 39 -8.26 11.48 1.51
CA ALA A 39 -8.15 12.91 1.23
C ALA A 39 -8.78 13.74 2.34
N MET A 40 -9.61 13.11 3.15
CA MET A 40 -10.28 13.81 4.25
C MET A 40 -9.38 13.87 5.48
N ASN A 41 -8.65 12.79 5.73
CA ASN A 41 -7.74 12.73 6.87
C ASN A 41 -6.55 11.81 6.58
N PRO A 42 -5.66 12.25 5.66
CA PRO A 42 -4.47 11.48 5.30
C PRO A 42 -3.36 11.56 6.34
N CYS A 43 -2.47 10.58 6.34
CA CYS A 43 -1.36 10.53 7.26
C CYS A 43 -0.23 11.43 6.79
N SER A 44 0.90 10.81 6.52
CA SER A 44 2.08 11.54 6.06
C SER A 44 1.99 11.84 4.58
N ARG A 45 1.77 13.11 4.25
CA ARG A 45 1.66 13.54 2.86
C ARG A 45 2.02 15.02 2.72
N THR A 46 3.30 15.29 2.46
CA THR A 46 3.76 16.66 2.30
C THR A 46 5.02 16.71 1.45
N CYS A 1 10.63 -3.90 2.84
CA CYS A 1 9.18 -3.73 2.55
C CYS A 1 8.96 -3.37 1.09
N VAL A 2 7.78 -2.84 0.79
CA VAL A 2 7.45 -2.45 -0.58
C VAL A 2 7.76 -0.98 -0.82
N ARG A 3 7.80 -0.58 -2.07
CA ARG A 3 8.12 0.80 -2.42
C ARG A 3 6.90 1.70 -2.21
N LEU A 4 6.97 2.91 -2.75
CA LEU A 4 5.89 3.87 -2.62
C LEU A 4 4.65 3.44 -3.40
N HIS A 5 4.88 2.79 -4.54
CA HIS A 5 3.80 2.32 -5.38
C HIS A 5 4.24 1.14 -6.24
N GLU A 6 4.50 0.01 -5.59
CA GLU A 6 4.93 -1.19 -6.29
C GLU A 6 4.27 -2.43 -5.67
N SER A 7 4.20 -3.51 -6.45
CA SER A 7 3.60 -4.75 -5.98
C SER A 7 4.34 -5.27 -4.76
N CYS A 8 3.63 -6.00 -3.89
CA CYS A 8 4.23 -6.55 -2.68
C CYS A 8 4.40 -8.06 -2.79
N LEU A 9 3.55 -8.69 -3.60
CA LEU A 9 3.59 -10.14 -3.82
C LEU A 9 4.25 -10.88 -2.67
N GLY A 10 3.42 -11.33 -1.72
CA GLY A 10 3.94 -12.06 -0.57
C GLY A 10 2.98 -12.08 0.60
N GLN A 11 2.06 -11.11 0.63
CA GLN A 11 1.08 -11.02 1.71
C GLN A 11 1.71 -10.50 3.00
N GLN A 12 2.80 -11.13 3.43
CA GLN A 12 3.49 -10.71 4.65
C GLN A 12 4.57 -9.67 4.35
N VAL A 13 4.27 -8.78 3.40
CA VAL A 13 5.22 -7.74 3.03
C VAL A 13 4.51 -6.40 2.86
N PRO A 14 4.29 -5.67 3.96
CA PRO A 14 3.61 -4.37 3.94
C PRO A 14 4.50 -3.27 3.36
N CYS A 15 3.88 -2.16 2.98
CA CYS A 15 4.61 -1.04 2.40
C CYS A 15 5.59 -0.45 3.40
N CYS A 16 6.77 -0.08 2.92
CA CYS A 16 7.82 0.50 3.75
C CYS A 16 7.48 1.94 4.16
N ASP A 17 6.37 2.47 3.64
CA ASP A 17 5.96 3.84 3.95
C ASP A 17 4.93 3.88 5.08
N PRO A 18 5.04 4.89 5.97
CA PRO A 18 4.11 5.05 7.09
C PRO A 18 2.66 5.13 6.61
N CYS A 19 1.78 4.40 7.30
CA CYS A 19 0.36 4.39 6.93
C CYS A 19 0.16 3.77 5.55
N ALA A 20 1.21 3.14 5.01
CA ALA A 20 1.11 2.52 3.70
C ALA A 20 1.01 1.00 3.81
N THR A 21 0.04 0.42 3.13
CA THR A 21 -0.16 -1.02 3.16
C THR A 21 -0.43 -1.56 1.76
N CYS A 22 -0.03 -2.80 1.51
CA CYS A 22 -0.24 -3.42 0.21
C CYS A 22 -1.71 -3.74 -0.02
N TYR A 23 -2.34 -2.97 -0.90
CA TYR A 23 -3.74 -3.16 -1.22
C TYR A 23 -3.91 -3.96 -2.51
N CYS A 24 -4.89 -4.85 -2.52
CA CYS A 24 -5.16 -5.68 -3.69
C CYS A 24 -6.44 -5.24 -4.38
N ARG A 25 -6.32 -4.81 -5.63
CA ARG A 25 -7.48 -4.35 -6.40
C ARG A 25 -8.37 -5.51 -6.82
N PHE A 26 -7.89 -6.73 -6.62
CA PHE A 26 -8.63 -7.92 -6.97
C PHE A 26 -8.34 -9.03 -5.98
N PHE A 27 -8.61 -10.27 -6.38
CA PHE A 27 -8.36 -11.41 -5.53
C PHE A 27 -6.90 -11.47 -5.12
N ASN A 28 -6.02 -11.71 -6.10
CA ASN A 28 -4.59 -11.78 -5.84
C ASN A 28 -3.79 -11.43 -7.10
N ALA A 29 -3.77 -10.15 -7.45
CA ALA A 29 -3.06 -9.69 -8.64
C ALA A 29 -2.57 -8.26 -8.49
N PHE A 30 -3.51 -7.34 -8.32
CA PHE A 30 -3.18 -5.92 -8.17
C PHE A 30 -2.85 -5.59 -6.72
N CYS A 31 -1.90 -6.33 -6.15
CA CYS A 31 -1.48 -6.11 -4.77
C CYS A 31 -0.23 -5.26 -4.70
N TYR A 32 -0.41 -3.96 -4.45
CA TYR A 32 0.71 -3.03 -4.37
C TYR A 32 0.55 -2.08 -3.19
N CYS A 33 1.64 -1.39 -2.84
CA CYS A 33 1.63 -0.44 -1.72
C CYS A 33 0.57 0.63 -1.94
N ARG A 34 -0.12 0.99 -0.85
CA ARG A 34 -1.16 2.01 -0.90
C ARG A 34 -1.11 2.86 0.37
N LYS A 35 -0.97 4.17 0.19
CA LYS A 35 -0.91 5.09 1.32
C LYS A 35 -2.31 5.50 1.79
N LEU A 36 -3.31 4.66 1.52
CA LEU A 36 -4.68 4.95 1.92
C LEU A 36 -5.16 6.24 1.30
N GLY A 37 -6.10 6.10 0.36
CA GLY A 37 -6.65 7.26 -0.32
C GLY A 37 -7.74 7.94 0.48
N THR A 38 -7.46 8.26 1.73
CA THR A 38 -8.42 8.93 2.60
C THR A 38 -8.24 10.44 2.53
N ALA A 39 -8.76 11.03 1.46
CA ALA A 39 -8.66 12.48 1.25
C ALA A 39 -9.33 13.25 2.39
N MET A 40 -10.15 12.57 3.17
CA MET A 40 -10.86 13.20 4.28
C MET A 40 -9.97 13.26 5.52
N ASN A 41 -9.20 12.20 5.75
CA ASN A 41 -8.30 12.14 6.89
C ASN A 41 -7.07 11.29 6.60
N PRO A 42 -6.19 11.77 5.70
CA PRO A 42 -4.97 11.05 5.32
C PRO A 42 -3.89 11.15 6.39
N CYS A 43 -2.95 10.22 6.36
CA CYS A 43 -1.86 10.18 7.31
C CYS A 43 -0.75 11.14 6.90
N SER A 44 0.41 10.58 6.62
CA SER A 44 1.56 11.36 6.22
C SER A 44 1.49 11.71 4.74
N ARG A 45 0.95 12.88 4.42
CA ARG A 45 0.83 13.32 3.04
C ARG A 45 0.77 14.85 2.96
N THR A 46 1.95 15.48 3.01
CA THR A 46 2.03 16.94 2.94
C THR A 46 2.56 17.39 1.59
N CYS A 1 10.56 -4.46 3.04
CA CYS A 1 9.21 -4.01 2.59
C CYS A 1 9.23 -3.68 1.10
N VAL A 2 8.11 -3.18 0.60
CA VAL A 2 7.99 -2.82 -0.81
C VAL A 2 8.27 -1.33 -1.01
N ARG A 3 8.21 -0.88 -2.25
CA ARG A 3 8.48 0.51 -2.55
C ARG A 3 7.28 1.41 -2.23
N LEU A 4 7.34 2.65 -2.70
CA LEU A 4 6.27 3.61 -2.46
C LEU A 4 5.00 3.23 -3.20
N HIS A 5 5.16 2.69 -4.40
CA HIS A 5 4.04 2.29 -5.21
C HIS A 5 4.42 1.16 -6.17
N GLU A 6 4.66 -0.01 -5.61
CA GLU A 6 5.04 -1.17 -6.41
C GLU A 6 4.36 -2.43 -5.86
N SER A 7 4.44 -3.51 -6.63
CA SER A 7 3.83 -4.78 -6.22
C SER A 7 4.62 -5.39 -5.07
N CYS A 8 3.90 -5.93 -4.09
CA CYS A 8 4.53 -6.55 -2.93
C CYS A 8 4.38 -8.07 -2.95
N LEU A 9 3.35 -8.55 -3.65
CA LEU A 9 3.07 -9.99 -3.77
C LEU A 9 3.65 -10.79 -2.60
N GLY A 10 2.85 -10.96 -1.56
CA GLY A 10 3.30 -11.70 -0.39
C GLY A 10 2.32 -11.66 0.77
N GLN A 11 1.47 -10.62 0.79
CA GLN A 11 0.47 -10.46 1.85
C GLN A 11 1.11 -9.98 3.15
N GLN A 12 2.14 -10.68 3.61
CA GLN A 12 2.82 -10.31 4.84
C GLN A 12 3.93 -9.29 4.60
N VAL A 13 3.99 -8.76 3.38
CA VAL A 13 5.00 -7.77 3.03
C VAL A 13 4.39 -6.37 2.94
N PRO A 14 4.28 -5.67 4.09
CA PRO A 14 3.71 -4.31 4.12
C PRO A 14 4.63 -3.29 3.47
N CYS A 15 4.05 -2.15 3.09
CA CYS A 15 4.82 -1.09 2.46
C CYS A 15 5.88 -0.51 3.40
N CYS A 16 7.04 -0.20 2.86
CA CYS A 16 8.13 0.36 3.66
C CYS A 16 7.84 1.80 4.07
N ASP A 17 6.74 2.37 3.56
CA ASP A 17 6.38 3.74 3.89
C ASP A 17 5.50 3.80 5.13
N PRO A 18 5.69 4.84 5.97
CA PRO A 18 4.91 5.02 7.20
C PRO A 18 3.42 5.04 6.91
N CYS A 19 2.65 4.30 7.71
CA CYS A 19 1.22 4.24 7.56
C CYS A 19 0.82 3.73 6.17
N ALA A 20 1.77 3.13 5.46
CA ALA A 20 1.51 2.59 4.13
C ALA A 20 1.34 1.09 4.18
N THR A 21 0.31 0.58 3.50
CA THR A 21 0.04 -0.85 3.47
C THR A 21 -0.28 -1.32 2.06
N CYS A 22 0.06 -2.56 1.75
CA CYS A 22 -0.20 -3.12 0.43
C CYS A 22 -1.69 -3.40 0.24
N TYR A 23 -2.16 -3.22 -0.99
CA TYR A 23 -3.56 -3.46 -1.30
C TYR A 23 -3.70 -4.11 -2.68
N CYS A 24 -4.65 -5.03 -2.80
CA CYS A 24 -4.88 -5.73 -4.06
C CYS A 24 -6.12 -5.18 -4.77
N ARG A 25 -5.98 -4.92 -6.07
CA ARG A 25 -7.08 -4.39 -6.86
C ARG A 25 -8.13 -5.46 -7.13
N PHE A 26 -7.80 -6.70 -6.80
CA PHE A 26 -8.71 -7.83 -6.99
C PHE A 26 -8.52 -8.83 -5.86
N PHE A 27 -8.89 -10.08 -6.12
CA PHE A 27 -8.75 -11.13 -5.12
C PHE A 27 -7.30 -11.22 -4.64
N ASN A 28 -6.42 -11.65 -5.53
CA ASN A 28 -5.00 -11.78 -5.21
C ASN A 28 -4.15 -11.71 -6.48
N ALA A 29 -3.92 -10.49 -6.97
CA ALA A 29 -3.12 -10.31 -8.18
C ALA A 29 -2.41 -8.97 -8.19
N PHE A 30 -3.16 -7.89 -8.38
CA PHE A 30 -2.59 -6.55 -8.41
C PHE A 30 -2.41 -5.99 -7.00
N CYS A 31 -1.50 -6.57 -6.25
CA CYS A 31 -1.22 -6.13 -4.89
C CYS A 31 0.01 -5.24 -4.82
N TYR A 32 -0.19 -3.96 -4.55
CA TYR A 32 0.91 -3.00 -4.46
C TYR A 32 0.74 -2.08 -3.26
N CYS A 33 1.80 -1.35 -2.94
CA CYS A 33 1.77 -0.42 -1.80
C CYS A 33 0.63 0.58 -1.92
N ARG A 34 0.04 0.92 -0.77
CA ARG A 34 -1.06 1.87 -0.72
C ARG A 34 -0.85 2.86 0.41
N LYS A 35 -0.66 4.14 0.07
CA LYS A 35 -0.43 5.18 1.06
C LYS A 35 -1.75 5.72 1.62
N LEU A 36 -2.86 5.03 1.34
CA LEU A 36 -4.15 5.45 1.82
C LEU A 36 -4.52 6.83 1.31
N GLY A 37 -5.49 6.88 0.42
CA GLY A 37 -5.94 8.14 -0.15
C GLY A 37 -6.86 8.90 0.78
N THR A 38 -6.41 9.15 2.00
CA THR A 38 -7.21 9.88 2.98
C THR A 38 -6.96 11.38 2.86
N ALA A 39 -7.53 11.99 1.83
CA ALA A 39 -7.37 13.42 1.61
C ALA A 39 -7.94 14.23 2.76
N MET A 40 -8.80 13.61 3.55
CA MET A 40 -9.41 14.28 4.69
C MET A 40 -8.51 14.21 5.92
N ASN A 41 -7.78 13.09 6.04
CA ASN A 41 -6.88 12.90 7.16
C ASN A 41 -5.69 12.02 6.76
N PRO A 42 -4.83 12.52 5.85
CA PRO A 42 -3.66 11.78 5.39
C PRO A 42 -2.50 11.85 6.37
N CYS A 43 -1.49 11.00 6.17
CA CYS A 43 -0.34 10.95 7.02
C CYS A 43 0.65 12.04 6.64
N SER A 44 1.84 11.61 6.26
CA SER A 44 2.90 12.52 5.86
C SER A 44 2.75 12.93 4.40
N ARG A 45 1.91 13.93 4.16
CA ARG A 45 1.67 14.42 2.81
C ARG A 45 1.22 15.87 2.83
N THR A 46 2.19 16.79 2.71
CA THR A 46 1.90 18.21 2.72
C THR A 46 2.55 18.91 1.52
N CYS A 1 10.76 -3.72 3.18
CA CYS A 1 9.32 -3.70 2.79
C CYS A 1 9.15 -3.27 1.34
N VAL A 2 7.96 -2.80 0.99
CA VAL A 2 7.68 -2.36 -0.37
C VAL A 2 7.89 -0.86 -0.52
N ARG A 3 8.06 -0.43 -1.76
CA ARG A 3 8.28 0.98 -2.04
C ARG A 3 6.97 1.76 -2.03
N LEU A 4 7.02 3.01 -2.47
CA LEU A 4 5.84 3.86 -2.50
C LEU A 4 4.83 3.37 -3.55
N HIS A 5 5.31 2.62 -4.53
CA HIS A 5 4.46 2.11 -5.58
C HIS A 5 5.05 0.85 -6.21
N GLU A 6 5.04 -0.24 -5.46
CA GLU A 6 5.57 -1.51 -5.93
C GLU A 6 4.68 -2.68 -5.49
N SER A 7 4.75 -3.79 -6.21
CA SER A 7 3.94 -4.96 -5.89
C SER A 7 4.58 -5.77 -4.76
N CYS A 8 3.74 -6.45 -3.99
CA CYS A 8 4.21 -7.27 -2.88
C CYS A 8 3.99 -8.76 -3.15
N LEU A 9 3.08 -9.05 -4.09
CA LEU A 9 2.75 -10.43 -4.48
C LEU A 9 2.98 -11.42 -3.34
N GLY A 10 1.92 -11.69 -2.57
CA GLY A 10 2.02 -12.61 -1.46
C GLY A 10 1.36 -12.08 -0.21
N GLN A 11 1.23 -10.76 -0.12
CA GLN A 11 0.62 -10.11 1.04
C GLN A 11 1.53 -10.16 2.27
N GLN A 12 2.67 -10.82 2.15
CA GLN A 12 3.62 -10.92 3.26
C GLN A 12 4.69 -9.83 3.17
N VAL A 13 4.39 -8.77 2.42
CA VAL A 13 5.32 -7.67 2.25
C VAL A 13 4.61 -6.32 2.24
N PRO A 14 4.39 -5.71 3.41
CA PRO A 14 3.70 -4.42 3.52
C PRO A 14 4.58 -3.26 3.05
N CYS A 15 3.95 -2.14 2.75
CA CYS A 15 4.66 -0.95 2.30
C CYS A 15 5.58 -0.41 3.37
N CYS A 16 6.82 -0.10 3.00
CA CYS A 16 7.80 0.45 3.92
C CYS A 16 7.49 1.91 4.28
N ASP A 17 6.45 2.47 3.66
CA ASP A 17 6.08 3.86 3.91
C ASP A 17 5.02 3.97 5.02
N PRO A 18 5.15 4.97 5.90
CA PRO A 18 4.20 5.18 7.00
C PRO A 18 2.77 5.32 6.49
N CYS A 19 1.85 4.63 7.15
CA CYS A 19 0.45 4.67 6.75
C CYS A 19 0.25 4.06 5.37
N ALA A 20 1.27 3.37 4.87
CA ALA A 20 1.18 2.73 3.56
C ALA A 20 1.05 1.22 3.69
N THR A 21 0.08 0.66 2.97
CA THR A 21 -0.17 -0.77 3.01
C THR A 21 -0.41 -1.32 1.61
N CYS A 22 0.12 -2.52 1.36
CA CYS A 22 -0.03 -3.16 0.07
C CYS A 22 -1.45 -3.68 -0.13
N TYR A 23 -2.19 -3.03 -1.02
CA TYR A 23 -3.58 -3.44 -1.31
C TYR A 23 -3.67 -4.09 -2.68
N CYS A 24 -4.62 -5.03 -2.82
CA CYS A 24 -4.80 -5.73 -4.08
C CYS A 24 -6.00 -5.18 -4.85
N ARG A 25 -5.86 -5.07 -6.17
CA ARG A 25 -6.95 -4.56 -7.01
C ARG A 25 -8.07 -5.58 -7.13
N PHE A 26 -7.81 -6.80 -6.67
CA PHE A 26 -8.79 -7.87 -6.73
C PHE A 26 -8.65 -8.76 -5.49
N PHE A 27 -9.08 -10.01 -5.60
CA PHE A 27 -8.98 -10.93 -4.50
C PHE A 27 -7.53 -11.05 -4.02
N ASN A 28 -6.67 -11.60 -4.87
CA ASN A 28 -5.27 -11.76 -4.55
C ASN A 28 -4.43 -11.85 -5.82
N ALA A 29 -4.08 -10.69 -6.38
CA ALA A 29 -3.27 -10.67 -7.61
C ALA A 29 -2.42 -9.40 -7.69
N PHE A 30 -3.03 -8.30 -8.10
CA PHE A 30 -2.31 -7.04 -8.23
C PHE A 30 -2.23 -6.31 -6.89
N CYS A 31 -1.33 -6.77 -6.02
CA CYS A 31 -1.16 -6.17 -4.70
C CYS A 31 0.07 -5.28 -4.68
N TYR A 32 -0.15 -3.98 -4.48
CA TYR A 32 0.95 -3.01 -4.43
C TYR A 32 0.74 -2.02 -3.29
N CYS A 33 1.82 -1.36 -2.88
CA CYS A 33 1.76 -0.39 -1.79
C CYS A 33 0.70 0.67 -2.06
N ARG A 34 -0.01 1.05 -0.99
CA ARG A 34 -1.05 2.06 -1.08
C ARG A 34 -0.94 3.04 0.08
N LYS A 35 -0.90 4.33 -0.24
CA LYS A 35 -0.78 5.37 0.79
C LYS A 35 -2.15 5.74 1.37
N LEU A 36 -3.14 4.88 1.20
CA LEU A 36 -4.48 5.13 1.71
C LEU A 36 -5.05 6.42 1.14
N GLY A 37 -6.04 6.26 0.27
CA GLY A 37 -6.68 7.42 -0.34
C GLY A 37 -7.68 8.08 0.58
N THR A 38 -7.24 8.47 1.76
CA THR A 38 -8.11 9.12 2.74
C THR A 38 -8.09 10.64 2.55
N ALA A 39 -8.79 11.09 1.51
CA ALA A 39 -8.85 12.52 1.22
C ALA A 39 -9.51 13.30 2.35
N MET A 40 -10.22 12.59 3.22
CA MET A 40 -10.89 13.21 4.35
C MET A 40 -9.95 13.37 5.53
N ASN A 41 -9.13 12.35 5.77
CA ASN A 41 -8.18 12.38 6.87
C ASN A 41 -6.94 11.55 6.54
N PRO A 42 -6.08 12.06 5.65
CA PRO A 42 -4.85 11.36 5.24
C PRO A 42 -3.75 11.47 6.29
N CYS A 43 -2.80 10.54 6.24
CA CYS A 43 -1.70 10.53 7.17
C CYS A 43 -0.61 11.49 6.73
N SER A 44 0.55 10.94 6.46
CA SER A 44 1.70 11.72 6.04
C SER A 44 1.62 12.03 4.54
N ARG A 45 0.97 13.15 4.20
CA ARG A 45 0.83 13.56 2.81
C ARG A 45 0.61 15.06 2.72
N THR A 46 1.70 15.82 2.76
CA THR A 46 1.62 17.27 2.68
C THR A 46 2.73 17.82 1.78
N CYS A 1 10.43 -4.26 3.18
CA CYS A 1 9.07 -3.73 2.86
C CYS A 1 8.94 -3.41 1.38
N VAL A 2 7.79 -2.84 1.00
CA VAL A 2 7.54 -2.48 -0.40
C VAL A 2 7.86 -1.02 -0.66
N ARG A 3 7.96 -0.67 -1.94
CA ARG A 3 8.27 0.69 -2.33
C ARG A 3 7.06 1.59 -2.17
N LEU A 4 7.10 2.75 -2.81
CA LEU A 4 6.01 3.71 -2.72
C LEU A 4 4.76 3.19 -3.42
N HIS A 5 4.96 2.42 -4.48
CA HIS A 5 3.85 1.86 -5.23
C HIS A 5 4.27 0.59 -5.97
N GLU A 6 4.85 -0.35 -5.24
CA GLU A 6 5.28 -1.61 -5.82
C GLU A 6 4.34 -2.74 -5.43
N SER A 7 4.64 -3.96 -5.89
CA SER A 7 3.82 -5.12 -5.58
C SER A 7 4.37 -5.90 -4.40
N CYS A 8 3.48 -6.46 -3.58
CA CYS A 8 3.89 -7.23 -2.41
C CYS A 8 3.61 -8.72 -2.60
N LEU A 9 2.67 -9.03 -3.51
CA LEU A 9 2.28 -10.41 -3.82
C LEU A 9 2.55 -11.37 -2.65
N GLY A 10 1.53 -11.59 -1.83
CA GLY A 10 1.67 -12.48 -0.69
C GLY A 10 1.19 -11.85 0.60
N GLN A 11 1.15 -10.53 0.63
CA GLN A 11 0.70 -9.79 1.81
C GLN A 11 1.73 -9.86 2.94
N GLN A 12 2.85 -10.54 2.70
CA GLN A 12 3.90 -10.67 3.71
C GLN A 12 4.98 -9.62 3.50
N VAL A 13 4.63 -8.52 2.83
CA VAL A 13 5.56 -7.45 2.56
C VAL A 13 4.91 -6.08 2.69
N PRO A 14 4.95 -5.46 3.89
CA PRO A 14 4.35 -4.15 4.12
C PRO A 14 5.07 -3.04 3.38
N CYS A 15 4.36 -1.96 3.10
CA CYS A 15 4.93 -0.82 2.40
C CYS A 15 6.01 -0.12 3.24
N CYS A 16 7.06 0.33 2.57
CA CYS A 16 8.15 1.03 3.25
C CYS A 16 7.73 2.43 3.69
N ASP A 17 6.56 2.87 3.26
CA ASP A 17 6.07 4.20 3.60
C ASP A 17 5.11 4.18 4.79
N PRO A 18 5.31 5.08 5.77
CA PRO A 18 4.46 5.16 6.95
C PRO A 18 2.99 5.34 6.57
N CYS A 19 2.12 4.64 7.28
CA CYS A 19 0.69 4.70 7.01
C CYS A 19 0.37 4.10 5.64
N ALA A 20 1.36 3.45 5.01
CA ALA A 20 1.15 2.83 3.71
C ALA A 20 1.04 1.32 3.85
N THR A 21 -0.02 0.76 3.27
CA THR A 21 -0.24 -0.69 3.34
C THR A 21 -0.58 -1.26 1.97
N CYS A 22 -0.15 -2.48 1.73
CA CYS A 22 -0.41 -3.15 0.46
C CYS A 22 -1.86 -3.57 0.33
N TYR A 23 -2.40 -3.50 -0.88
CA TYR A 23 -3.78 -3.88 -1.14
C TYR A 23 -3.93 -4.46 -2.54
N CYS A 24 -4.84 -5.41 -2.69
CA CYS A 24 -5.08 -6.04 -3.99
C CYS A 24 -6.32 -5.46 -4.66
N ARG A 25 -6.19 -5.13 -5.94
CA ARG A 25 -7.30 -4.58 -6.70
C ARG A 25 -8.34 -5.66 -7.02
N PHE A 26 -7.99 -6.90 -6.76
CA PHE A 26 -8.87 -8.03 -7.01
C PHE A 26 -8.68 -9.09 -5.93
N PHE A 27 -9.00 -10.34 -6.26
CA PHE A 27 -8.85 -11.43 -5.32
C PHE A 27 -7.42 -11.49 -4.81
N ASN A 28 -6.50 -11.88 -5.68
CA ASN A 28 -5.09 -11.98 -5.33
C ASN A 28 -4.21 -11.85 -6.56
N ALA A 29 -4.01 -10.63 -7.03
CA ALA A 29 -3.18 -10.40 -8.21
C ALA A 29 -2.52 -9.01 -8.18
N PHE A 30 -3.33 -7.97 -8.29
CA PHE A 30 -2.82 -6.60 -8.29
C PHE A 30 -2.63 -6.09 -6.86
N CYS A 31 -1.71 -6.72 -6.14
CA CYS A 31 -1.44 -6.33 -4.75
C CYS A 31 -0.21 -5.42 -4.68
N TYR A 32 -0.45 -4.14 -4.42
CA TYR A 32 0.64 -3.17 -4.32
C TYR A 32 0.44 -2.23 -3.13
N CYS A 33 1.48 -1.46 -2.80
CA CYS A 33 1.42 -0.53 -1.69
C CYS A 33 0.35 0.54 -1.91
N ARG A 34 -0.26 0.98 -0.82
CA ARG A 34 -1.30 2.00 -0.87
C ARG A 34 -1.11 3.00 0.27
N LYS A 35 -0.90 4.27 -0.07
CA LYS A 35 -0.72 5.30 0.94
C LYS A 35 -2.04 5.85 1.46
N LEU A 36 -3.13 5.10 1.24
CA LEU A 36 -4.44 5.53 1.68
C LEU A 36 -4.83 6.86 1.07
N GLY A 37 -5.82 6.81 0.17
CA GLY A 37 -6.29 7.99 -0.49
C GLY A 37 -7.22 8.82 0.38
N THR A 38 -6.76 9.18 1.57
CA THR A 38 -7.56 9.97 2.49
C THR A 38 -7.29 11.47 2.28
N ALA A 39 -7.86 12.01 1.21
CA ALA A 39 -7.69 13.42 0.90
C ALA A 39 -8.24 14.32 2.00
N MET A 40 -9.08 13.75 2.86
CA MET A 40 -9.67 14.50 3.96
C MET A 40 -8.73 14.54 5.16
N ASN A 41 -8.09 13.40 5.45
CA ASN A 41 -7.17 13.30 6.56
C ASN A 41 -6.07 12.28 6.28
N PRO A 42 -5.14 12.61 5.36
CA PRO A 42 -4.04 11.71 5.00
C PRO A 42 -2.89 11.77 6.00
N CYS A 43 -2.08 10.72 6.03
CA CYS A 43 -0.95 10.64 6.92
C CYS A 43 0.24 11.39 6.34
N SER A 44 1.30 10.65 6.10
CA SER A 44 2.52 11.21 5.55
C SER A 44 2.43 11.33 4.03
N ARG A 45 1.93 12.48 3.56
CA ARG A 45 1.79 12.72 2.13
C ARG A 45 1.79 14.21 1.83
N THR A 46 2.98 14.79 1.68
CA THR A 46 3.12 16.21 1.38
C THR A 46 4.50 16.51 0.81
N CYS A 1 10.80 -4.29 3.85
CA CYS A 1 9.54 -3.91 3.16
C CYS A 1 9.79 -3.56 1.70
N VAL A 2 8.72 -3.20 1.00
CA VAL A 2 8.81 -2.85 -0.41
C VAL A 2 8.75 -1.34 -0.58
N ARG A 3 9.02 -0.88 -1.80
CA ARG A 3 9.00 0.55 -2.09
C ARG A 3 7.58 1.05 -2.28
N LEU A 4 7.44 2.35 -2.55
CA LEU A 4 6.13 2.95 -2.77
C LEU A 4 5.55 2.52 -4.11
N HIS A 5 6.30 2.73 -5.18
CA HIS A 5 5.84 2.37 -6.51
C HIS A 5 6.17 0.91 -6.83
N GLU A 6 5.86 0.01 -5.90
CA GLU A 6 6.14 -1.40 -6.11
C GLU A 6 5.03 -2.28 -5.53
N SER A 7 5.05 -3.56 -5.89
CA SER A 7 4.05 -4.51 -5.41
C SER A 7 4.66 -5.46 -4.39
N CYS A 8 3.81 -6.26 -3.73
CA CYS A 8 4.29 -7.20 -2.73
C CYS A 8 3.93 -8.64 -3.09
N LEU A 9 3.06 -8.80 -4.10
CA LEU A 9 2.62 -10.14 -4.56
C LEU A 9 2.71 -11.18 -3.44
N GLY A 10 1.67 -11.26 -2.62
CA GLY A 10 1.64 -12.22 -1.53
C GLY A 10 1.22 -11.59 -0.22
N GLN A 11 1.15 -10.25 -0.18
CA GLN A 11 0.75 -9.54 1.03
C GLN A 11 1.74 -9.76 2.17
N GLN A 12 2.93 -10.28 1.84
CA GLN A 12 3.95 -10.53 2.85
C GLN A 12 4.93 -9.36 2.94
N VAL A 13 5.11 -8.66 1.82
CA VAL A 13 6.02 -7.53 1.76
C VAL A 13 5.27 -6.19 1.81
N PRO A 14 5.02 -5.66 3.02
CA PRO A 14 4.31 -4.40 3.19
C PRO A 14 5.12 -3.20 2.68
N CYS A 15 4.43 -2.13 2.35
CA CYS A 15 5.08 -0.92 1.85
C CYS A 15 5.97 -0.28 2.92
N CYS A 16 7.11 0.24 2.49
CA CYS A 16 8.05 0.88 3.41
C CYS A 16 7.52 2.23 3.89
N ASP A 17 6.42 2.70 3.30
CA ASP A 17 5.84 3.99 3.66
C ASP A 17 4.86 3.86 4.83
N PRO A 18 4.92 4.80 5.80
CA PRO A 18 4.02 4.80 6.95
C PRO A 18 2.55 4.81 6.53
N CYS A 19 1.76 3.97 7.18
CA CYS A 19 0.34 3.88 6.87
C CYS A 19 0.12 3.35 5.45
N ALA A 20 1.18 2.82 4.84
CA ALA A 20 1.08 2.28 3.48
C ALA A 20 1.07 0.76 3.51
N THR A 21 -0.11 0.19 3.28
CA THR A 21 -0.27 -1.26 3.27
C THR A 21 -0.48 -1.76 1.85
N CYS A 22 -0.18 -3.04 1.62
CA CYS A 22 -0.35 -3.64 0.30
C CYS A 22 -1.82 -3.86 -0.01
N TYR A 23 -2.36 -3.02 -0.89
CA TYR A 23 -3.77 -3.13 -1.28
C TYR A 23 -3.90 -3.90 -2.58
N CYS A 24 -4.93 -4.74 -2.67
CA CYS A 24 -5.18 -5.54 -3.86
C CYS A 24 -6.38 -5.00 -4.63
N ARG A 25 -6.23 -4.94 -5.95
CA ARG A 25 -7.31 -4.43 -6.81
C ARG A 25 -8.44 -5.45 -6.91
N PHE A 26 -8.19 -6.66 -6.43
CA PHE A 26 -9.17 -7.73 -6.46
C PHE A 26 -9.02 -8.61 -5.22
N PHE A 27 -9.46 -9.86 -5.31
CA PHE A 27 -9.36 -10.79 -4.22
C PHE A 27 -7.90 -10.92 -3.77
N ASN A 28 -7.08 -11.48 -4.64
CA ASN A 28 -5.66 -11.67 -4.35
C ASN A 28 -4.85 -11.74 -5.64
N ALA A 29 -4.50 -10.59 -6.20
CA ALA A 29 -3.72 -10.56 -7.43
C ALA A 29 -2.84 -9.31 -7.51
N PHE A 30 -3.46 -8.17 -7.81
CA PHE A 30 -2.72 -6.92 -7.93
C PHE A 30 -2.55 -6.25 -6.56
N CYS A 31 -1.74 -6.87 -5.72
CA CYS A 31 -1.48 -6.34 -4.38
C CYS A 31 -0.17 -5.55 -4.35
N TYR A 32 -0.29 -4.23 -4.23
CA TYR A 32 0.89 -3.37 -4.18
C TYR A 32 0.74 -2.28 -3.12
N CYS A 33 1.78 -1.47 -2.96
CA CYS A 33 1.78 -0.39 -1.98
C CYS A 33 0.54 0.48 -2.10
N ARG A 34 -0.14 0.68 -0.98
CA ARG A 34 -1.35 1.51 -0.95
C ARG A 34 -1.40 2.32 0.33
N LYS A 35 -1.67 3.62 0.20
CA LYS A 35 -1.74 4.51 1.36
C LYS A 35 -3.11 4.46 2.03
N LEU A 36 -3.72 3.28 2.06
CA LEU A 36 -5.02 3.10 2.68
C LEU A 36 -6.05 4.08 2.12
N GLY A 37 -6.97 3.54 1.32
CA GLY A 37 -8.00 4.36 0.72
C GLY A 37 -9.06 4.79 1.71
N THR A 38 -8.61 5.44 2.80
CA THR A 38 -9.53 5.91 3.84
C THR A 38 -9.95 7.34 3.55
N ALA A 39 -10.88 7.51 2.63
CA ALA A 39 -11.38 8.83 2.26
C ALA A 39 -12.04 9.52 3.45
N MET A 40 -12.38 8.76 4.47
CA MET A 40 -13.01 9.29 5.67
C MET A 40 -11.97 9.85 6.64
N ASN A 41 -10.92 9.07 6.87
CA ASN A 41 -9.84 9.47 7.78
C ASN A 41 -8.50 8.87 7.35
N PRO A 42 -7.90 9.41 6.27
CA PRO A 42 -6.62 8.93 5.77
C PRO A 42 -5.43 9.54 6.49
N CYS A 43 -4.26 8.92 6.36
CA CYS A 43 -3.06 9.38 6.98
C CYS A 43 -2.43 10.51 6.17
N SER A 44 -1.23 10.25 5.70
CA SER A 44 -0.49 11.22 4.91
C SER A 44 -0.93 11.19 3.45
N ARG A 45 -1.24 12.36 2.90
CA ARG A 45 -1.68 12.47 1.52
C ARG A 45 -1.38 13.86 0.97
N THR A 46 -0.11 14.12 0.68
CA THR A 46 0.31 15.41 0.15
C THR A 46 1.54 15.26 -0.74
N CYS A 1 10.89 -3.47 3.15
CA CYS A 1 9.44 -3.44 2.81
C CYS A 1 9.23 -3.09 1.32
N VAL A 2 8.03 -2.64 0.99
CA VAL A 2 7.71 -2.27 -0.39
C VAL A 2 7.92 -0.79 -0.62
N ARG A 3 8.07 -0.40 -1.87
CA ARG A 3 8.29 0.99 -2.22
C ARG A 3 6.99 1.79 -2.19
N LEU A 4 7.02 2.99 -2.74
CA LEU A 4 5.86 3.86 -2.77
C LEU A 4 4.79 3.32 -3.73
N HIS A 5 5.22 2.53 -4.71
CA HIS A 5 4.30 1.95 -5.67
C HIS A 5 4.88 0.68 -6.28
N GLU A 6 4.94 -0.38 -5.48
CA GLU A 6 5.47 -1.66 -5.93
C GLU A 6 4.62 -2.82 -5.39
N SER A 7 4.68 -3.96 -6.06
CA SER A 7 3.92 -5.13 -5.66
C SER A 7 4.54 -5.80 -4.44
N CYS A 8 3.71 -6.49 -3.66
CA CYS A 8 4.18 -7.17 -2.45
C CYS A 8 3.93 -8.69 -2.55
N LEU A 9 3.36 -9.12 -3.67
CA LEU A 9 3.05 -10.53 -3.94
C LEU A 9 3.08 -11.40 -2.68
N GLY A 10 1.90 -11.79 -2.21
CA GLY A 10 1.81 -12.63 -1.03
C GLY A 10 1.27 -11.88 0.18
N GLN A 11 1.29 -10.55 0.11
CA GLN A 11 0.80 -9.71 1.20
C GLN A 11 1.69 -9.82 2.44
N GLN A 12 2.83 -10.51 2.30
CA GLN A 12 3.76 -10.67 3.40
C GLN A 12 4.83 -9.58 3.38
N VAL A 13 4.56 -8.50 2.64
CA VAL A 13 5.51 -7.40 2.52
C VAL A 13 4.78 -6.05 2.51
N PRO A 14 4.53 -5.47 3.69
CA PRO A 14 3.84 -4.18 3.80
C PRO A 14 4.69 -3.04 3.26
N CYS A 15 4.03 -1.93 2.91
CA CYS A 15 4.73 -0.77 2.39
C CYS A 15 5.68 -0.17 3.42
N CYS A 16 6.89 0.15 2.99
CA CYS A 16 7.89 0.75 3.86
C CYS A 16 7.53 2.20 4.21
N ASP A 17 6.48 2.73 3.58
CA ASP A 17 6.06 4.10 3.83
C ASP A 17 5.12 4.19 5.03
N PRO A 18 5.23 5.26 5.83
CA PRO A 18 4.38 5.46 7.00
C PRO A 18 2.90 5.40 6.67
N CYS A 19 2.14 4.65 7.47
CA CYS A 19 0.72 4.51 7.26
C CYS A 19 0.41 3.92 5.88
N ALA A 20 1.42 3.33 5.23
CA ALA A 20 1.23 2.73 3.92
C ALA A 20 1.11 1.21 4.03
N THR A 21 0.11 0.65 3.35
CA THR A 21 -0.12 -0.79 3.38
C THR A 21 -0.39 -1.32 1.96
N CYS A 22 0.15 -2.50 1.68
CA CYS A 22 -0.04 -3.12 0.37
C CYS A 22 -1.46 -3.65 0.22
N TYR A 23 -2.19 -3.11 -0.76
CA TYR A 23 -3.56 -3.53 -1.01
C TYR A 23 -3.68 -4.19 -2.38
N CYS A 24 -4.70 -5.04 -2.53
CA CYS A 24 -4.93 -5.75 -3.78
C CYS A 24 -6.16 -5.21 -4.50
N ARG A 25 -6.03 -4.93 -5.78
CA ARG A 25 -7.15 -4.41 -6.58
C ARG A 25 -8.18 -5.50 -6.85
N PHE A 26 -7.82 -6.74 -6.57
CA PHE A 26 -8.70 -7.88 -6.77
C PHE A 26 -8.45 -8.92 -5.69
N PHE A 27 -8.80 -10.17 -5.99
CA PHE A 27 -8.60 -11.26 -5.06
C PHE A 27 -7.14 -11.36 -4.65
N ASN A 28 -6.30 -11.72 -5.62
CA ASN A 28 -4.87 -11.86 -5.38
C ASN A 28 -4.09 -11.67 -6.68
N ALA A 29 -3.89 -10.41 -7.08
CA ALA A 29 -3.17 -10.12 -8.31
C ALA A 29 -2.47 -8.75 -8.24
N PHE A 30 -3.27 -7.70 -8.28
CA PHE A 30 -2.74 -6.34 -8.22
C PHE A 30 -2.51 -5.90 -6.79
N CYS A 31 -1.59 -6.58 -6.10
CA CYS A 31 -1.27 -6.27 -4.72
C CYS A 31 -0.01 -5.40 -4.64
N TYR A 32 -0.21 -4.10 -4.38
CA TYR A 32 0.92 -3.18 -4.27
C TYR A 32 0.73 -2.21 -3.11
N CYS A 33 1.80 -1.49 -2.77
CA CYS A 33 1.77 -0.52 -1.67
C CYS A 33 0.67 0.52 -1.87
N ARG A 34 -0.01 0.85 -0.78
CA ARG A 34 -1.07 1.85 -0.81
C ARG A 34 -0.99 2.75 0.41
N LYS A 35 -0.71 4.03 0.19
CA LYS A 35 -0.59 4.99 1.29
C LYS A 35 -1.96 5.55 1.69
N LEU A 36 -2.99 4.72 1.63
CA LEU A 36 -4.33 5.13 2.00
C LEU A 36 -4.78 6.33 1.18
N GLY A 37 -5.72 6.09 0.29
CA GLY A 37 -6.23 7.14 -0.57
C GLY A 37 -7.13 8.12 0.20
N THR A 38 -6.61 8.68 1.28
CA THR A 38 -7.37 9.63 2.09
C THR A 38 -7.14 11.05 1.60
N ALA A 39 -7.77 11.40 0.48
CA ALA A 39 -7.63 12.73 -0.09
C ALA A 39 -8.13 13.81 0.85
N MET A 40 -8.91 13.41 1.86
CA MET A 40 -9.44 14.34 2.83
C MET A 40 -8.43 14.60 3.95
N ASN A 41 -7.76 13.55 4.39
CA ASN A 41 -6.77 13.66 5.45
C ASN A 41 -5.68 12.60 5.31
N PRO A 42 -4.79 12.76 4.30
CA PRO A 42 -3.71 11.82 4.05
C PRO A 42 -2.53 12.02 5.01
N CYS A 43 -1.59 11.09 5.00
CA CYS A 43 -0.43 11.15 5.84
C CYS A 43 0.64 12.05 5.22
N SER A 44 1.78 11.45 4.95
CA SER A 44 2.89 12.16 4.37
C SER A 44 2.75 12.24 2.85
N ARG A 45 2.56 13.46 2.35
CA ARG A 45 2.41 13.68 0.91
C ARG A 45 2.81 15.09 0.52
N THR A 46 4.12 15.33 0.43
CA THR A 46 4.64 16.64 0.08
C THR A 46 6.09 16.55 -0.38
N CYS A 1 10.80 -3.76 2.88
CA CYS A 1 9.35 -3.66 2.56
C CYS A 1 9.13 -3.25 1.11
N VAL A 2 7.93 -2.75 0.82
CA VAL A 2 7.60 -2.32 -0.54
C VAL A 2 7.85 -0.83 -0.70
N ARG A 3 7.94 -0.40 -1.95
CA ARG A 3 8.20 1.00 -2.25
C ARG A 3 6.91 1.82 -2.13
N LEU A 4 6.96 3.06 -2.63
CA LEU A 4 5.81 3.94 -2.58
C LEU A 4 4.69 3.45 -3.50
N HIS A 5 5.06 2.74 -4.56
CA HIS A 5 4.10 2.22 -5.51
C HIS A 5 4.65 1.01 -6.24
N GLU A 6 4.75 -0.11 -5.51
CA GLU A 6 5.26 -1.35 -6.09
C GLU A 6 4.45 -2.54 -5.61
N SER A 7 4.60 -3.67 -6.31
CA SER A 7 3.87 -4.89 -5.94
C SER A 7 4.56 -5.60 -4.79
N CYS A 8 3.77 -6.29 -3.97
CA CYS A 8 4.29 -7.02 -2.83
C CYS A 8 4.22 -8.53 -3.04
N LEU A 9 3.30 -8.95 -3.91
CA LEU A 9 3.11 -10.37 -4.23
C LEU A 9 3.63 -11.29 -3.12
N GLY A 10 2.82 -11.47 -2.09
CA GLY A 10 3.22 -12.32 -0.98
C GLY A 10 2.35 -12.13 0.25
N GLN A 11 1.75 -10.95 0.37
CA GLN A 11 0.89 -10.62 1.51
C GLN A 11 1.71 -10.29 2.77
N GLN A 12 2.80 -11.01 2.98
CA GLN A 12 3.64 -10.77 4.14
C GLN A 12 4.72 -9.72 3.84
N VAL A 13 4.37 -8.73 3.03
CA VAL A 13 5.30 -7.67 2.67
C VAL A 13 4.60 -6.32 2.60
N PRO A 14 4.40 -5.66 3.75
CA PRO A 14 3.73 -4.36 3.82
C PRO A 14 4.61 -3.23 3.27
N CYS A 15 3.97 -2.11 2.94
CA CYS A 15 4.69 -0.96 2.40
C CYS A 15 5.67 -0.39 3.42
N CYS A 16 6.87 -0.05 2.96
CA CYS A 16 7.89 0.51 3.82
C CYS A 16 7.57 1.97 4.20
N ASP A 17 6.50 2.51 3.64
CA ASP A 17 6.10 3.89 3.92
C ASP A 17 5.13 3.97 5.10
N PRO A 18 5.26 5.02 5.93
CA PRO A 18 4.38 5.22 7.09
C PRO A 18 2.91 5.25 6.69
N CYS A 19 2.09 4.50 7.41
CA CYS A 19 0.66 4.45 7.12
C CYS A 19 0.41 3.86 5.73
N ALA A 20 1.42 3.20 5.16
CA ALA A 20 1.28 2.61 3.84
C ALA A 20 1.18 1.09 3.94
N THR A 21 0.18 0.53 3.26
CA THR A 21 -0.04 -0.90 3.27
C THR A 21 -0.36 -1.42 1.87
N CYS A 22 0.12 -2.62 1.56
CA CYS A 22 -0.12 -3.22 0.25
C CYS A 22 -1.57 -3.67 0.11
N TYR A 23 -2.20 -3.24 -0.97
CA TYR A 23 -3.60 -3.61 -1.23
C TYR A 23 -3.75 -4.18 -2.64
N CYS A 24 -4.68 -5.12 -2.79
CA CYS A 24 -4.93 -5.75 -4.08
C CYS A 24 -6.15 -5.15 -4.76
N ARG A 25 -6.07 -4.96 -6.07
CA ARG A 25 -7.18 -4.39 -6.84
C ARG A 25 -8.32 -5.39 -6.97
N PHE A 26 -8.05 -6.63 -6.59
CA PHE A 26 -9.06 -7.68 -6.66
C PHE A 26 -8.87 -8.65 -5.49
N PHE A 27 -9.32 -9.89 -5.66
CA PHE A 27 -9.19 -10.89 -4.63
C PHE A 27 -7.73 -11.05 -4.21
N ASN A 28 -6.92 -11.54 -5.14
CA ASN A 28 -5.49 -11.73 -4.88
C ASN A 28 -4.71 -11.74 -6.18
N ALA A 29 -4.35 -10.56 -6.67
CA ALA A 29 -3.60 -10.46 -7.91
C ALA A 29 -2.69 -9.22 -7.93
N PHE A 30 -3.27 -8.07 -8.27
CA PHE A 30 -2.50 -6.83 -8.33
C PHE A 30 -2.41 -6.17 -6.96
N CYS A 31 -1.49 -6.66 -6.14
CA CYS A 31 -1.30 -6.12 -4.79
C CYS A 31 -0.07 -5.22 -4.74
N TYR A 32 -0.29 -3.94 -4.49
CA TYR A 32 0.81 -2.97 -4.41
C TYR A 32 0.62 -2.03 -3.22
N CYS A 33 1.70 -1.34 -2.85
CA CYS A 33 1.67 -0.42 -1.72
C CYS A 33 0.56 0.64 -1.89
N ARG A 34 -0.09 0.96 -0.77
CA ARG A 34 -1.16 1.95 -0.77
C ARG A 34 -1.06 2.84 0.47
N LYS A 35 -0.96 4.15 0.25
CA LYS A 35 -0.84 5.10 1.35
C LYS A 35 -2.21 5.48 1.92
N LEU A 36 -3.20 4.60 1.76
CA LEU A 36 -4.54 4.86 2.27
C LEU A 36 -5.11 6.15 1.69
N GLY A 37 -6.07 6.00 0.79
CA GLY A 37 -6.70 7.16 0.18
C GLY A 37 -7.69 7.85 1.11
N THR A 38 -7.22 8.24 2.28
CA THR A 38 -8.07 8.92 3.26
C THR A 38 -8.00 10.43 3.07
N ALA A 39 -8.67 10.92 2.04
CA ALA A 39 -8.69 12.35 1.76
C ALA A 39 -9.31 13.13 2.91
N MET A 40 -10.03 12.45 3.77
CA MET A 40 -10.67 13.09 4.92
C MET A 40 -9.70 13.21 6.09
N ASN A 41 -8.89 12.18 6.29
CA ASN A 41 -7.91 12.18 7.37
C ASN A 41 -6.68 11.34 7.01
N PRO A 42 -5.83 11.84 6.08
CA PRO A 42 -4.63 11.13 5.65
C PRO A 42 -3.51 11.21 6.68
N CYS A 43 -2.60 10.24 6.64
CA CYS A 43 -1.49 10.18 7.55
C CYS A 43 -0.35 11.09 7.09
N SER A 44 0.78 10.47 6.81
CA SER A 44 1.95 11.19 6.36
C SER A 44 1.88 11.47 4.86
N ARG A 45 1.79 12.75 4.51
CA ARG A 45 1.71 13.14 3.11
C ARG A 45 2.22 14.58 2.93
N THR A 46 3.34 14.89 3.58
CA THR A 46 3.93 16.22 3.48
C THR A 46 5.45 16.15 3.57
N CYS A 1 10.60 -4.16 2.69
CA CYS A 1 9.14 -3.91 2.49
C CYS A 1 8.82 -3.60 1.04
N VAL A 2 7.66 -2.99 0.80
CA VAL A 2 7.25 -2.63 -0.54
C VAL A 2 7.61 -1.20 -0.85
N ARG A 3 7.58 -0.84 -2.13
CA ARG A 3 7.93 0.50 -2.55
C ARG A 3 6.78 1.48 -2.29
N LEU A 4 6.85 2.65 -2.89
CA LEU A 4 5.83 3.67 -2.73
C LEU A 4 4.52 3.24 -3.40
N HIS A 5 4.63 2.65 -4.58
CA HIS A 5 3.47 2.19 -5.31
C HIS A 5 3.83 1.07 -6.26
N GLU A 6 4.23 -0.07 -5.70
CA GLU A 6 4.61 -1.24 -6.50
C GLU A 6 4.07 -2.51 -5.88
N SER A 7 4.16 -3.61 -6.62
CA SER A 7 3.68 -4.91 -6.14
C SER A 7 4.44 -5.33 -4.88
N CYS A 8 3.74 -5.99 -3.97
CA CYS A 8 4.36 -6.45 -2.72
C CYS A 8 4.51 -7.96 -2.72
N LEU A 9 3.68 -8.64 -3.52
CA LEU A 9 3.71 -10.11 -3.63
C LEU A 9 4.32 -10.78 -2.39
N GLY A 10 3.46 -11.17 -1.47
CA GLY A 10 3.92 -11.82 -0.25
C GLY A 10 2.87 -11.83 0.85
N GLN A 11 1.94 -10.89 0.79
CA GLN A 11 0.87 -10.80 1.79
C GLN A 11 1.40 -10.23 3.11
N GLN A 12 2.43 -10.86 3.66
CA GLN A 12 3.02 -10.41 4.92
C GLN A 12 4.08 -9.34 4.69
N VAL A 13 4.17 -8.81 3.48
CA VAL A 13 5.14 -7.77 3.16
C VAL A 13 4.47 -6.41 3.06
N PRO A 14 4.33 -5.70 4.20
CA PRO A 14 3.71 -4.38 4.22
C PRO A 14 4.57 -3.31 3.55
N CYS A 15 3.96 -2.20 3.18
CA CYS A 15 4.69 -1.11 2.53
C CYS A 15 5.75 -0.52 3.45
N CYS A 16 6.90 -0.20 2.88
CA CYS A 16 8.00 0.37 3.63
C CYS A 16 7.71 1.83 4.03
N ASP A 17 6.60 2.37 3.54
CA ASP A 17 6.24 3.75 3.86
C ASP A 17 5.27 3.83 5.03
N PRO A 18 5.47 4.79 5.95
CA PRO A 18 4.61 4.98 7.11
C PRO A 18 3.14 5.12 6.72
N CYS A 19 2.26 4.43 7.44
CA CYS A 19 0.83 4.47 7.15
C CYS A 19 0.52 3.89 5.77
N ALA A 20 1.50 3.21 5.17
CA ALA A 20 1.30 2.60 3.86
C ALA A 20 1.15 1.09 3.96
N THR A 21 0.15 0.55 3.26
CA THR A 21 -0.10 -0.89 3.29
C THR A 21 -0.39 -1.41 1.89
N CYS A 22 0.02 -2.65 1.63
CA CYS A 22 -0.20 -3.26 0.32
C CYS A 22 -1.67 -3.56 0.09
N TYR A 23 -2.27 -2.92 -0.91
CA TYR A 23 -3.67 -3.12 -1.24
C TYR A 23 -3.80 -3.89 -2.55
N CYS A 24 -4.84 -4.72 -2.63
CA CYS A 24 -5.09 -5.52 -3.83
C CYS A 24 -6.31 -5.00 -4.57
N ARG A 25 -6.16 -4.72 -5.86
CA ARG A 25 -7.25 -4.22 -6.67
C ARG A 25 -8.27 -5.32 -6.97
N PHE A 26 -7.89 -6.56 -6.69
CA PHE A 26 -8.76 -7.70 -6.92
C PHE A 26 -8.51 -8.77 -5.86
N PHE A 27 -8.87 -10.00 -6.16
CA PHE A 27 -8.68 -11.10 -5.24
C PHE A 27 -7.21 -11.22 -4.85
N ASN A 28 -6.38 -11.57 -5.83
CA ASN A 28 -4.95 -11.71 -5.60
C ASN A 28 -4.17 -11.50 -6.89
N ALA A 29 -3.99 -10.23 -7.27
CA ALA A 29 -3.26 -9.91 -8.49
C ALA A 29 -2.60 -8.54 -8.40
N PHE A 30 -3.42 -7.49 -8.40
CA PHE A 30 -2.90 -6.12 -8.32
C PHE A 30 -2.65 -5.72 -6.87
N CYS A 31 -1.74 -6.43 -6.22
CA CYS A 31 -1.42 -6.15 -4.82
C CYS A 31 -0.15 -5.31 -4.72
N TYR A 32 -0.32 -4.01 -4.50
CA TYR A 32 0.81 -3.09 -4.39
C TYR A 32 0.62 -2.13 -3.22
N CYS A 33 1.71 -1.47 -2.81
CA CYS A 33 1.65 -0.53 -1.70
C CYS A 33 0.57 0.53 -1.93
N ARG A 34 -0.06 0.95 -0.84
CA ARG A 34 -1.11 1.96 -0.90
C ARG A 34 -0.98 2.93 0.26
N LYS A 35 -0.78 4.21 -0.05
CA LYS A 35 -0.62 5.24 0.98
C LYS A 35 -1.98 5.76 1.47
N LEU A 36 -3.05 5.06 1.11
CA LEU A 36 -4.39 5.46 1.52
C LEU A 36 -4.73 6.84 0.98
N GLY A 37 -5.68 6.86 0.06
CA GLY A 37 -6.11 8.11 -0.54
C GLY A 37 -7.03 8.90 0.38
N THR A 38 -6.58 9.16 1.61
CA THR A 38 -7.37 9.92 2.56
C THR A 38 -7.05 11.41 2.47
N ALA A 39 -7.59 12.05 1.44
CA ALA A 39 -7.37 13.48 1.22
C ALA A 39 -7.88 14.31 2.39
N MET A 40 -8.72 13.71 3.23
CA MET A 40 -9.26 14.41 4.38
C MET A 40 -8.29 14.35 5.57
N ASN A 41 -7.61 13.22 5.71
CA ASN A 41 -6.65 13.04 6.79
C ASN A 41 -5.53 12.09 6.36
N PRO A 42 -4.69 12.51 5.40
CA PRO A 42 -3.58 11.70 4.91
C PRO A 42 -2.41 11.66 5.88
N CYS A 43 -1.69 10.54 5.91
CA CYS A 43 -0.55 10.37 6.77
C CYS A 43 0.68 10.98 6.15
N SER A 44 1.66 10.14 5.88
CA SER A 44 2.91 10.58 5.30
C SER A 44 2.78 10.74 3.78
N ARG A 45 2.32 11.92 3.36
CA ARG A 45 2.15 12.20 1.93
C ARG A 45 2.23 13.70 1.66
N THR A 46 3.10 14.39 2.39
CA THR A 46 3.26 15.83 2.22
C THR A 46 4.08 16.14 0.98
N CYS A 1 11.12 -3.27 2.97
CA CYS A 1 9.68 -3.33 2.64
C CYS A 1 9.43 -2.99 1.17
N VAL A 2 8.19 -2.60 0.85
CA VAL A 2 7.84 -2.25 -0.51
C VAL A 2 7.97 -0.75 -0.73
N ARG A 3 8.02 -0.35 -2.00
CA ARG A 3 8.17 1.04 -2.34
C ARG A 3 6.84 1.80 -2.20
N LEU A 4 6.79 2.99 -2.79
CA LEU A 4 5.59 3.82 -2.72
C LEU A 4 4.45 3.20 -3.53
N HIS A 5 4.81 2.46 -4.57
CA HIS A 5 3.81 1.82 -5.41
C HIS A 5 4.39 0.62 -6.14
N GLU A 6 4.57 -0.47 -5.42
CA GLU A 6 5.13 -1.70 -5.99
C GLU A 6 4.38 -2.92 -5.46
N SER A 7 4.52 -4.05 -6.15
CA SER A 7 3.86 -5.28 -5.74
C SER A 7 4.59 -5.92 -4.56
N CYS A 8 3.82 -6.55 -3.68
CA CYS A 8 4.39 -7.21 -2.50
C CYS A 8 4.24 -8.73 -2.59
N LEU A 9 3.71 -9.22 -3.71
CA LEU A 9 3.50 -10.65 -3.96
C LEU A 9 3.58 -11.50 -2.69
N GLY A 10 2.43 -11.93 -2.19
CA GLY A 10 2.39 -12.73 -0.98
C GLY A 10 1.76 -12.01 0.20
N GLN A 11 1.67 -10.69 0.10
CA GLN A 11 1.09 -9.88 1.17
C GLN A 11 1.93 -9.94 2.44
N GLN A 12 3.14 -10.47 2.33
CA GLN A 12 4.04 -10.57 3.47
C GLN A 12 4.98 -9.37 3.54
N VAL A 13 5.15 -8.68 2.41
CA VAL A 13 6.01 -7.52 2.34
C VAL A 13 5.20 -6.22 2.39
N PRO A 14 4.96 -5.67 3.58
CA PRO A 14 4.21 -4.43 3.74
C PRO A 14 4.95 -3.23 3.18
N CYS A 15 4.22 -2.17 2.87
CA CYS A 15 4.81 -0.96 2.33
C CYS A 15 5.73 -0.29 3.34
N CYS A 16 6.91 0.12 2.88
CA CYS A 16 7.89 0.79 3.73
C CYS A 16 7.47 2.22 4.08
N ASP A 17 6.33 2.65 3.56
CA ASP A 17 5.85 4.01 3.81
C ASP A 17 4.83 4.05 4.96
N PRO A 18 4.90 5.08 5.81
CA PRO A 18 3.98 5.24 6.94
C PRO A 18 2.53 5.24 6.49
N CYS A 19 1.69 4.50 7.20
CA CYS A 19 0.27 4.40 6.86
C CYS A 19 0.09 3.75 5.49
N ALA A 20 1.15 3.12 4.97
CA ALA A 20 1.09 2.47 3.67
C ALA A 20 1.00 0.95 3.83
N THR A 21 -0.02 0.35 3.23
CA THR A 21 -0.23 -1.09 3.31
C THR A 21 -0.48 -1.67 1.93
N CYS A 22 -0.05 -2.91 1.72
CA CYS A 22 -0.23 -3.58 0.44
C CYS A 22 -1.69 -3.94 0.21
N TYR A 23 -2.28 -3.34 -0.82
CA TYR A 23 -3.68 -3.59 -1.16
C TYR A 23 -3.78 -4.25 -2.54
N CYS A 24 -4.79 -5.10 -2.70
CA CYS A 24 -4.99 -5.80 -3.96
C CYS A 24 -6.20 -5.24 -4.70
N ARG A 25 -6.04 -4.98 -6.00
CA ARG A 25 -7.12 -4.44 -6.81
C ARG A 25 -8.19 -5.49 -7.09
N PHE A 26 -7.88 -6.74 -6.74
CA PHE A 26 -8.81 -7.83 -6.95
C PHE A 26 -8.66 -8.86 -5.82
N PHE A 27 -9.05 -10.09 -6.08
CA PHE A 27 -8.95 -11.15 -5.10
C PHE A 27 -7.51 -11.28 -4.62
N ASN A 28 -6.63 -11.72 -5.52
CA ASN A 28 -5.22 -11.90 -5.20
C ASN A 28 -4.37 -11.81 -6.46
N ALA A 29 -4.08 -10.59 -6.90
CA ALA A 29 -3.27 -10.39 -8.11
C ALA A 29 -2.50 -9.07 -8.05
N PHE A 30 -3.21 -7.97 -8.23
CA PHE A 30 -2.57 -6.65 -8.21
C PHE A 30 -2.42 -6.14 -6.78
N CYS A 31 -1.55 -6.81 -6.01
CA CYS A 31 -1.31 -6.41 -4.63
C CYS A 31 -0.05 -5.56 -4.52
N TYR A 32 -0.23 -4.26 -4.32
CA TYR A 32 0.90 -3.34 -4.20
C TYR A 32 0.69 -2.37 -3.05
N CYS A 33 1.73 -1.60 -2.75
CA CYS A 33 1.68 -0.63 -1.66
C CYS A 33 0.55 0.38 -1.88
N ARG A 34 -0.14 0.72 -0.80
CA ARG A 34 -1.23 1.69 -0.86
C ARG A 34 -1.22 2.57 0.39
N LYS A 35 -1.06 3.88 0.18
CA LYS A 35 -1.04 4.82 1.29
C LYS A 35 -2.44 5.27 1.70
N LEU A 36 -3.44 4.44 1.40
CA LEU A 36 -4.82 4.76 1.74
C LEU A 36 -5.26 6.07 1.10
N GLY A 37 -6.14 5.95 0.13
CA GLY A 37 -6.63 7.13 -0.56
C GLY A 37 -7.74 7.84 0.20
N THR A 38 -7.46 8.20 1.46
CA THR A 38 -8.43 8.88 2.28
C THR A 38 -8.26 10.40 2.16
N ALA A 39 -8.75 10.95 1.06
CA ALA A 39 -8.65 12.39 0.81
C ALA A 39 -9.34 13.21 1.90
N MET A 40 -10.17 12.56 2.71
CA MET A 40 -10.87 13.23 3.78
C MET A 40 -10.01 13.35 5.02
N ASN A 41 -9.23 12.31 5.31
CA ASN A 41 -8.34 12.30 6.47
C ASN A 41 -7.12 11.40 6.23
N PRO A 42 -6.21 11.82 5.34
CA PRO A 42 -5.00 11.05 5.04
C PRO A 42 -3.97 11.12 6.17
N CYS A 43 -3.05 10.16 6.18
CA CYS A 43 -2.02 10.10 7.20
C CYS A 43 -0.88 11.04 6.85
N SER A 44 0.29 10.47 6.65
CA SER A 44 1.48 11.24 6.32
C SER A 44 1.50 11.60 4.84
N ARG A 45 0.82 12.69 4.49
CA ARG A 45 0.77 13.16 3.12
C ARG A 45 0.49 14.65 3.06
N THR A 46 1.54 15.44 2.81
CA THR A 46 1.41 16.89 2.74
C THR A 46 2.55 17.48 1.91
N CYS A 1 10.91 -3.37 3.19
CA CYS A 1 9.45 -3.32 2.86
C CYS A 1 9.24 -3.05 1.38
N VAL A 2 8.03 -2.60 1.03
CA VAL A 2 7.69 -2.31 -0.36
C VAL A 2 7.93 -0.84 -0.67
N ARG A 3 8.01 -0.51 -1.95
CA ARG A 3 8.25 0.86 -2.36
C ARG A 3 6.98 1.69 -2.26
N LEU A 4 6.99 2.87 -2.89
CA LEU A 4 5.85 3.76 -2.87
C LEU A 4 4.68 3.19 -3.64
N HIS A 5 4.98 2.48 -4.72
CA HIS A 5 3.97 1.87 -5.55
C HIS A 5 4.52 0.67 -6.30
N GLU A 6 4.69 -0.44 -5.58
CA GLU A 6 5.21 -1.66 -6.17
C GLU A 6 4.45 -2.88 -5.64
N SER A 7 4.61 -4.02 -6.31
CA SER A 7 3.94 -5.24 -5.91
C SER A 7 4.61 -5.86 -4.68
N CYS A 8 3.82 -6.47 -3.82
CA CYS A 8 4.35 -7.10 -2.61
C CYS A 8 4.29 -8.62 -2.72
N LEU A 9 3.39 -9.12 -3.56
CA LEU A 9 3.20 -10.55 -3.79
C LEU A 9 3.69 -11.40 -2.62
N GLY A 10 2.77 -11.75 -1.72
CA GLY A 10 3.13 -12.55 -0.57
C GLY A 10 2.32 -12.20 0.66
N GLN A 11 1.86 -10.94 0.72
CA GLN A 11 1.07 -10.46 1.85
C GLN A 11 1.92 -10.18 3.09
N GLN A 12 3.09 -10.82 3.19
CA GLN A 12 3.97 -10.62 4.32
C GLN A 12 5.02 -9.55 4.03
N VAL A 13 4.64 -8.57 3.21
CA VAL A 13 5.55 -7.49 2.84
C VAL A 13 4.81 -6.15 2.79
N PRO A 14 4.64 -5.51 3.96
CA PRO A 14 3.95 -4.22 4.04
C PRO A 14 4.76 -3.08 3.43
N CYS A 15 4.07 -2.01 3.05
CA CYS A 15 4.73 -0.86 2.45
C CYS A 15 5.67 -0.17 3.43
N CYS A 16 6.85 0.21 2.95
CA CYS A 16 7.84 0.88 3.79
C CYS A 16 7.41 2.33 4.10
N ASP A 17 6.32 2.78 3.48
CA ASP A 17 5.84 4.14 3.70
C ASP A 17 4.82 4.21 4.84
N PRO A 18 4.88 5.27 5.66
CA PRO A 18 3.95 5.46 6.78
C PRO A 18 2.50 5.44 6.32
N CYS A 19 1.67 4.69 7.05
CA CYS A 19 0.26 4.57 6.71
C CYS A 19 0.07 3.92 5.34
N ALA A 20 1.13 3.30 4.82
CA ALA A 20 1.07 2.64 3.52
C ALA A 20 1.03 1.12 3.69
N THR A 21 0.09 0.48 2.99
CA THR A 21 -0.05 -0.96 3.07
C THR A 21 -0.35 -1.56 1.70
N CYS A 22 0.09 -2.79 1.48
CA CYS A 22 -0.14 -3.46 0.20
C CYS A 22 -1.60 -3.86 0.05
N TYR A 23 -2.15 -3.58 -1.13
CA TYR A 23 -3.55 -3.90 -1.41
C TYR A 23 -3.69 -4.43 -2.83
N CYS A 24 -4.65 -5.34 -3.02
CA CYS A 24 -4.89 -5.92 -4.34
C CYS A 24 -6.09 -5.27 -5.02
N ARG A 25 -5.93 -4.96 -6.30
CA ARG A 25 -7.01 -4.33 -7.07
C ARG A 25 -8.14 -5.32 -7.35
N PHE A 26 -7.88 -6.59 -7.08
CA PHE A 26 -8.85 -7.64 -7.29
C PHE A 26 -8.71 -8.71 -6.23
N PHE A 27 -9.13 -9.93 -6.54
CA PHE A 27 -9.03 -11.03 -5.61
C PHE A 27 -7.59 -11.22 -5.15
N ASN A 28 -6.72 -11.63 -6.08
CA ASN A 28 -5.32 -11.84 -5.78
C ASN A 28 -4.47 -11.71 -7.04
N ALA A 29 -4.13 -10.48 -7.41
CA ALA A 29 -3.34 -10.24 -8.61
C ALA A 29 -2.51 -8.96 -8.49
N PHE A 30 -3.18 -7.82 -8.65
CA PHE A 30 -2.49 -6.53 -8.57
C PHE A 30 -2.35 -6.07 -7.12
N CYS A 31 -1.49 -6.75 -6.37
CA CYS A 31 -1.26 -6.40 -4.97
C CYS A 31 -0.01 -5.55 -4.82
N TYR A 32 -0.21 -4.25 -4.62
CA TYR A 32 0.92 -3.32 -4.47
C TYR A 32 0.66 -2.35 -3.31
N CYS A 33 1.72 -1.66 -2.89
CA CYS A 33 1.62 -0.69 -1.80
C CYS A 33 0.54 0.35 -2.08
N ARG A 34 -0.11 0.81 -1.02
CA ARG A 34 -1.16 1.82 -1.13
C ARG A 34 -1.02 2.85 -0.03
N LYS A 35 -1.02 4.13 -0.41
CA LYS A 35 -0.89 5.22 0.56
C LYS A 35 -2.24 5.59 1.18
N LEU A 36 -3.26 4.75 0.94
CA LEU A 36 -4.59 5.00 1.48
C LEU A 36 -5.15 6.32 0.97
N GLY A 37 -6.16 6.22 0.13
CA GLY A 37 -6.78 7.40 -0.42
C GLY A 37 -7.90 7.94 0.46
N THR A 38 -7.57 8.20 1.72
CA THR A 38 -8.53 8.73 2.67
C THR A 38 -8.55 10.25 2.63
N ALA A 39 -9.15 10.81 1.59
CA ALA A 39 -9.23 12.26 1.44
C ALA A 39 -10.03 12.89 2.58
N MET A 40 -10.82 12.07 3.27
CA MET A 40 -11.63 12.55 4.38
C MET A 40 -10.82 12.57 5.67
N ASN A 41 -10.01 11.54 5.88
CA ASN A 41 -9.18 11.45 7.07
C ASN A 41 -7.90 10.68 6.78
N PRO A 42 -6.96 11.30 6.03
CA PRO A 42 -5.68 10.68 5.68
C PRO A 42 -4.66 10.81 6.80
N CYS A 43 -3.59 10.02 6.71
CA CYS A 43 -2.54 10.04 7.70
C CYS A 43 -1.57 11.17 7.43
N SER A 44 -0.33 10.80 7.16
CA SER A 44 0.72 11.76 6.88
C SER A 44 0.67 12.22 5.43
N ARG A 45 0.54 13.52 5.23
CA ARG A 45 0.48 14.09 3.89
C ARG A 45 0.94 15.55 3.90
N THR A 46 2.24 15.74 3.86
CA THR A 46 2.82 17.09 3.86
C THR A 46 4.10 17.14 3.03
N CYS A 1 10.91 -3.57 3.24
CA CYS A 1 9.49 -3.53 2.82
C CYS A 1 9.37 -3.15 1.34
N VAL A 2 8.19 -2.70 0.94
CA VAL A 2 7.95 -2.30 -0.45
C VAL A 2 8.16 -0.81 -0.63
N ARG A 3 8.32 -0.39 -1.87
CA ARG A 3 8.55 1.01 -2.18
C ARG A 3 7.25 1.79 -2.13
N LEU A 4 7.25 2.99 -2.71
CA LEU A 4 6.08 3.84 -2.71
C LEU A 4 4.96 3.23 -3.54
N HIS A 5 5.33 2.50 -4.58
CA HIS A 5 4.36 1.86 -5.45
C HIS A 5 4.96 0.64 -6.15
N GLU A 6 4.99 -0.47 -5.43
CA GLU A 6 5.53 -1.72 -5.97
C GLU A 6 4.66 -2.90 -5.55
N SER A 7 4.94 -4.07 -6.13
CA SER A 7 4.18 -5.27 -5.82
C SER A 7 4.78 -6.02 -4.62
N CYS A 8 3.91 -6.69 -3.87
CA CYS A 8 4.34 -7.44 -2.69
C CYS A 8 4.02 -8.92 -2.83
N LEU A 9 3.36 -9.28 -3.93
CA LEU A 9 2.96 -10.66 -4.23
C LEU A 9 2.83 -11.53 -2.96
N GLY A 10 1.60 -11.66 -2.47
CA GLY A 10 1.36 -12.45 -1.28
C GLY A 10 0.92 -11.62 -0.10
N GLN A 11 0.94 -10.30 -0.25
CA GLN A 11 0.55 -9.38 0.81
C GLN A 11 1.39 -9.58 2.07
N GLN A 12 2.55 -10.23 1.91
CA GLN A 12 3.44 -10.48 3.03
C GLN A 12 4.44 -9.32 3.19
N VAL A 13 4.68 -8.61 2.10
CA VAL A 13 5.61 -7.48 2.11
C VAL A 13 4.87 -6.14 2.16
N PRO A 14 4.63 -5.60 3.37
CA PRO A 14 3.93 -4.33 3.54
C PRO A 14 4.76 -3.15 3.03
N CYS A 15 4.09 -2.05 2.73
CA CYS A 15 4.77 -0.86 2.24
C CYS A 15 5.68 -0.26 3.31
N CYS A 16 6.91 0.06 2.90
CA CYS A 16 7.88 0.66 3.81
C CYS A 16 7.52 2.11 4.13
N ASP A 17 6.48 2.63 3.50
CA ASP A 17 6.06 4.02 3.72
C ASP A 17 5.04 4.13 4.85
N PRO A 18 5.14 5.19 5.68
CA PRO A 18 4.21 5.41 6.79
C PRO A 18 2.77 5.46 6.32
N CYS A 19 1.89 4.75 7.03
CA CYS A 19 0.47 4.71 6.68
C CYS A 19 0.28 4.06 5.32
N ALA A 20 1.31 3.38 4.81
CA ALA A 20 1.22 2.72 3.52
C ALA A 20 1.15 1.20 3.69
N THR A 21 0.17 0.58 3.03
CA THR A 21 -0.01 -0.86 3.11
C THR A 21 -0.28 -1.44 1.73
N CYS A 22 0.27 -2.64 1.48
CA CYS A 22 0.08 -3.30 0.20
C CYS A 22 -1.33 -3.88 0.08
N TYR A 23 -2.02 -3.51 -0.98
CA TYR A 23 -3.38 -3.99 -1.21
C TYR A 23 -3.53 -4.51 -2.65
N CYS A 24 -4.45 -5.44 -2.84
CA CYS A 24 -4.70 -6.02 -4.15
C CYS A 24 -5.89 -5.37 -4.84
N ARG A 25 -5.76 -5.11 -6.13
CA ARG A 25 -6.83 -4.50 -6.91
C ARG A 25 -7.97 -5.48 -7.15
N PHE A 26 -7.74 -6.74 -6.82
CA PHE A 26 -8.73 -7.79 -6.99
C PHE A 26 -8.65 -8.77 -5.82
N PHE A 27 -9.13 -9.99 -6.02
CA PHE A 27 -9.08 -10.99 -4.99
C PHE A 27 -7.65 -11.18 -4.49
N ASN A 28 -6.81 -11.72 -5.36
CA ASN A 28 -5.40 -11.95 -5.03
C ASN A 28 -4.55 -11.98 -6.30
N ALA A 29 -4.16 -10.81 -6.78
CA ALA A 29 -3.34 -10.73 -7.99
C ALA A 29 -2.45 -9.49 -7.99
N PHE A 30 -3.02 -8.35 -8.35
CA PHE A 30 -2.26 -7.10 -8.40
C PHE A 30 -2.18 -6.44 -7.02
N CYS A 31 -1.28 -6.95 -6.18
CA CYS A 31 -1.10 -6.41 -4.84
C CYS A 31 0.13 -5.52 -4.75
N TYR A 32 -0.08 -4.24 -4.52
CA TYR A 32 1.02 -3.29 -4.42
C TYR A 32 0.80 -2.31 -3.26
N CYS A 33 1.87 -1.59 -2.91
CA CYS A 33 1.80 -0.61 -1.82
C CYS A 33 0.71 0.42 -2.06
N ARG A 34 0.02 0.80 -0.99
CA ARG A 34 -1.04 1.79 -1.07
C ARG A 34 -0.95 2.76 0.11
N LYS A 35 -0.90 4.06 -0.18
CA LYS A 35 -0.82 5.06 0.87
C LYS A 35 -2.19 5.45 1.39
N LEU A 36 -3.13 4.51 1.37
CA LEU A 36 -4.49 4.76 1.85
C LEU A 36 -5.11 5.96 1.15
N GLY A 37 -6.05 5.68 0.26
CA GLY A 37 -6.72 6.74 -0.47
C GLY A 37 -7.76 7.45 0.38
N THR A 38 -7.32 7.99 1.51
CA THR A 38 -8.22 8.70 2.42
C THR A 38 -8.27 10.18 2.07
N ALA A 39 -8.99 10.50 0.99
CA ALA A 39 -9.13 11.88 0.54
C ALA A 39 -9.80 12.75 1.60
N MET A 40 -10.45 12.11 2.56
CA MET A 40 -11.14 12.83 3.63
C MET A 40 -10.17 13.17 4.75
N ASN A 41 -9.38 12.19 5.18
CA ASN A 41 -8.41 12.39 6.24
C ASN A 41 -7.20 11.48 6.07
N PRO A 42 -6.28 11.84 5.16
CA PRO A 42 -5.07 11.04 4.90
C PRO A 42 -4.00 11.26 5.97
N CYS A 43 -3.00 10.38 5.99
CA CYS A 43 -1.93 10.46 6.93
C CYS A 43 -0.87 11.45 6.47
N SER A 44 0.32 10.94 6.25
CA SER A 44 1.43 11.75 5.81
C SER A 44 1.38 11.97 4.29
N ARG A 45 0.63 12.98 3.86
CA ARG A 45 0.51 13.29 2.45
C ARG A 45 0.15 14.76 2.25
N THR A 46 1.14 15.63 2.37
CA THR A 46 0.92 17.06 2.21
C THR A 46 1.49 17.55 0.87
N CYS A 1 10.84 -3.56 2.92
CA CYS A 1 9.39 -3.52 2.56
C CYS A 1 9.20 -3.20 1.08
N VAL A 2 8.01 -2.74 0.72
CA VAL A 2 7.71 -2.38 -0.66
C VAL A 2 7.95 -0.89 -0.90
N ARG A 3 8.10 -0.53 -2.16
CA ARG A 3 8.36 0.86 -2.51
C ARG A 3 7.07 1.69 -2.47
N LEU A 4 7.12 2.88 -3.06
CA LEU A 4 5.97 3.77 -3.08
C LEU A 4 4.87 3.22 -3.97
N HIS A 5 5.24 2.45 -4.98
CA HIS A 5 4.29 1.87 -5.89
C HIS A 5 4.84 0.61 -6.54
N GLU A 6 4.93 -0.46 -5.75
CA GLU A 6 5.45 -1.73 -6.24
C GLU A 6 4.59 -2.88 -5.71
N SER A 7 4.75 -4.06 -6.31
CA SER A 7 3.99 -5.23 -5.90
C SER A 7 4.66 -5.94 -4.72
N CYS A 8 3.86 -6.44 -3.79
CA CYS A 8 4.38 -7.15 -2.62
C CYS A 8 4.07 -8.64 -2.69
N LEU A 9 3.02 -8.99 -3.44
CA LEU A 9 2.57 -10.37 -3.62
C LEU A 9 2.97 -11.26 -2.43
N GLY A 10 2.05 -11.41 -1.48
CA GLY A 10 2.32 -12.23 -0.31
C GLY A 10 1.54 -11.78 0.90
N GLN A 11 1.22 -10.49 0.95
CA GLN A 11 0.48 -9.92 2.07
C GLN A 11 1.34 -9.76 3.33
N GLN A 12 2.52 -10.37 3.32
CA GLN A 12 3.42 -10.29 4.46
C GLN A 12 4.42 -9.14 4.29
N VAL A 13 4.54 -8.63 3.06
CA VAL A 13 5.46 -7.54 2.78
C VAL A 13 4.70 -6.22 2.59
N PRO A 14 4.42 -5.50 3.69
CA PRO A 14 3.71 -4.22 3.63
C PRO A 14 4.58 -3.11 3.07
N CYS A 15 3.95 -2.01 2.67
CA CYS A 15 4.68 -0.87 2.11
C CYS A 15 5.61 -0.26 3.15
N CYS A 16 6.82 0.07 2.71
CA CYS A 16 7.82 0.68 3.60
C CYS A 16 7.46 2.12 3.93
N ASP A 17 6.41 2.65 3.30
CA ASP A 17 5.99 4.02 3.54
C ASP A 17 5.03 4.13 4.72
N PRO A 18 5.16 5.20 5.53
CA PRO A 18 4.29 5.41 6.69
C PRO A 18 2.82 5.43 6.30
N CYS A 19 2.01 4.71 7.06
CA CYS A 19 0.58 4.62 6.78
C CYS A 19 0.32 3.97 5.43
N ALA A 20 1.34 3.31 4.88
CA ALA A 20 1.21 2.64 3.59
C ALA A 20 1.15 1.13 3.75
N THR A 21 0.14 0.52 3.14
CA THR A 21 -0.05 -0.92 3.22
C THR A 21 -0.33 -1.49 1.83
N CYS A 22 -0.06 -2.78 1.64
CA CYS A 22 -0.29 -3.41 0.35
C CYS A 22 -1.78 -3.59 0.08
N TYR A 23 -2.17 -3.33 -1.16
CA TYR A 23 -3.57 -3.45 -1.56
C TYR A 23 -3.66 -4.10 -2.94
N CYS A 24 -4.62 -5.01 -3.10
CA CYS A 24 -4.83 -5.70 -4.36
C CYS A 24 -5.97 -5.08 -5.16
N ARG A 25 -5.75 -4.88 -6.46
CA ARG A 25 -6.76 -4.30 -7.33
C ARG A 25 -7.89 -5.30 -7.60
N PHE A 26 -7.67 -6.54 -7.21
CA PHE A 26 -8.65 -7.60 -7.40
C PHE A 26 -8.60 -8.56 -6.22
N PHE A 27 -9.04 -9.80 -6.42
CA PHE A 27 -9.03 -10.79 -5.37
C PHE A 27 -7.63 -10.95 -4.79
N ASN A 28 -6.73 -11.48 -5.61
CA ASN A 28 -5.35 -11.68 -5.19
C ASN A 28 -4.42 -11.74 -6.41
N ALA A 29 -4.04 -10.57 -6.92
CA ALA A 29 -3.16 -10.52 -8.08
C ALA A 29 -2.34 -9.23 -8.10
N PHE A 30 -3.00 -8.11 -8.41
CA PHE A 30 -2.33 -6.82 -8.48
C PHE A 30 -2.22 -6.19 -7.09
N CYS A 31 -1.39 -6.78 -6.25
CA CYS A 31 -1.19 -6.28 -4.89
C CYS A 31 0.08 -5.44 -4.79
N TYR A 32 -0.10 -4.13 -4.61
CA TYR A 32 1.04 -3.23 -4.51
C TYR A 32 0.85 -2.24 -3.36
N CYS A 33 1.87 -1.42 -3.11
CA CYS A 33 1.82 -0.44 -2.02
C CYS A 33 0.63 0.50 -2.19
N ARG A 34 -0.01 0.81 -1.08
CA ARG A 34 -1.15 1.71 -1.05
C ARG A 34 -1.06 2.63 0.17
N LYS A 35 -0.84 3.92 -0.09
CA LYS A 35 -0.71 4.90 1.00
C LYS A 35 -2.08 5.40 1.48
N LEU A 36 -3.09 4.56 1.39
CA LEU A 36 -4.44 4.91 1.82
C LEU A 36 -4.92 6.18 1.13
N GLY A 37 -5.87 6.00 0.21
CA GLY A 37 -6.42 7.14 -0.52
C GLY A 37 -7.56 7.81 0.24
N THR A 38 -7.34 8.07 1.52
CA THR A 38 -8.35 8.72 2.35
C THR A 38 -8.17 10.24 2.32
N ALA A 39 -8.61 10.86 1.24
CA ALA A 39 -8.49 12.30 1.09
C ALA A 39 -9.25 13.04 2.20
N MET A 40 -10.15 12.34 2.87
CA MET A 40 -10.93 12.92 3.95
C MET A 40 -10.15 12.87 5.27
N ASN A 41 -9.36 11.82 5.44
CA ASN A 41 -8.56 11.65 6.65
C ASN A 41 -7.27 10.88 6.36
N PRO A 42 -6.39 11.46 5.53
CA PRO A 42 -5.12 10.83 5.16
C PRO A 42 -4.03 11.07 6.20
N CYS A 43 -3.02 10.21 6.21
CA CYS A 43 -1.92 10.31 7.12
C CYS A 43 -0.90 11.31 6.61
N SER A 44 0.30 10.82 6.37
CA SER A 44 1.39 11.64 5.89
C SER A 44 1.31 11.83 4.38
N ARG A 45 1.15 13.08 3.95
CA ARG A 45 1.05 13.40 2.54
C ARG A 45 1.48 14.83 2.26
N THR A 46 2.46 15.31 3.04
CA THR A 46 2.96 16.67 2.87
C THR A 46 4.25 16.68 2.06
N CYS A 1 11.04 -3.31 3.08
CA CYS A 1 9.58 -3.32 2.75
C CYS A 1 9.36 -3.01 1.28
N VAL A 2 8.13 -2.59 0.95
CA VAL A 2 7.78 -2.25 -0.42
C VAL A 2 7.95 -0.77 -0.67
N ARG A 3 8.02 -0.39 -1.94
CA ARG A 3 8.21 0.99 -2.31
C ARG A 3 6.89 1.77 -2.20
N LEU A 4 6.88 2.98 -2.73
CA LEU A 4 5.70 3.82 -2.69
C LEU A 4 4.58 3.25 -3.55
N HIS A 5 4.95 2.48 -4.56
CA HIS A 5 3.98 1.87 -5.46
C HIS A 5 4.56 0.64 -6.13
N GLU A 6 4.67 -0.45 -5.36
CA GLU A 6 5.21 -1.70 -5.88
C GLU A 6 4.39 -2.89 -5.37
N SER A 7 4.58 -4.04 -6.01
CA SER A 7 3.87 -5.25 -5.61
C SER A 7 4.52 -5.90 -4.40
N CYS A 8 3.69 -6.54 -3.57
CA CYS A 8 4.19 -7.20 -2.36
C CYS A 8 4.12 -8.73 -2.50
N LEU A 9 3.44 -9.20 -3.55
CA LEU A 9 3.28 -10.64 -3.82
C LEU A 9 3.42 -11.49 -2.56
N GLY A 10 2.30 -11.81 -1.93
CA GLY A 10 2.32 -12.62 -0.73
C GLY A 10 1.65 -11.94 0.45
N GLN A 11 1.52 -10.62 0.37
CA GLN A 11 0.89 -9.85 1.43
C GLN A 11 1.72 -9.84 2.71
N GLN A 12 2.93 -10.39 2.64
CA GLN A 12 3.83 -10.45 3.79
C GLN A 12 4.78 -9.26 3.79
N VAL A 13 4.93 -8.60 2.64
CA VAL A 13 5.81 -7.45 2.50
C VAL A 13 5.03 -6.14 2.53
N PRO A 14 4.81 -5.56 3.72
CA PRO A 14 4.07 -4.30 3.86
C PRO A 14 4.86 -3.12 3.28
N CYS A 15 4.14 -2.05 2.96
CA CYS A 15 4.76 -0.85 2.41
C CYS A 15 5.71 -0.20 3.41
N CYS A 16 6.89 0.17 2.94
CA CYS A 16 7.88 0.82 3.78
C CYS A 16 7.47 2.25 4.13
N ASP A 17 6.39 2.73 3.52
CA ASP A 17 5.91 4.09 3.77
C ASP A 17 5.01 4.14 5.01
N PRO A 18 5.11 5.24 5.78
CA PRO A 18 4.30 5.42 6.99
C PRO A 18 2.81 5.29 6.71
N CYS A 19 2.12 4.52 7.54
CA CYS A 19 0.69 4.30 7.39
C CYS A 19 0.37 3.72 6.01
N ALA A 20 1.38 3.17 5.34
CA ALA A 20 1.18 2.57 4.03
C ALA A 20 1.13 1.05 4.12
N THR A 21 0.14 0.46 3.48
CA THR A 21 -0.02 -0.99 3.48
C THR A 21 -0.34 -1.51 2.09
N CYS A 22 0.13 -2.72 1.78
CA CYS A 22 -0.11 -3.32 0.49
C CYS A 22 -1.56 -3.81 0.38
N TYR A 23 -2.17 -3.57 -0.78
CA TYR A 23 -3.55 -3.99 -1.01
C TYR A 23 -3.72 -4.51 -2.44
N CYS A 24 -4.70 -5.38 -2.63
CA CYS A 24 -4.97 -5.95 -3.95
C CYS A 24 -6.18 -5.30 -4.60
N ARG A 25 -6.08 -5.00 -5.88
CA ARG A 25 -7.17 -4.37 -6.62
C ARG A 25 -8.31 -5.36 -6.86
N PHE A 26 -8.03 -6.64 -6.60
CA PHE A 26 -9.02 -7.68 -6.77
C PHE A 26 -8.82 -8.76 -5.71
N PHE A 27 -9.25 -9.99 -6.00
CA PHE A 27 -9.11 -11.08 -5.08
C PHE A 27 -7.64 -11.25 -4.66
N ASN A 28 -6.82 -11.66 -5.62
CA ASN A 28 -5.39 -11.85 -5.36
C ASN A 28 -4.59 -11.73 -6.66
N ALA A 29 -4.27 -10.49 -7.06
CA ALA A 29 -3.52 -10.27 -8.28
C ALA A 29 -2.70 -8.99 -8.20
N PHE A 30 -3.37 -7.86 -8.32
CA PHE A 30 -2.70 -6.56 -8.28
C PHE A 30 -2.51 -6.08 -6.84
N CYS A 31 -1.62 -6.75 -6.11
CA CYS A 31 -1.35 -6.40 -4.72
C CYS A 31 -0.09 -5.54 -4.60
N TYR A 32 -0.28 -4.25 -4.37
CA TYR A 32 0.84 -3.33 -4.22
C TYR A 32 0.61 -2.35 -3.08
N CYS A 33 1.66 -1.62 -2.71
CA CYS A 33 1.59 -0.64 -1.62
C CYS A 33 0.44 0.34 -1.81
N ARG A 34 -0.18 0.73 -0.70
CA ARG A 34 -1.29 1.68 -0.71
C ARG A 34 -1.13 2.67 0.44
N LYS A 35 -0.91 3.94 0.09
CA LYS A 35 -0.73 4.99 1.09
C LYS A 35 -2.07 5.54 1.59
N LEU A 36 -3.15 4.82 1.29
CA LEU A 36 -4.48 5.25 1.71
C LEU A 36 -4.85 6.59 1.12
N GLY A 37 -5.81 6.57 0.21
CA GLY A 37 -6.26 7.77 -0.44
C GLY A 37 -7.22 8.57 0.40
N THR A 38 -6.82 8.90 1.63
CA THR A 38 -7.66 9.66 2.53
C THR A 38 -7.41 11.17 2.35
N ALA A 39 -7.94 11.72 1.25
CA ALA A 39 -7.77 13.13 0.96
C ALA A 39 -8.40 14.00 2.04
N MET A 40 -9.29 13.41 2.82
CA MET A 40 -9.96 14.13 3.91
C MET A 40 -9.10 14.14 5.16
N ASN A 41 -8.35 13.07 5.36
CA ASN A 41 -7.48 12.94 6.53
C ASN A 41 -6.27 12.07 6.23
N PRO A 42 -5.37 12.56 5.34
CA PRO A 42 -4.15 11.82 4.98
C PRO A 42 -3.12 11.81 6.09
N CYS A 43 -2.10 10.96 5.95
CA CYS A 43 -1.06 10.86 6.93
C CYS A 43 -0.01 11.94 6.72
N SER A 44 1.20 11.49 6.49
CA SER A 44 2.33 12.39 6.26
C SER A 44 2.40 12.82 4.80
N ARG A 45 1.38 13.56 4.37
CA ARG A 45 1.34 14.04 2.98
C ARG A 45 0.49 15.30 2.88
N THR A 46 1.14 16.44 2.68
CA THR A 46 0.45 17.72 2.56
C THR A 46 0.53 18.24 1.13
N CYS A 1 10.90 -3.52 2.91
CA CYS A 1 9.45 -3.47 2.61
C CYS A 1 9.20 -3.15 1.14
N VAL A 2 8.00 -2.71 0.82
CA VAL A 2 7.63 -2.36 -0.55
C VAL A 2 7.85 -0.88 -0.80
N ARG A 3 7.93 -0.51 -2.07
CA ARG A 3 8.15 0.87 -2.44
C ARG A 3 6.85 1.68 -2.35
N LEU A 4 6.87 2.89 -2.91
CA LEU A 4 5.71 3.76 -2.89
C LEU A 4 4.60 3.24 -3.78
N HIS A 5 4.95 2.41 -4.76
CA HIS A 5 3.97 1.85 -5.67
C HIS A 5 4.47 0.55 -6.29
N GLU A 6 5.11 -0.29 -5.48
CA GLU A 6 5.61 -1.57 -5.96
C GLU A 6 4.74 -2.71 -5.46
N SER A 7 4.83 -3.87 -6.11
CA SER A 7 4.04 -5.03 -5.73
C SER A 7 4.67 -5.78 -4.56
N CYS A 8 3.82 -6.40 -3.75
CA CYS A 8 4.29 -7.16 -2.58
C CYS A 8 4.05 -8.66 -2.78
N LEU A 9 3.21 -9.00 -3.75
CA LEU A 9 2.88 -10.40 -4.06
C LEU A 9 3.02 -11.32 -2.86
N GLY A 10 1.92 -11.55 -2.15
CA GLY A 10 1.95 -12.42 -0.98
C GLY A 10 1.28 -11.78 0.23
N GLN A 11 1.16 -10.46 0.21
CA GLN A 11 0.54 -9.73 1.32
C GLN A 11 1.39 -9.81 2.58
N GLN A 12 2.61 -10.34 2.46
CA GLN A 12 3.51 -10.46 3.60
C GLN A 12 4.48 -9.28 3.64
N VAL A 13 4.69 -8.65 2.49
CA VAL A 13 5.60 -7.51 2.39
C VAL A 13 4.83 -6.19 2.35
N PRO A 14 4.65 -5.54 3.51
CA PRO A 14 3.94 -4.26 3.59
C PRO A 14 4.77 -3.10 3.05
N CYS A 15 4.10 -2.00 2.74
CA CYS A 15 4.79 -0.82 2.21
C CYS A 15 5.74 -0.23 3.26
N CYS A 16 6.93 0.14 2.80
CA CYS A 16 7.93 0.73 3.69
C CYS A 16 7.58 2.17 4.07
N ASP A 17 6.48 2.68 3.53
CA ASP A 17 6.06 4.05 3.81
C ASP A 17 5.09 4.10 5.00
N PRO A 18 5.17 5.15 5.83
CA PRO A 18 4.30 5.32 6.99
C PRO A 18 2.82 5.29 6.61
N CYS A 19 2.04 4.51 7.34
CA CYS A 19 0.61 4.39 7.07
C CYS A 19 0.37 3.79 5.68
N ALA A 20 1.41 3.19 5.09
CA ALA A 20 1.28 2.58 3.77
C ALA A 20 1.21 1.06 3.88
N THR A 21 0.20 0.48 3.25
CA THR A 21 0.01 -0.96 3.27
C THR A 21 -0.27 -1.49 1.87
N CYS A 22 0.08 -2.75 1.63
CA CYS A 22 -0.12 -3.36 0.33
C CYS A 22 -1.61 -3.61 0.05
N TYR A 23 -2.14 -2.94 -0.96
CA TYR A 23 -3.54 -3.08 -1.33
C TYR A 23 -3.67 -3.84 -2.65
N CYS A 24 -4.67 -4.71 -2.73
CA CYS A 24 -4.90 -5.49 -3.94
C CYS A 24 -6.13 -4.99 -4.69
N ARG A 25 -5.99 -4.80 -6.00
CA ARG A 25 -7.11 -4.32 -6.82
C ARG A 25 -8.16 -5.40 -7.00
N PHE A 26 -7.83 -6.62 -6.63
CA PHE A 26 -8.74 -7.73 -6.75
C PHE A 26 -8.51 -8.72 -5.60
N PHE A 27 -8.90 -9.96 -5.79
CA PHE A 27 -8.73 -10.99 -4.78
C PHE A 27 -7.25 -11.10 -4.39
N ASN A 28 -6.43 -11.53 -5.32
CA ASN A 28 -5.00 -11.68 -5.09
C ASN A 28 -4.22 -11.59 -6.39
N ALA A 29 -3.96 -10.37 -6.85
CA ALA A 29 -3.23 -10.17 -8.09
C ALA A 29 -2.45 -8.85 -8.09
N PHE A 30 -3.18 -7.75 -8.26
CA PHE A 30 -2.56 -6.43 -8.29
C PHE A 30 -2.37 -5.88 -6.87
N CYS A 31 -1.46 -6.51 -6.12
CA CYS A 31 -1.19 -6.08 -4.75
C CYS A 31 0.07 -5.24 -4.69
N TYR A 32 -0.11 -3.94 -4.47
CA TYR A 32 1.02 -3.00 -4.39
C TYR A 32 0.85 -2.05 -3.21
N CYS A 33 1.91 -1.30 -2.92
CA CYS A 33 1.88 -0.34 -1.81
C CYS A 33 0.73 0.65 -1.97
N ARG A 34 0.08 0.97 -0.86
CA ARG A 34 -1.03 1.91 -0.84
C ARG A 34 -0.96 2.79 0.40
N LYS A 35 -0.79 4.09 0.19
CA LYS A 35 -0.69 5.04 1.30
C LYS A 35 -2.06 5.49 1.79
N LEU A 36 -3.09 4.70 1.50
CA LEU A 36 -4.45 5.03 1.92
C LEU A 36 -4.89 6.36 1.33
N GLY A 37 -5.83 6.28 0.40
CA GLY A 37 -6.34 7.49 -0.24
C GLY A 37 -7.33 8.24 0.63
N THR A 38 -6.91 8.58 1.85
CA THR A 38 -7.77 9.30 2.77
C THR A 38 -7.59 10.80 2.61
N ALA A 39 -8.15 11.35 1.54
CA ALA A 39 -8.06 12.78 1.26
C ALA A 39 -8.71 13.61 2.36
N MET A 40 -9.56 12.96 3.16
CA MET A 40 -10.24 13.64 4.25
C MET A 40 -9.37 13.68 5.50
N ASN A 41 -8.69 12.58 5.78
CA ASN A 41 -7.82 12.48 6.95
C ASN A 41 -6.65 11.54 6.69
N PRO A 42 -5.67 11.95 5.87
CA PRO A 42 -4.51 11.13 5.54
C PRO A 42 -3.47 11.13 6.65
N CYS A 43 -2.59 10.13 6.63
CA CYS A 43 -1.55 10.02 7.62
C CYS A 43 -0.36 10.89 7.27
N SER A 44 0.77 10.26 7.05
CA SER A 44 1.99 10.96 6.70
C SER A 44 2.03 11.31 5.22
N ARG A 45 1.43 12.46 4.87
CA ARG A 45 1.39 12.91 3.49
C ARG A 45 1.24 14.42 3.42
N THR A 46 2.37 15.13 3.43
CA THR A 46 2.36 16.58 3.37
C THR A 46 3.39 17.09 2.35
N CYS A 1 10.44 -4.28 2.47
CA CYS A 1 9.06 -3.79 2.22
C CYS A 1 8.90 -3.36 0.76
N VAL A 2 7.72 -2.82 0.43
CA VAL A 2 7.44 -2.37 -0.91
C VAL A 2 7.68 -0.87 -1.07
N ARG A 3 7.80 -0.43 -2.30
CA ARG A 3 8.06 0.97 -2.58
C ARG A 3 6.79 1.80 -2.40
N LEU A 4 6.80 3.03 -2.89
CA LEU A 4 5.65 3.92 -2.78
C LEU A 4 4.48 3.42 -3.59
N HIS A 5 4.76 2.78 -4.71
CA HIS A 5 3.73 2.24 -5.56
C HIS A 5 4.25 1.07 -6.40
N GLU A 6 4.44 -0.06 -5.74
CA GLU A 6 4.94 -1.26 -6.42
C GLU A 6 4.20 -2.50 -5.91
N SER A 7 4.27 -3.58 -6.68
CA SER A 7 3.61 -4.82 -6.32
C SER A 7 4.37 -5.53 -5.20
N CYS A 8 3.63 -6.15 -4.28
CA CYS A 8 4.24 -6.87 -3.17
C CYS A 8 4.05 -8.37 -3.31
N LEU A 9 2.98 -8.76 -4.02
CA LEU A 9 2.65 -10.17 -4.24
C LEU A 9 3.21 -11.08 -3.15
N GLY A 10 2.40 -11.30 -2.11
CA GLY A 10 2.83 -12.14 -1.01
C GLY A 10 2.00 -11.94 0.24
N GLN A 11 1.42 -10.75 0.38
CA GLN A 11 0.59 -10.41 1.53
C GLN A 11 1.45 -10.09 2.78
N GLN A 12 2.54 -10.83 2.95
CA GLN A 12 3.42 -10.62 4.09
C GLN A 12 4.54 -9.63 3.76
N VAL A 13 4.22 -8.62 2.96
CA VAL A 13 5.20 -7.61 2.57
C VAL A 13 4.57 -6.23 2.54
N PRO A 14 4.53 -5.54 3.69
CA PRO A 14 3.95 -4.20 3.80
C PRO A 14 4.79 -3.14 3.09
N CYS A 15 4.13 -2.04 2.72
CA CYS A 15 4.81 -0.94 2.04
C CYS A 15 5.87 -0.30 2.94
N CYS A 16 6.89 0.28 2.31
CA CYS A 16 7.98 0.94 3.04
C CYS A 16 7.55 2.28 3.66
N ASP A 17 6.28 2.66 3.48
CA ASP A 17 5.79 3.93 4.01
C ASP A 17 4.80 3.73 5.16
N PRO A 18 4.89 4.59 6.20
CA PRO A 18 4.00 4.51 7.36
C PRO A 18 2.54 4.57 6.93
N CYS A 19 1.71 3.72 7.55
CA CYS A 19 0.29 3.68 7.23
C CYS A 19 0.07 3.22 5.79
N ALA A 20 1.11 2.71 5.14
CA ALA A 20 1.00 2.24 3.77
C ALA A 20 0.95 0.71 3.72
N THR A 21 -0.19 0.17 3.29
CA THR A 21 -0.37 -1.27 3.20
C THR A 21 -0.55 -1.71 1.75
N CYS A 22 -0.23 -2.96 1.47
CA CYS A 22 -0.37 -3.49 0.12
C CYS A 22 -1.83 -3.70 -0.24
N TYR A 23 -2.39 -2.77 -1.01
CA TYR A 23 -3.77 -2.85 -1.43
C TYR A 23 -3.91 -3.66 -2.72
N CYS A 24 -4.85 -4.60 -2.72
CA CYS A 24 -5.08 -5.46 -3.89
C CYS A 24 -6.26 -4.95 -4.70
N ARG A 25 -6.06 -4.79 -6.00
CA ARG A 25 -7.10 -4.32 -6.89
C ARG A 25 -8.15 -5.41 -7.15
N PHE A 26 -7.84 -6.62 -6.70
CA PHE A 26 -8.73 -7.75 -6.87
C PHE A 26 -8.63 -8.68 -5.67
N PHE A 27 -8.99 -9.93 -5.84
CA PHE A 27 -8.94 -10.91 -4.77
C PHE A 27 -7.53 -10.97 -4.19
N ASN A 28 -6.60 -11.51 -4.97
CA ASN A 28 -5.21 -11.63 -4.55
C ASN A 28 -4.28 -11.68 -5.76
N ALA A 29 -4.05 -10.53 -6.39
CA ALA A 29 -3.19 -10.47 -7.57
C ALA A 29 -2.53 -9.10 -7.71
N PHE A 30 -3.34 -8.08 -7.97
CA PHE A 30 -2.82 -6.73 -8.14
C PHE A 30 -2.64 -6.03 -6.80
N CYS A 31 -1.72 -6.56 -5.99
CA CYS A 31 -1.44 -5.98 -4.68
C CYS A 31 -0.19 -5.13 -4.70
N TYR A 32 -0.35 -3.84 -4.44
CA TYR A 32 0.79 -2.91 -4.41
C TYR A 32 0.68 -1.96 -3.23
N CYS A 33 1.77 -1.24 -2.96
CA CYS A 33 1.80 -0.30 -1.85
C CYS A 33 0.68 0.72 -1.96
N ARG A 34 -0.05 0.92 -0.85
CA ARG A 34 -1.16 1.86 -0.82
C ARG A 34 -1.17 2.61 0.50
N LYS A 35 -1.13 3.94 0.44
CA LYS A 35 -1.14 4.76 1.64
C LYS A 35 -2.56 5.01 2.15
N LEU A 36 -3.46 4.05 1.93
CA LEU A 36 -4.84 4.18 2.37
C LEU A 36 -5.50 5.41 1.78
N GLY A 37 -6.42 5.17 0.86
CA GLY A 37 -7.12 6.26 0.21
C GLY A 37 -8.17 6.89 1.11
N THR A 38 -7.74 7.32 2.30
CA THR A 38 -8.64 7.96 3.24
C THR A 38 -8.67 9.47 3.05
N ALA A 39 -9.37 9.91 2.02
CA ALA A 39 -9.47 11.34 1.72
C ALA A 39 -10.11 12.11 2.87
N MET A 40 -10.78 11.39 3.76
CA MET A 40 -11.44 12.01 4.91
C MET A 40 -10.46 12.23 6.05
N ASN A 41 -9.66 11.20 6.34
CA ASN A 41 -8.68 11.27 7.41
C ASN A 41 -7.47 10.39 7.12
N PRO A 42 -6.58 10.83 6.20
CA PRO A 42 -5.39 10.08 5.83
C PRO A 42 -4.25 10.27 6.82
N CYS A 43 -3.28 9.36 6.78
CA CYS A 43 -2.14 9.40 7.66
C CYS A 43 -1.09 10.38 7.13
N SER A 44 0.07 9.84 6.83
CA SER A 44 1.17 10.64 6.32
C SER A 44 1.04 10.88 4.83
N ARG A 45 0.77 12.12 4.45
CA ARG A 45 0.61 12.48 3.05
C ARG A 45 0.92 13.96 2.83
N THR A 46 2.20 14.32 2.94
CA THR A 46 2.62 15.71 2.76
C THR A 46 3.53 15.83 1.54
N CYS A 1 10.98 -3.62 2.80
CA CYS A 1 9.51 -3.60 2.54
C CYS A 1 9.23 -3.28 1.06
N VAL A 2 8.01 -2.83 0.78
CA VAL A 2 7.62 -2.50 -0.58
C VAL A 2 7.85 -1.02 -0.86
N ARG A 3 7.90 -0.67 -2.14
CA ARG A 3 8.13 0.71 -2.53
C ARG A 3 6.85 1.53 -2.43
N LEU A 4 6.88 2.73 -3.00
CA LEU A 4 5.73 3.61 -2.97
C LEU A 4 4.59 3.07 -3.84
N HIS A 5 4.95 2.29 -4.84
CA HIS A 5 3.97 1.69 -5.74
C HIS A 5 4.52 0.44 -6.40
N GLU A 6 4.65 -0.62 -5.61
CA GLU A 6 5.17 -1.89 -6.11
C GLU A 6 4.37 -3.06 -5.54
N SER A 7 4.49 -4.21 -6.18
CA SER A 7 3.77 -5.41 -5.73
C SER A 7 4.48 -6.04 -4.52
N CYS A 8 3.68 -6.60 -3.62
CA CYS A 8 4.23 -7.23 -2.42
C CYS A 8 4.03 -8.75 -2.46
N LEU A 9 3.08 -9.20 -3.29
CA LEU A 9 2.76 -10.63 -3.45
C LEU A 9 3.13 -11.45 -2.21
N GLY A 10 2.16 -11.66 -1.34
CA GLY A 10 2.41 -12.44 -0.14
C GLY A 10 1.63 -11.91 1.05
N GLN A 11 1.35 -10.61 1.05
CA GLN A 11 0.61 -9.97 2.14
C GLN A 11 1.46 -9.82 3.40
N GLN A 12 2.66 -10.41 3.39
CA GLN A 12 3.55 -10.33 4.55
C GLN A 12 4.55 -9.18 4.37
N VAL A 13 4.64 -8.65 3.16
CA VAL A 13 5.56 -7.55 2.86
C VAL A 13 4.83 -6.22 2.77
N PRO A 14 4.65 -5.54 3.92
CA PRO A 14 3.97 -4.23 3.95
C PRO A 14 4.79 -3.13 3.30
N CYS A 15 4.14 -2.03 2.96
CA CYS A 15 4.80 -0.91 2.33
C CYS A 15 5.82 -0.27 3.27
N CYS A 16 7.01 0.02 2.75
CA CYS A 16 8.07 0.64 3.53
C CYS A 16 7.76 2.12 3.82
N ASP A 17 6.67 2.63 3.24
CA ASP A 17 6.29 4.02 3.44
C ASP A 17 5.32 4.21 4.60
N PRO A 18 5.51 5.25 5.42
CA PRO A 18 4.63 5.53 6.56
C PRO A 18 3.17 5.64 6.14
N CYS A 19 2.30 5.02 6.92
CA CYS A 19 0.87 5.04 6.62
C CYS A 19 0.58 4.32 5.31
N ALA A 20 1.56 3.58 4.80
CA ALA A 20 1.39 2.84 3.55
C ALA A 20 1.31 1.34 3.81
N THR A 21 0.32 0.69 3.20
CA THR A 21 0.14 -0.74 3.36
C THR A 21 -0.22 -1.38 2.03
N CYS A 22 0.26 -2.59 1.79
CA CYS A 22 -0.02 -3.30 0.55
C CYS A 22 -1.47 -3.77 0.50
N TYR A 23 -2.03 -3.79 -0.71
CA TYR A 23 -3.41 -4.22 -0.90
C TYR A 23 -3.63 -4.70 -2.34
N CYS A 24 -4.61 -5.59 -2.51
CA CYS A 24 -4.92 -6.14 -3.83
C CYS A 24 -6.13 -5.42 -4.44
N ARG A 25 -5.94 -4.90 -5.65
CA ARG A 25 -7.02 -4.21 -6.35
C ARG A 25 -8.07 -5.19 -6.87
N PHE A 26 -7.77 -6.48 -6.78
CA PHE A 26 -8.69 -7.51 -7.23
C PHE A 26 -8.60 -8.73 -6.31
N PHE A 27 -8.95 -9.90 -6.82
CA PHE A 27 -8.91 -11.11 -6.04
C PHE A 27 -7.51 -11.32 -5.47
N ASN A 28 -6.57 -11.67 -6.33
CA ASN A 28 -5.19 -11.89 -5.93
C ASN A 28 -4.23 -11.67 -7.09
N ALA A 29 -4.02 -10.41 -7.46
CA ALA A 29 -3.13 -10.09 -8.57
C ALA A 29 -2.52 -8.70 -8.42
N PHE A 30 -3.37 -7.68 -8.34
CA PHE A 30 -2.91 -6.31 -8.20
C PHE A 30 -2.63 -5.97 -6.74
N CYS A 31 -1.75 -6.73 -6.12
CA CYS A 31 -1.39 -6.52 -4.72
C CYS A 31 -0.12 -5.68 -4.60
N TYR A 32 -0.28 -4.40 -4.35
CA TYR A 32 0.86 -3.50 -4.22
C TYR A 32 0.68 -2.51 -3.07
N CYS A 33 1.70 -1.71 -2.82
CA CYS A 33 1.65 -0.71 -1.74
C CYS A 33 0.52 0.29 -1.96
N ARG A 34 -0.09 0.71 -0.85
CA ARG A 34 -1.19 1.67 -0.89
C ARG A 34 -1.03 2.67 0.26
N LYS A 35 -0.89 3.95 -0.09
CA LYS A 35 -0.71 4.99 0.91
C LYS A 35 -2.06 5.49 1.45
N LEU A 36 -3.05 4.59 1.52
CA LEU A 36 -4.36 4.94 2.02
C LEU A 36 -4.95 6.12 1.27
N GLY A 37 -5.95 5.82 0.45
CA GLY A 37 -6.61 6.86 -0.33
C GLY A 37 -7.58 7.68 0.51
N THR A 38 -7.09 8.27 1.58
CA THR A 38 -7.91 9.08 2.46
C THR A 38 -7.91 10.54 2.02
N ALA A 39 -8.63 10.83 0.95
CA ALA A 39 -8.71 12.18 0.42
C ALA A 39 -9.31 13.15 1.44
N MET A 40 -9.98 12.60 2.45
CA MET A 40 -10.59 13.42 3.48
C MET A 40 -9.58 13.78 4.57
N ASN A 41 -8.81 12.79 5.01
CA ASN A 41 -7.79 13.01 6.03
C ASN A 41 -6.62 12.04 5.86
N PRO A 42 -5.73 12.32 4.89
CA PRO A 42 -4.57 11.47 4.62
C PRO A 42 -3.43 11.72 5.61
N CYS A 43 -2.46 10.83 5.64
CA CYS A 43 -1.33 10.93 6.52
C CYS A 43 -0.27 11.86 5.94
N SER A 44 0.89 11.32 5.68
CA SER A 44 1.99 12.06 5.13
C SER A 44 1.87 12.20 3.61
N ARG A 45 1.83 13.44 3.13
CA ARG A 45 1.70 13.71 1.71
C ARG A 45 2.27 15.08 1.36
N THR A 46 3.59 15.13 1.16
CA THR A 46 4.26 16.38 0.83
C THR A 46 5.67 16.11 0.31
N CYS A 1 10.91 -4.10 3.27
CA CYS A 1 9.56 -3.71 2.78
C CYS A 1 9.57 -3.40 1.28
N VAL A 2 8.43 -3.01 0.76
CA VAL A 2 8.30 -2.68 -0.65
C VAL A 2 8.33 -1.17 -0.87
N ARG A 3 8.45 -0.77 -2.12
CA ARG A 3 8.48 0.65 -2.45
C ARG A 3 7.07 1.22 -2.51
N LEU A 4 6.96 2.49 -2.86
CA LEU A 4 5.66 3.15 -2.96
C LEU A 4 4.89 2.66 -4.17
N HIS A 5 5.52 2.73 -5.33
CA HIS A 5 4.90 2.33 -6.58
C HIS A 5 5.20 0.86 -6.92
N GLU A 6 5.58 0.08 -5.91
CA GLU A 6 5.92 -1.33 -6.13
C GLU A 6 4.84 -2.27 -5.57
N SER A 7 4.87 -3.52 -6.03
CA SER A 7 3.92 -4.53 -5.58
C SER A 7 4.55 -5.44 -4.54
N CYS A 8 3.72 -6.12 -3.75
CA CYS A 8 4.21 -7.02 -2.70
C CYS A 8 3.88 -8.46 -3.03
N LEU A 9 2.86 -8.67 -3.87
CA LEU A 9 2.42 -10.01 -4.27
C LEU A 9 2.69 -11.06 -3.19
N GLY A 10 1.73 -11.23 -2.29
CA GLY A 10 1.89 -12.19 -1.21
C GLY A 10 1.32 -11.69 0.10
N GLN A 11 1.18 -10.38 0.22
CA GLN A 11 0.64 -9.76 1.43
C GLN A 11 1.62 -9.87 2.61
N GLN A 12 2.81 -10.40 2.37
CA GLN A 12 3.81 -10.53 3.41
C GLN A 12 4.83 -9.39 3.35
N VAL A 13 4.90 -8.74 2.19
CA VAL A 13 5.84 -7.63 2.00
C VAL A 13 5.13 -6.29 2.07
N PRO A 14 5.11 -5.64 3.25
CA PRO A 14 4.46 -4.34 3.43
C PRO A 14 5.24 -3.19 2.80
N CYS A 15 4.53 -2.13 2.47
CA CYS A 15 5.13 -0.95 1.86
C CYS A 15 6.08 -0.24 2.82
N CYS A 16 7.16 0.30 2.28
CA CYS A 16 8.14 1.03 3.07
C CYS A 16 7.61 2.39 3.51
N ASP A 17 6.48 2.80 2.96
CA ASP A 17 5.89 4.10 3.29
C ASP A 17 5.02 4.02 4.54
N PRO A 18 5.17 5.00 5.46
CA PRO A 18 4.39 5.05 6.69
C PRO A 18 2.89 5.06 6.40
N CYS A 19 2.14 4.25 7.15
CA CYS A 19 0.70 4.16 6.95
C CYS A 19 0.39 3.60 5.55
N ALA A 20 1.40 3.03 4.90
CA ALA A 20 1.23 2.45 3.57
C ALA A 20 1.18 0.93 3.64
N THR A 21 0.00 0.38 3.38
CA THR A 21 -0.19 -1.07 3.41
C THR A 21 -0.47 -1.61 2.01
N CYS A 22 -0.11 -2.86 1.78
CA CYS A 22 -0.34 -3.47 0.48
C CYS A 22 -1.81 -3.79 0.27
N TYR A 23 -2.39 -3.23 -0.78
CA TYR A 23 -3.80 -3.45 -1.09
C TYR A 23 -3.94 -4.25 -2.38
N CYS A 24 -4.89 -5.19 -2.38
CA CYS A 24 -5.13 -6.03 -3.54
C CYS A 24 -6.30 -5.49 -4.37
N ARG A 25 -6.02 -5.12 -5.62
CA ARG A 25 -7.04 -4.59 -6.50
C ARG A 25 -7.98 -5.67 -7.00
N PHE A 26 -7.66 -6.92 -6.68
CA PHE A 26 -8.48 -8.05 -7.09
C PHE A 26 -8.50 -9.11 -6.00
N PHE A 27 -8.80 -10.35 -6.35
CA PHE A 27 -8.84 -11.44 -5.41
C PHE A 27 -7.51 -11.56 -4.68
N ASN A 28 -6.48 -12.01 -5.40
CA ASN A 28 -5.15 -12.16 -4.84
C ASN A 28 -4.09 -12.09 -5.93
N ALA A 29 -3.93 -10.92 -6.52
CA ALA A 29 -2.93 -10.74 -7.58
C ALA A 29 -2.44 -9.30 -7.66
N PHE A 30 -3.37 -8.36 -7.70
CA PHE A 30 -3.03 -6.95 -7.78
C PHE A 30 -2.77 -6.36 -6.39
N CYS A 31 -1.89 -7.00 -5.64
CA CYS A 31 -1.55 -6.55 -4.29
C CYS A 31 -0.28 -5.71 -4.30
N TYR A 32 -0.43 -4.40 -4.18
CA TYR A 32 0.71 -3.51 -4.18
C TYR A 32 0.60 -2.44 -3.09
N CYS A 33 1.65 -1.65 -2.94
CA CYS A 33 1.67 -0.58 -1.94
C CYS A 33 0.46 0.33 -2.05
N ARG A 34 -0.18 0.59 -0.92
CA ARG A 34 -1.36 1.46 -0.87
C ARG A 34 -1.28 2.39 0.33
N LYS A 35 -1.62 3.66 0.13
CA LYS A 35 -1.58 4.64 1.20
C LYS A 35 -2.84 4.62 2.06
N LEU A 36 -3.43 3.43 2.23
CA LEU A 36 -4.63 3.28 3.03
C LEU A 36 -5.72 4.27 2.61
N GLY A 37 -6.72 3.77 1.92
CA GLY A 37 -7.81 4.61 1.47
C GLY A 37 -8.77 4.96 2.60
N THR A 38 -8.25 5.59 3.64
CA THR A 38 -9.07 5.98 4.78
C THR A 38 -9.65 7.38 4.58
N ALA A 39 -10.65 7.47 3.71
CA ALA A 39 -11.29 8.74 3.42
C ALA A 39 -11.93 9.34 4.67
N MET A 40 -12.15 8.51 5.68
CA MET A 40 -12.75 8.95 6.93
C MET A 40 -11.70 9.54 7.87
N ASN A 41 -10.58 8.84 8.00
CA ASN A 41 -9.50 9.30 8.87
C ASN A 41 -8.14 8.82 8.36
N PRO A 42 -7.60 9.48 7.32
CA PRO A 42 -6.30 9.12 6.74
C PRO A 42 -5.13 9.63 7.59
N CYS A 43 -3.94 9.12 7.34
CA CYS A 43 -2.75 9.52 8.06
C CYS A 43 -2.18 10.80 7.48
N SER A 44 -0.95 10.70 7.02
CA SER A 44 -0.26 11.84 6.43
C SER A 44 -0.64 12.00 4.96
N ARG A 45 -1.21 13.15 4.63
CA ARG A 45 -1.62 13.44 3.26
C ARG A 45 -1.68 14.94 3.00
N THR A 46 -0.71 15.45 2.24
CA THR A 46 -0.65 16.87 1.93
C THR A 46 -0.01 17.09 0.56
N CYS A 1 10.90 -3.50 2.76
CA CYS A 1 9.43 -3.48 2.51
C CYS A 1 9.12 -3.20 1.05
N VAL A 2 7.89 -2.77 0.78
CA VAL A 2 7.47 -2.45 -0.59
C VAL A 2 7.68 -0.99 -0.89
N ARG A 3 7.62 -0.62 -2.17
CA ARG A 3 7.83 0.75 -2.57
C ARG A 3 6.59 1.59 -2.31
N LEU A 4 6.60 2.83 -2.80
CA LEU A 4 5.48 3.74 -2.61
C LEU A 4 4.25 3.27 -3.38
N HIS A 5 4.48 2.68 -4.54
CA HIS A 5 3.39 2.18 -5.36
C HIS A 5 3.86 1.04 -6.26
N GLU A 6 4.21 -0.08 -5.64
CA GLU A 6 4.68 -1.24 -6.39
C GLU A 6 4.12 -2.53 -5.78
N SER A 7 4.11 -3.59 -6.57
CA SER A 7 3.60 -4.88 -6.10
C SER A 7 4.40 -5.39 -4.92
N CYS A 8 3.74 -6.11 -4.02
CA CYS A 8 4.40 -6.65 -2.84
C CYS A 8 4.57 -8.17 -2.96
N LEU A 9 3.68 -8.80 -3.74
CA LEU A 9 3.70 -10.25 -3.96
C LEU A 9 4.41 -11.00 -2.84
N GLY A 10 3.65 -11.45 -1.86
CA GLY A 10 4.23 -12.17 -0.74
C GLY A 10 3.33 -12.18 0.48
N GLN A 11 2.45 -11.20 0.58
CA GLN A 11 1.53 -11.09 1.72
C GLN A 11 2.24 -10.59 2.97
N GLN A 12 3.38 -11.19 3.29
CA GLN A 12 4.14 -10.79 4.47
C GLN A 12 5.15 -9.70 4.12
N VAL A 13 4.76 -8.79 3.24
CA VAL A 13 5.63 -7.69 2.83
C VAL A 13 4.85 -6.38 2.75
N PRO A 14 4.68 -5.69 3.89
CA PRO A 14 3.95 -4.42 3.94
C PRO A 14 4.74 -3.28 3.31
N CYS A 15 4.03 -2.20 2.97
CA CYS A 15 4.66 -1.04 2.35
C CYS A 15 5.64 -0.38 3.31
N CYS A 16 6.79 0.04 2.78
CA CYS A 16 7.82 0.70 3.56
C CYS A 16 7.42 2.13 3.93
N ASP A 17 6.28 2.59 3.42
CA ASP A 17 5.81 3.94 3.70
C ASP A 17 4.80 3.97 4.85
N PRO A 18 4.92 4.96 5.74
CA PRO A 18 4.00 5.11 6.88
C PRO A 18 2.55 5.18 6.44
N CYS A 19 1.69 4.46 7.15
CA CYS A 19 0.26 4.43 6.81
C CYS A 19 0.04 3.80 5.44
N ALA A 20 1.08 3.15 4.90
CA ALA A 20 0.99 2.51 3.60
C ALA A 20 0.93 1.00 3.73
N THR A 21 -0.03 0.37 3.04
CA THR A 21 -0.18 -1.07 3.08
C THR A 21 -0.48 -1.63 1.70
N CYS A 22 0.02 -2.83 1.43
CA CYS A 22 -0.20 -3.48 0.14
C CYS A 22 -1.63 -3.96 -0.01
N TYR A 23 -2.34 -3.36 -0.96
CA TYR A 23 -3.74 -3.74 -1.21
C TYR A 23 -3.88 -4.40 -2.57
N CYS A 24 -4.85 -5.31 -2.68
CA CYS A 24 -5.08 -6.02 -3.93
C CYS A 24 -6.34 -5.51 -4.63
N ARG A 25 -6.22 -5.25 -5.92
CA ARG A 25 -7.35 -4.74 -6.70
C ARG A 25 -8.39 -5.83 -6.94
N PHE A 26 -8.01 -7.06 -6.64
CA PHE A 26 -8.89 -8.21 -6.81
C PHE A 26 -8.63 -9.22 -5.70
N PHE A 27 -9.01 -10.48 -5.93
CA PHE A 27 -8.79 -11.51 -4.95
C PHE A 27 -7.32 -11.61 -4.58
N ASN A 28 -6.50 -11.99 -5.55
CA ASN A 28 -5.06 -12.12 -5.34
C ASN A 28 -4.30 -11.96 -6.65
N ALA A 29 -4.08 -10.71 -7.05
CA ALA A 29 -3.37 -10.42 -8.29
C ALA A 29 -2.65 -9.07 -8.25
N PHE A 30 -3.42 -8.00 -8.36
CA PHE A 30 -2.85 -6.66 -8.34
C PHE A 30 -2.65 -6.17 -6.91
N CYS A 31 -1.70 -6.80 -6.21
CA CYS A 31 -1.41 -6.44 -4.83
C CYS A 31 -0.19 -5.53 -4.75
N TYR A 32 -0.42 -4.24 -4.51
CA TYR A 32 0.68 -3.28 -4.42
C TYR A 32 0.46 -2.31 -3.25
N CYS A 33 1.51 -1.61 -2.87
CA CYS A 33 1.45 -0.67 -1.76
C CYS A 33 0.38 0.39 -2.01
N ARG A 34 -0.30 0.80 -0.94
CA ARG A 34 -1.34 1.82 -1.02
C ARG A 34 -1.23 2.79 0.15
N LYS A 35 -1.25 4.08 -0.15
CA LYS A 35 -1.15 5.11 0.88
C LYS A 35 -2.51 5.43 1.49
N LEU A 36 -3.47 4.52 1.34
CA LEU A 36 -4.80 4.72 1.89
C LEU A 36 -5.45 5.97 1.32
N GLY A 37 -6.45 5.76 0.48
CA GLY A 37 -7.14 6.88 -0.12
C GLY A 37 -8.26 7.42 0.77
N THR A 38 -7.93 7.70 2.03
CA THR A 38 -8.90 8.22 2.97
C THR A 38 -8.89 9.74 2.97
N ALA A 39 -9.51 10.33 1.94
CA ALA A 39 -9.57 11.78 1.81
C ALA A 39 -10.30 12.41 2.98
N MET A 40 -11.05 11.61 3.72
CA MET A 40 -11.80 12.10 4.87
C MET A 40 -10.91 12.13 6.11
N ASN A 41 -10.01 11.16 6.22
CA ASN A 41 -9.10 11.07 7.36
C ASN A 41 -7.78 10.43 6.96
N PRO A 42 -7.01 11.09 6.08
CA PRO A 42 -5.71 10.58 5.61
C PRO A 42 -4.59 10.81 6.62
N CYS A 43 -3.53 10.01 6.53
CA CYS A 43 -2.40 10.13 7.42
C CYS A 43 -1.47 11.23 6.95
N SER A 44 -0.26 10.83 6.62
CA SER A 44 0.77 11.76 6.16
C SER A 44 0.59 12.07 4.68
N ARG A 45 0.21 13.32 4.39
CA ARG A 45 0.01 13.74 3.01
C ARG A 45 0.20 15.25 2.88
N THR A 46 1.44 15.68 2.64
CA THR A 46 1.75 17.10 2.49
C THR A 46 3.04 17.29 1.72
N CYS A 1 10.66 -4.08 2.60
CA CYS A 1 9.21 -3.88 2.34
C CYS A 1 8.97 -3.46 0.89
N VAL A 2 7.79 -2.91 0.63
CA VAL A 2 7.42 -2.46 -0.70
C VAL A 2 7.70 -0.98 -0.87
N ARG A 3 7.77 -0.53 -2.12
CA ARG A 3 8.04 0.86 -2.40
C ARG A 3 6.78 1.72 -2.23
N LEU A 4 6.86 2.98 -2.64
CA LEU A 4 5.75 3.90 -2.52
C LEU A 4 4.62 3.51 -3.47
N HIS A 5 4.97 2.88 -4.59
CA HIS A 5 3.98 2.46 -5.56
C HIS A 5 4.50 1.29 -6.39
N GLU A 6 4.70 0.15 -5.73
CA GLU A 6 5.19 -1.05 -6.39
C GLU A 6 4.49 -2.29 -5.84
N SER A 7 4.47 -3.35 -6.65
CA SER A 7 3.83 -4.60 -6.24
C SER A 7 4.54 -5.20 -5.04
N CYS A 8 3.79 -5.89 -4.19
CA CYS A 8 4.36 -6.51 -3.00
C CYS A 8 4.38 -8.03 -3.13
N LEU A 9 3.50 -8.57 -3.96
CA LEU A 9 3.40 -10.02 -4.19
C LEU A 9 3.97 -10.83 -3.03
N GLY A 10 3.11 -11.17 -2.07
CA GLY A 10 3.54 -11.93 -0.91
C GLY A 10 2.57 -11.85 0.25
N GLN A 11 1.71 -10.82 0.24
CA GLN A 11 0.73 -10.63 1.31
C GLN A 11 1.38 -10.21 2.62
N GLN A 12 2.45 -10.90 3.02
CA GLN A 12 3.14 -10.59 4.27
C GLN A 12 4.18 -9.49 4.06
N VAL A 13 4.22 -8.91 2.86
CA VAL A 13 5.18 -7.85 2.55
C VAL A 13 4.49 -6.50 2.47
N PRO A 14 4.27 -5.83 3.63
CA PRO A 14 3.62 -4.52 3.67
C PRO A 14 4.52 -3.41 3.14
N CYS A 15 3.93 -2.28 2.82
CA CYS A 15 4.68 -1.15 2.30
C CYS A 15 5.67 -0.62 3.34
N CYS A 16 6.85 -0.24 2.87
CA CYS A 16 7.90 0.28 3.75
C CYS A 16 7.56 1.69 4.24
N ASP A 17 6.49 2.26 3.71
CA ASP A 17 6.07 3.61 4.09
C ASP A 17 5.19 3.57 5.34
N PRO A 18 5.39 4.54 6.26
CA PRO A 18 4.60 4.63 7.50
C PRO A 18 3.10 4.67 7.22
N CYS A 19 2.34 3.86 7.92
CA CYS A 19 0.89 3.81 7.74
C CYS A 19 0.53 3.36 6.32
N ALA A 20 1.50 2.77 5.62
CA ALA A 20 1.26 2.30 4.26
C ALA A 20 1.13 0.78 4.23
N THR A 21 0.15 0.29 3.46
CA THR A 21 -0.08 -1.14 3.35
C THR A 21 -0.35 -1.54 1.90
N CYS A 22 0.01 -2.76 1.55
CA CYS A 22 -0.20 -3.26 0.19
C CYS A 22 -1.67 -3.53 -0.08
N TYR A 23 -2.21 -2.86 -1.10
CA TYR A 23 -3.61 -3.03 -1.47
C TYR A 23 -3.73 -3.81 -2.78
N CYS A 24 -4.68 -4.73 -2.83
CA CYS A 24 -4.89 -5.54 -4.02
C CYS A 24 -6.11 -5.06 -4.80
N ARG A 25 -5.94 -4.91 -6.12
CA ARG A 25 -7.03 -4.46 -6.97
C ARG A 25 -8.08 -5.55 -7.15
N PHE A 26 -7.76 -6.76 -6.72
CA PHE A 26 -8.66 -7.89 -6.81
C PHE A 26 -8.48 -8.79 -5.59
N PHE A 27 -8.88 -10.05 -5.71
CA PHE A 27 -8.74 -10.99 -4.63
C PHE A 27 -7.28 -11.08 -4.19
N ASN A 28 -6.43 -11.58 -5.08
CA ASN A 28 -5.01 -11.72 -4.80
C ASN A 28 -4.20 -11.74 -6.09
N ALA A 29 -3.94 -10.56 -6.64
CA ALA A 29 -3.18 -10.45 -7.88
C ALA A 29 -2.43 -9.12 -7.97
N PHE A 30 -3.16 -8.05 -8.24
CA PHE A 30 -2.55 -6.72 -8.36
C PHE A 30 -2.40 -6.07 -7.00
N CYS A 31 -1.46 -6.58 -6.20
CA CYS A 31 -1.20 -6.06 -4.87
C CYS A 31 0.04 -5.17 -4.85
N TYR A 32 -0.17 -3.88 -4.57
CA TYR A 32 0.94 -2.93 -4.52
C TYR A 32 0.77 -2.00 -3.32
N CYS A 33 1.86 -1.32 -2.95
CA CYS A 33 1.84 -0.40 -1.81
C CYS A 33 0.69 0.60 -1.94
N ARG A 34 0.03 0.89 -0.82
CA ARG A 34 -1.07 1.84 -0.80
C ARG A 34 -0.97 2.75 0.43
N LYS A 35 -1.00 4.06 0.19
CA LYS A 35 -0.91 5.03 1.28
C LYS A 35 -2.27 5.28 1.95
N LEU A 36 -3.24 4.44 1.64
CA LEU A 36 -4.58 4.58 2.22
C LEU A 36 -5.19 5.91 1.84
N GLY A 37 -6.24 5.84 1.02
CA GLY A 37 -6.92 7.05 0.57
C GLY A 37 -7.82 7.63 1.64
N THR A 38 -7.27 7.87 2.83
CA THR A 38 -8.04 8.43 3.93
C THR A 38 -7.96 9.95 3.93
N ALA A 39 -8.71 10.57 3.03
CA ALA A 39 -8.73 12.03 2.91
C ALA A 39 -9.21 12.68 4.20
N MET A 40 -9.86 11.90 5.05
CA MET A 40 -10.38 12.42 6.31
C MET A 40 -9.28 12.41 7.39
N ASN A 41 -8.44 11.39 7.35
CA ASN A 41 -7.35 11.27 8.33
C ASN A 41 -6.16 10.53 7.71
N PRO A 42 -5.49 11.15 6.73
CA PRO A 42 -4.33 10.55 6.06
C PRO A 42 -3.07 10.64 6.89
N CYS A 43 -2.26 9.59 6.86
CA CYS A 43 -1.03 9.52 7.60
C CYS A 43 0.09 10.23 6.84
N SER A 44 1.10 9.47 6.50
CA SER A 44 2.25 9.97 5.78
C SER A 44 1.96 10.05 4.27
N ARG A 45 1.21 11.07 3.87
CA ARG A 45 0.87 11.26 2.47
C ARG A 45 0.58 12.73 2.17
N THR A 46 1.54 13.58 2.47
CA THR A 46 1.38 15.02 2.23
C THR A 46 1.99 15.42 0.89
N CYS A 1 10.82 -3.78 2.77
CA CYS A 1 9.36 -3.74 2.47
C CYS A 1 9.11 -3.34 1.02
N VAL A 2 7.89 -2.87 0.74
CA VAL A 2 7.54 -2.45 -0.61
C VAL A 2 7.79 -0.97 -0.80
N ARG A 3 7.85 -0.55 -2.05
CA ARG A 3 8.10 0.86 -2.36
C ARG A 3 6.83 1.69 -2.20
N LEU A 4 6.86 2.91 -2.70
CA LEU A 4 5.72 3.81 -2.61
C LEU A 4 4.58 3.35 -3.50
N HIS A 5 4.93 2.63 -4.57
CA HIS A 5 3.93 2.12 -5.49
C HIS A 5 4.46 0.89 -6.24
N GLU A 6 4.62 -0.21 -5.51
CA GLU A 6 5.11 -1.45 -6.09
C GLU A 6 4.34 -2.65 -5.56
N SER A 7 4.43 -3.77 -6.26
CA SER A 7 3.72 -4.98 -5.86
C SER A 7 4.47 -5.69 -4.72
N CYS A 8 3.72 -6.46 -3.94
CA CYS A 8 4.30 -7.20 -2.81
C CYS A 8 4.26 -8.70 -3.06
N LEU A 9 3.56 -9.11 -4.14
CA LEU A 9 3.42 -10.52 -4.51
C LEU A 9 3.59 -11.47 -3.32
N GLY A 10 2.47 -11.85 -2.72
CA GLY A 10 2.51 -12.75 -1.58
C GLY A 10 1.74 -12.21 -0.38
N GLN A 11 1.58 -10.88 -0.33
CA GLN A 11 0.86 -10.23 0.77
C GLN A 11 1.68 -10.23 2.06
N GLN A 12 2.83 -10.89 2.05
CA GLN A 12 3.69 -10.94 3.23
C GLN A 12 4.76 -9.84 3.18
N VAL A 13 4.46 -8.76 2.46
CA VAL A 13 5.40 -7.66 2.33
C VAL A 13 4.68 -6.32 2.36
N PRO A 14 4.47 -5.74 3.55
CA PRO A 14 3.79 -4.46 3.70
C PRO A 14 4.61 -3.30 3.15
N CYS A 15 3.96 -2.19 2.86
CA CYS A 15 4.63 -1.02 2.31
C CYS A 15 5.63 -0.45 3.31
N CYS A 16 6.83 -0.14 2.83
CA CYS A 16 7.87 0.43 3.67
C CYS A 16 7.56 1.88 4.03
N ASP A 17 6.49 2.43 3.45
CA ASP A 17 6.11 3.81 3.71
C ASP A 17 5.12 3.91 4.88
N PRO A 18 5.32 4.89 5.77
CA PRO A 18 4.44 5.09 6.93
C PRO A 18 2.99 5.25 6.50
N CYS A 19 2.09 4.59 7.22
CA CYS A 19 0.67 4.65 6.91
C CYS A 19 0.38 4.02 5.55
N ALA A 20 1.35 3.32 4.99
CA ALA A 20 1.19 2.68 3.70
C ALA A 20 1.10 1.16 3.84
N THR A 21 0.15 0.55 3.16
CA THR A 21 -0.03 -0.90 3.23
C THR A 21 -0.36 -1.48 1.86
N CYS A 22 0.13 -2.69 1.59
CA CYS A 22 -0.12 -3.35 0.32
C CYS A 22 -1.55 -3.86 0.24
N TYR A 23 -2.23 -3.54 -0.87
CA TYR A 23 -3.60 -3.97 -1.07
C TYR A 23 -3.78 -4.57 -2.47
N CYS A 24 -4.70 -5.53 -2.58
CA CYS A 24 -4.96 -6.19 -3.85
C CYS A 24 -6.26 -5.68 -4.46
N ARG A 25 -6.22 -5.35 -5.75
CA ARG A 25 -7.39 -4.85 -6.45
C ARG A 25 -8.39 -5.97 -6.72
N PHE A 26 -7.97 -7.20 -6.49
CA PHE A 26 -8.82 -8.37 -6.69
C PHE A 26 -8.49 -9.44 -5.64
N PHE A 27 -8.79 -10.69 -5.95
CA PHE A 27 -8.52 -11.78 -5.05
C PHE A 27 -7.05 -11.80 -4.67
N ASN A 28 -6.20 -12.12 -5.63
CA ASN A 28 -4.75 -12.17 -5.41
C ASN A 28 -3.99 -11.93 -6.71
N ALA A 29 -3.84 -10.67 -7.10
CA ALA A 29 -3.14 -10.34 -8.34
C ALA A 29 -2.49 -8.96 -8.26
N PHE A 30 -3.31 -7.91 -8.32
CA PHE A 30 -2.81 -6.55 -8.27
C PHE A 30 -2.58 -6.10 -6.82
N CYS A 31 -1.63 -6.74 -6.16
CA CYS A 31 -1.32 -6.40 -4.77
C CYS A 31 -0.12 -5.47 -4.70
N TYR A 32 -0.38 -4.18 -4.45
CA TYR A 32 0.69 -3.19 -4.36
C TYR A 32 0.46 -2.23 -3.20
N CYS A 33 1.52 -1.51 -2.82
CA CYS A 33 1.46 -0.55 -1.73
C CYS A 33 0.36 0.48 -1.95
N ARG A 34 -0.26 0.90 -0.86
CA ARG A 34 -1.33 1.89 -0.91
C ARG A 34 -1.18 2.91 0.22
N LYS A 35 -1.19 4.19 -0.14
CA LYS A 35 -1.04 5.27 0.84
C LYS A 35 -2.38 5.61 1.49
N LEU A 36 -3.38 4.76 1.33
CA LEU A 36 -4.69 4.99 1.92
C LEU A 36 -5.30 6.27 1.37
N GLY A 37 -6.35 6.11 0.58
CA GLY A 37 -7.03 7.26 0.00
C GLY A 37 -7.94 7.95 0.98
N THR A 38 -7.39 8.35 2.13
CA THR A 38 -8.17 9.04 3.16
C THR A 38 -8.08 10.54 2.96
N ALA A 39 -8.82 11.05 1.99
CA ALA A 39 -8.83 12.48 1.69
C ALA A 39 -9.34 13.29 2.88
N MET A 40 -10.02 12.62 3.80
CA MET A 40 -10.54 13.29 5.00
C MET A 40 -9.48 13.39 6.08
N ASN A 41 -8.63 12.38 6.17
CA ASN A 41 -7.57 12.36 7.16
C ASN A 41 -6.35 11.58 6.65
N PRO A 42 -5.68 12.10 5.62
CA PRO A 42 -4.50 11.46 5.04
C PRO A 42 -3.25 11.61 5.91
N CYS A 43 -2.39 10.60 5.88
CA CYS A 43 -1.18 10.62 6.65
C CYS A 43 -0.08 11.40 5.92
N SER A 44 0.98 10.70 5.58
CA SER A 44 2.10 11.31 4.89
C SER A 44 1.83 11.42 3.40
N ARG A 45 1.39 12.61 2.96
CA ARG A 45 1.10 12.84 1.56
C ARG A 45 1.22 14.32 1.22
N THR A 46 2.27 14.95 1.75
CA THR A 46 2.51 16.37 1.50
C THR A 46 3.74 16.57 0.62
N CYS A 1 10.42 -4.25 3.25
CA CYS A 1 9.06 -3.79 2.89
C CYS A 1 8.98 -3.38 1.43
N VAL A 2 7.82 -2.87 1.01
CA VAL A 2 7.61 -2.45 -0.37
C VAL A 2 7.86 -0.97 -0.53
N ARG A 3 8.05 -0.54 -1.77
CA ARG A 3 8.30 0.87 -2.04
C ARG A 3 7.01 1.68 -2.01
N LEU A 4 7.07 2.91 -2.52
CA LEU A 4 5.91 3.78 -2.54
C LEU A 4 4.86 3.29 -3.51
N HIS A 5 5.28 2.56 -4.53
CA HIS A 5 4.37 2.03 -5.53
C HIS A 5 4.94 0.77 -6.19
N GLU A 6 4.98 -0.31 -5.43
CA GLU A 6 5.49 -1.58 -5.94
C GLU A 6 4.64 -2.74 -5.42
N SER A 7 4.71 -3.87 -6.12
CA SER A 7 3.94 -5.05 -5.74
C SER A 7 4.60 -5.79 -4.59
N CYS A 8 3.78 -6.49 -3.79
CA CYS A 8 4.28 -7.25 -2.65
C CYS A 8 4.11 -8.75 -2.86
N LEU A 9 3.35 -9.12 -3.90
CA LEU A 9 3.08 -10.52 -4.24
C LEU A 9 3.18 -11.45 -3.02
N GLY A 10 2.03 -11.72 -2.42
CA GLY A 10 1.99 -12.59 -1.25
C GLY A 10 1.41 -11.90 -0.03
N GLN A 11 1.13 -10.60 -0.17
CA GLN A 11 0.57 -9.80 0.94
C GLN A 11 1.38 -9.95 2.21
N GLN A 12 2.64 -10.37 2.08
CA GLN A 12 3.51 -10.54 3.24
C GLN A 12 4.46 -9.35 3.38
N VAL A 13 4.70 -8.66 2.25
CA VAL A 13 5.59 -7.51 2.24
C VAL A 13 4.82 -6.19 2.27
N PRO A 14 4.73 -5.55 3.45
CA PRO A 14 4.01 -4.28 3.58
C PRO A 14 4.80 -3.11 3.02
N CYS A 15 4.10 -2.01 2.74
CA CYS A 15 4.75 -0.83 2.20
C CYS A 15 5.72 -0.22 3.19
N CYS A 16 6.82 0.33 2.68
CA CYS A 16 7.84 0.95 3.51
C CYS A 16 7.38 2.29 4.09
N ASP A 17 6.19 2.75 3.68
CA ASP A 17 5.67 4.03 4.16
C ASP A 17 4.66 3.85 5.29
N PRO A 18 4.72 4.73 6.31
CA PRO A 18 3.80 4.69 7.44
C PRO A 18 2.35 4.73 6.99
N CYS A 19 1.52 3.91 7.61
CA CYS A 19 0.10 3.84 7.26
C CYS A 19 -0.10 3.33 5.83
N ALA A 20 0.98 2.82 5.22
CA ALA A 20 0.91 2.29 3.87
C ALA A 20 0.95 0.77 3.87
N THR A 21 -0.09 0.15 3.31
CA THR A 21 -0.17 -1.30 3.25
C THR A 21 -0.41 -1.76 1.82
N CYS A 22 -0.12 -3.04 1.56
CA CYS A 22 -0.28 -3.60 0.23
C CYS A 22 -1.77 -3.77 -0.12
N TYR A 23 -2.26 -2.91 -1.01
CA TYR A 23 -3.65 -2.97 -1.43
C TYR A 23 -3.79 -3.77 -2.72
N CYS A 24 -4.80 -4.64 -2.77
CA CYS A 24 -5.05 -5.47 -3.95
C CYS A 24 -6.30 -5.02 -4.68
N ARG A 25 -6.21 -4.92 -6.00
CA ARG A 25 -7.35 -4.51 -6.81
C ARG A 25 -8.40 -5.61 -6.90
N PHE A 26 -8.01 -6.81 -6.49
CA PHE A 26 -8.92 -7.95 -6.50
C PHE A 26 -8.61 -8.88 -5.33
N PHE A 27 -8.97 -10.15 -5.46
CA PHE A 27 -8.72 -11.12 -4.42
C PHE A 27 -7.23 -11.18 -4.08
N ASN A 28 -6.43 -11.61 -5.06
CA ASN A 28 -4.99 -11.71 -4.89
C ASN A 28 -4.27 -11.63 -6.23
N ALA A 29 -4.04 -10.41 -6.71
CA ALA A 29 -3.37 -10.21 -7.99
C ALA A 29 -2.58 -8.90 -8.00
N PHE A 30 -3.27 -7.79 -8.18
CA PHE A 30 -2.62 -6.49 -8.23
C PHE A 30 -2.43 -5.92 -6.82
N CYS A 31 -1.54 -6.56 -6.06
CA CYS A 31 -1.25 -6.13 -4.69
C CYS A 31 0.01 -5.27 -4.64
N TYR A 32 -0.18 -3.97 -4.43
CA TYR A 32 0.95 -3.04 -4.35
C TYR A 32 0.77 -2.07 -3.19
N CYS A 33 1.85 -1.37 -2.84
CA CYS A 33 1.81 -0.42 -1.74
C CYS A 33 0.67 0.59 -1.91
N ARG A 34 -0.02 0.88 -0.80
CA ARG A 34 -1.12 1.83 -0.81
C ARG A 34 -1.11 2.67 0.46
N LYS A 35 -1.05 3.98 0.30
CA LYS A 35 -1.02 4.89 1.44
C LYS A 35 -2.43 5.19 1.96
N LEU A 36 -3.38 4.31 1.67
CA LEU A 36 -4.75 4.49 2.11
C LEU A 36 -5.33 5.79 1.59
N GLY A 37 -6.26 5.67 0.65
CA GLY A 37 -6.89 6.83 0.07
C GLY A 37 -7.98 7.42 0.95
N THR A 38 -7.62 7.74 2.19
CA THR A 38 -8.57 8.30 3.14
C THR A 38 -8.59 9.83 3.04
N ALA A 39 -9.22 10.34 1.99
CA ALA A 39 -9.31 11.78 1.77
C ALA A 39 -10.04 12.47 2.91
N MET A 40 -10.79 11.69 3.69
CA MET A 40 -11.54 12.23 4.82
C MET A 40 -10.66 12.35 6.06
N ASN A 41 -9.87 11.31 6.32
CA ASN A 41 -8.98 11.29 7.48
C ASN A 41 -7.74 10.45 7.20
N PRO A 42 -6.79 10.97 6.40
CA PRO A 42 -5.56 10.26 6.06
C PRO A 42 -4.52 10.36 7.17
N CYS A 43 -3.51 9.48 7.10
CA CYS A 43 -2.45 9.47 8.08
C CYS A 43 -1.40 10.51 7.75
N SER A 44 -0.20 10.05 7.48
CA SER A 44 0.91 10.93 7.15
C SER A 44 0.88 11.33 5.68
N ARG A 45 0.52 12.59 5.43
CA ARG A 45 0.45 13.11 4.07
C ARG A 45 0.65 14.62 4.05
N THR A 46 1.87 15.05 3.76
CA THR A 46 2.19 16.47 3.71
C THR A 46 2.92 16.82 2.42
N CYS A 1 10.73 -3.94 2.75
CA CYS A 1 9.29 -3.82 2.38
C CYS A 1 9.14 -3.39 0.93
N VAL A 2 7.94 -2.90 0.58
CA VAL A 2 7.67 -2.44 -0.77
C VAL A 2 7.89 -0.95 -0.90
N ARG A 3 8.04 -0.48 -2.13
CA ARG A 3 8.28 0.92 -2.37
C ARG A 3 6.99 1.73 -2.29
N LEU A 4 7.04 2.99 -2.71
CA LEU A 4 5.89 3.87 -2.67
C LEU A 4 4.82 3.43 -3.67
N HIS A 5 5.24 2.71 -4.70
CA HIS A 5 4.32 2.24 -5.73
C HIS A 5 4.87 1.01 -6.43
N GLU A 6 4.96 -0.10 -5.70
CA GLU A 6 5.46 -1.35 -6.25
C GLU A 6 4.64 -2.53 -5.75
N SER A 7 4.71 -3.65 -6.48
CA SER A 7 3.97 -4.85 -6.10
C SER A 7 4.64 -5.55 -4.93
N CYS A 8 3.83 -6.13 -4.04
CA CYS A 8 4.35 -6.83 -2.87
C CYS A 8 4.15 -8.34 -3.01
N LEU A 9 3.17 -8.73 -3.83
CA LEU A 9 2.86 -10.15 -4.07
C LEU A 9 3.33 -11.04 -2.92
N GLY A 10 2.48 -11.20 -1.91
CA GLY A 10 2.82 -12.03 -0.78
C GLY A 10 1.90 -11.81 0.41
N GLN A 11 1.36 -10.60 0.53
CA GLN A 11 0.45 -10.23 1.61
C GLN A 11 1.21 -9.95 2.92
N GLN A 12 2.34 -10.61 3.12
CA GLN A 12 3.13 -10.41 4.34
C GLN A 12 4.16 -9.29 4.15
N VAL A 13 4.27 -8.77 2.93
CA VAL A 13 5.22 -7.71 2.63
C VAL A 13 4.51 -6.37 2.46
N PRO A 14 4.22 -5.67 3.57
CA PRO A 14 3.55 -4.37 3.54
C PRO A 14 4.47 -3.27 3.01
N CYS A 15 3.87 -2.14 2.66
CA CYS A 15 4.64 -1.01 2.15
C CYS A 15 5.60 -0.48 3.21
N CYS A 16 6.83 -0.17 2.79
CA CYS A 16 7.84 0.36 3.69
C CYS A 16 7.53 1.79 4.10
N ASP A 17 6.49 2.38 3.50
CA ASP A 17 6.11 3.76 3.82
C ASP A 17 5.19 3.81 5.03
N PRO A 18 5.39 4.81 5.91
CA PRO A 18 4.57 4.99 7.12
C PRO A 18 3.09 5.05 6.79
N CYS A 19 2.30 4.28 7.53
CA CYS A 19 0.86 4.24 7.33
C CYS A 19 0.50 3.71 5.94
N ALA A 20 1.46 3.07 5.28
CA ALA A 20 1.22 2.53 3.94
C ALA A 20 1.06 1.01 4.00
N THR A 21 0.07 0.51 3.26
CA THR A 21 -0.19 -0.93 3.22
C THR A 21 -0.43 -1.40 1.79
N CYS A 22 -0.10 -2.66 1.52
CA CYS A 22 -0.28 -3.22 0.18
C CYS A 22 -1.76 -3.46 -0.11
N TYR A 23 -2.26 -2.80 -1.15
CA TYR A 23 -3.65 -2.94 -1.56
C TYR A 23 -3.75 -3.72 -2.86
N CYS A 24 -4.71 -4.64 -2.94
CA CYS A 24 -4.90 -5.45 -4.13
C CYS A 24 -6.05 -4.91 -4.98
N ARG A 25 -5.77 -4.68 -6.26
CA ARG A 25 -6.78 -4.16 -7.18
C ARG A 25 -7.82 -5.22 -7.53
N PHE A 26 -7.54 -6.45 -7.13
CA PHE A 26 -8.44 -7.57 -7.40
C PHE A 26 -8.42 -8.52 -6.21
N PHE A 27 -8.82 -9.77 -6.44
CA PHE A 27 -8.83 -10.76 -5.39
C PHE A 27 -7.44 -10.89 -4.76
N ASN A 28 -6.50 -11.42 -5.54
CA ASN A 28 -5.13 -11.60 -5.07
C ASN A 28 -4.16 -11.63 -6.25
N ALA A 29 -3.89 -10.46 -6.83
CA ALA A 29 -2.97 -10.38 -7.96
C ALA A 29 -2.30 -9.01 -8.05
N PHE A 30 -3.11 -7.97 -8.27
CA PHE A 30 -2.58 -6.62 -8.37
C PHE A 30 -2.42 -5.97 -7.00
N CYS A 31 -1.53 -6.55 -6.18
CA CYS A 31 -1.28 -6.05 -4.85
C CYS A 31 0.00 -5.20 -4.81
N TYR A 32 -0.17 -3.90 -4.59
CA TYR A 32 0.96 -2.97 -4.53
C TYR A 32 0.81 -2.01 -3.35
N CYS A 33 1.88 -1.28 -3.06
CA CYS A 33 1.85 -0.32 -1.95
C CYS A 33 0.70 0.68 -2.11
N ARG A 34 0.03 0.97 -1.00
CA ARG A 34 -1.08 1.90 -0.99
C ARG A 34 -0.99 2.83 0.22
N LYS A 35 -0.73 4.11 -0.04
CA LYS A 35 -0.60 5.10 1.03
C LYS A 35 -1.97 5.64 1.46
N LEU A 36 -3.04 4.92 1.15
CA LEU A 36 -4.38 5.35 1.50
C LEU A 36 -4.71 6.68 0.87
N GLY A 37 -5.64 6.64 -0.07
CA GLY A 37 -6.05 7.85 -0.77
C GLY A 37 -6.96 8.73 0.08
N THR A 38 -6.51 9.07 1.28
CA THR A 38 -7.29 9.92 2.19
C THR A 38 -6.94 11.38 1.98
N ALA A 39 -7.45 11.95 0.89
CA ALA A 39 -7.19 13.36 0.58
C ALA A 39 -7.72 14.29 1.67
N MET A 40 -8.62 13.76 2.51
CA MET A 40 -9.19 14.55 3.59
C MET A 40 -8.29 14.52 4.82
N ASN A 41 -7.68 13.35 5.08
CA ASN A 41 -6.80 13.19 6.22
C ASN A 41 -5.72 12.14 5.94
N PRO A 42 -4.68 12.52 5.17
CA PRO A 42 -3.59 11.61 4.82
C PRO A 42 -2.68 11.32 6.02
N CYS A 43 -1.85 10.28 5.89
CA CYS A 43 -0.94 9.90 6.93
C CYS A 43 0.33 10.74 6.87
N SER A 44 1.43 10.07 6.67
CA SER A 44 2.73 10.72 6.60
C SER A 44 2.98 11.30 5.21
N ARG A 45 2.40 12.47 4.94
CA ARG A 45 2.56 13.12 3.64
C ARG A 45 2.36 14.62 3.76
N THR A 46 3.47 15.37 3.66
CA THR A 46 3.42 16.82 3.76
C THR A 46 3.97 17.47 2.49
N CYS A 1 10.58 -4.01 2.90
CA CYS A 1 9.14 -3.77 2.64
C CYS A 1 8.90 -3.43 1.16
N VAL A 2 7.74 -2.84 0.88
CA VAL A 2 7.40 -2.46 -0.49
C VAL A 2 7.77 -1.01 -0.75
N ARG A 3 7.80 -0.64 -2.01
CA ARG A 3 8.16 0.72 -2.38
C ARG A 3 7.00 1.68 -2.16
N LEU A 4 7.09 2.87 -2.74
CA LEU A 4 6.07 3.88 -2.60
C LEU A 4 4.78 3.46 -3.31
N HIS A 5 4.93 2.78 -4.44
CA HIS A 5 3.78 2.32 -5.20
C HIS A 5 4.13 1.11 -6.05
N GLU A 6 4.94 0.22 -5.48
CA GLU A 6 5.35 -1.00 -6.18
C GLU A 6 4.59 -2.21 -5.65
N SER A 7 4.68 -3.32 -6.37
CA SER A 7 4.00 -4.55 -5.95
C SER A 7 4.63 -5.11 -4.68
N CYS A 8 3.82 -5.80 -3.88
CA CYS A 8 4.30 -6.39 -2.64
C CYS A 8 4.36 -7.91 -2.73
N LEU A 9 3.58 -8.47 -3.64
CA LEU A 9 3.51 -9.93 -3.87
C LEU A 9 4.09 -10.73 -2.71
N GLY A 10 3.21 -11.23 -1.84
CA GLY A 10 3.65 -12.00 -0.70
C GLY A 10 2.66 -11.96 0.46
N GLN A 11 1.83 -10.92 0.49
CA GLN A 11 0.84 -10.75 1.54
C GLN A 11 1.48 -10.31 2.86
N GLN A 12 2.56 -10.99 3.27
CA GLN A 12 3.25 -10.66 4.51
C GLN A 12 4.36 -9.64 4.26
N VAL A 13 4.10 -8.70 3.35
CA VAL A 13 5.08 -7.68 3.02
C VAL A 13 4.42 -6.31 2.91
N PRO A 14 4.24 -5.60 4.04
CA PRO A 14 3.61 -4.28 4.06
C PRO A 14 4.52 -3.21 3.46
N CYS A 15 3.92 -2.08 3.11
CA CYS A 15 4.67 -0.97 2.51
C CYS A 15 5.69 -0.41 3.50
N CYS A 16 6.87 -0.06 2.98
CA CYS A 16 7.93 0.50 3.79
C CYS A 16 7.63 1.95 4.21
N ASP A 17 6.53 2.50 3.68
CA ASP A 17 6.16 3.87 3.99
C ASP A 17 5.15 3.94 5.14
N PRO A 18 5.30 4.93 6.03
CA PRO A 18 4.39 5.11 7.17
C PRO A 18 2.94 5.23 6.74
N CYS A 19 2.06 4.52 7.42
CA CYS A 19 0.63 4.54 7.09
C CYS A 19 0.39 3.97 5.70
N ALA A 20 1.40 3.30 5.13
CA ALA A 20 1.26 2.71 3.81
C ALA A 20 1.15 1.19 3.90
N THR A 21 0.20 0.63 3.17
CA THR A 21 -0.02 -0.83 3.18
C THR A 21 -0.32 -1.34 1.78
N CYS A 22 -0.05 -2.61 1.55
CA CYS A 22 -0.32 -3.22 0.25
C CYS A 22 -1.81 -3.40 0.01
N TYR A 23 -2.22 -3.24 -1.24
CA TYR A 23 -3.63 -3.39 -1.60
C TYR A 23 -3.76 -4.01 -2.99
N CYS A 24 -4.67 -4.98 -3.10
CA CYS A 24 -4.89 -5.67 -4.38
C CYS A 24 -6.11 -5.09 -5.10
N ARG A 25 -5.98 -4.88 -6.40
CA ARG A 25 -7.07 -4.34 -7.20
C ARG A 25 -8.18 -5.39 -7.39
N PHE A 26 -7.88 -6.62 -7.02
CA PHE A 26 -8.83 -7.71 -7.14
C PHE A 26 -8.65 -8.69 -5.98
N PHE A 27 -9.02 -9.95 -6.19
CA PHE A 27 -8.88 -10.96 -5.15
C PHE A 27 -7.43 -11.03 -4.69
N ASN A 28 -6.55 -11.50 -5.57
CA ASN A 28 -5.13 -11.62 -5.26
C ASN A 28 -4.29 -11.59 -6.53
N ALA A 29 -3.99 -10.40 -7.02
CA ALA A 29 -3.19 -10.25 -8.23
C ALA A 29 -2.40 -8.95 -8.23
N PHE A 30 -3.07 -7.84 -8.52
CA PHE A 30 -2.40 -6.54 -8.56
C PHE A 30 -2.31 -5.92 -7.17
N CYS A 31 -1.41 -6.47 -6.35
CA CYS A 31 -1.22 -5.98 -5.00
C CYS A 31 0.02 -5.09 -4.90
N TYR A 32 -0.21 -3.80 -4.62
CA TYR A 32 0.88 -2.84 -4.49
C TYR A 32 0.68 -1.94 -3.28
N CYS A 33 1.73 -1.22 -2.90
CA CYS A 33 1.67 -0.31 -1.76
C CYS A 33 0.63 0.79 -1.98
N ARG A 34 0.02 1.22 -0.88
CA ARG A 34 -0.98 2.28 -0.92
C ARG A 34 -0.83 3.21 0.28
N LYS A 35 -0.72 4.51 0.00
CA LYS A 35 -0.54 5.50 1.07
C LYS A 35 -1.89 5.93 1.66
N LEU A 36 -2.94 5.18 1.38
CA LEU A 36 -4.26 5.49 1.90
C LEU A 36 -4.73 6.84 1.40
N GLY A 37 -5.73 6.81 0.53
CA GLY A 37 -6.28 8.04 -0.02
C GLY A 37 -7.31 8.69 0.88
N THR A 38 -6.95 8.89 2.14
CA THR A 38 -7.86 9.51 3.10
C THR A 38 -7.65 11.02 3.13
N ALA A 39 -8.15 11.70 2.11
CA ALA A 39 -8.02 13.15 2.02
C ALA A 39 -8.70 13.85 3.20
N MET A 40 -9.60 13.13 3.87
CA MET A 40 -10.31 13.68 5.01
C MET A 40 -9.49 13.53 6.29
N ASN A 41 -8.73 12.44 6.36
CA ASN A 41 -7.89 12.18 7.53
C ASN A 41 -6.64 11.40 7.14
N PRO A 42 -5.75 12.01 6.34
CA PRO A 42 -4.51 11.37 5.90
C PRO A 42 -3.43 11.39 6.96
N CYS A 43 -2.51 10.43 6.89
CA CYS A 43 -1.42 10.33 7.83
C CYS A 43 -0.30 11.28 7.46
N SER A 44 0.85 10.70 7.17
CA SER A 44 2.02 11.47 6.80
C SER A 44 1.98 11.86 5.32
N ARG A 45 1.64 13.12 5.07
CA ARG A 45 1.56 13.62 3.70
C ARG A 45 1.76 15.13 3.66
N THR A 46 2.55 15.64 4.60
CA THR A 46 2.83 17.08 4.67
C THR A 46 4.09 17.42 3.89
N CYS A 1 10.87 -4.08 2.92
CA CYS A 1 9.42 -3.89 2.65
C CYS A 1 9.19 -3.50 1.19
N VAL A 2 8.02 -2.94 0.91
CA VAL A 2 7.68 -2.52 -0.45
C VAL A 2 8.02 -1.05 -0.66
N ARG A 3 8.01 -0.62 -1.91
CA ARG A 3 8.32 0.76 -2.23
C ARG A 3 7.14 1.68 -1.92
N LEU A 4 7.17 2.87 -2.50
CA LEU A 4 6.11 3.85 -2.27
C LEU A 4 4.79 3.40 -2.88
N HIS A 5 4.85 2.88 -4.10
CA HIS A 5 3.65 2.42 -4.79
C HIS A 5 3.98 1.39 -5.86
N GLU A 6 4.28 0.17 -5.43
CA GLU A 6 4.59 -0.91 -6.36
C GLU A 6 4.00 -2.23 -5.86
N SER A 7 4.16 -3.27 -6.67
CA SER A 7 3.64 -4.59 -6.33
C SER A 7 4.45 -5.20 -5.18
N CYS A 8 3.75 -5.84 -4.24
CA CYS A 8 4.41 -6.45 -3.09
C CYS A 8 4.36 -7.97 -3.19
N LEU A 9 3.34 -8.48 -3.88
CA LEU A 9 3.15 -9.93 -4.06
C LEU A 9 3.83 -10.74 -2.95
N GLY A 10 3.07 -11.03 -1.89
CA GLY A 10 3.62 -11.79 -0.79
C GLY A 10 2.70 -11.83 0.42
N GLN A 11 1.83 -10.82 0.54
CA GLN A 11 0.89 -10.73 1.66
C GLN A 11 1.59 -10.31 2.95
N GLN A 12 2.67 -10.98 3.30
CA GLN A 12 3.41 -10.65 4.51
C GLN A 12 4.46 -9.57 4.27
N VAL A 13 4.42 -8.95 3.08
CA VAL A 13 5.36 -7.89 2.75
C VAL A 13 4.69 -6.52 2.77
N PRO A 14 4.59 -5.90 3.97
CA PRO A 14 3.96 -4.59 4.13
C PRO A 14 4.81 -3.48 3.52
N CYS A 15 4.16 -2.36 3.23
CA CYS A 15 4.85 -1.21 2.64
C CYS A 15 5.87 -0.62 3.61
N CYS A 16 7.03 -0.25 3.09
CA CYS A 16 8.09 0.34 3.91
C CYS A 16 7.75 1.78 4.30
N ASP A 17 6.64 2.31 3.79
CA ASP A 17 6.24 3.68 4.08
C ASP A 17 5.17 3.74 5.18
N PRO A 18 5.35 4.65 6.16
CA PRO A 18 4.39 4.81 7.26
C PRO A 18 2.98 5.08 6.74
N CYS A 19 2.00 4.46 7.38
CA CYS A 19 0.61 4.61 6.98
C CYS A 19 0.38 4.02 5.59
N ALA A 20 1.37 3.31 5.06
CA ALA A 20 1.26 2.70 3.74
C ALA A 20 1.10 1.19 3.86
N THR A 21 0.12 0.64 3.14
CA THR A 21 -0.13 -0.79 3.16
C THR A 21 -0.44 -1.32 1.76
N CYS A 22 -0.03 -2.55 1.50
CA CYS A 22 -0.26 -3.17 0.19
C CYS A 22 -1.72 -3.59 0.04
N TYR A 23 -2.38 -3.04 -0.98
CA TYR A 23 -3.77 -3.36 -1.25
C TYR A 23 -3.92 -4.04 -2.61
N CYS A 24 -4.81 -5.02 -2.69
CA CYS A 24 -5.04 -5.76 -3.92
C CYS A 24 -6.27 -5.24 -4.65
N ARG A 25 -6.13 -4.97 -5.94
CA ARG A 25 -7.23 -4.47 -6.75
C ARG A 25 -8.25 -5.56 -7.03
N PHE A 26 -7.89 -6.79 -6.70
CA PHE A 26 -8.77 -7.94 -6.90
C PHE A 26 -8.59 -8.94 -5.76
N PHE A 27 -8.90 -10.20 -6.03
CA PHE A 27 -8.76 -11.24 -5.02
C PHE A 27 -7.33 -11.26 -4.47
N ASN A 28 -6.40 -11.70 -5.30
CA ASN A 28 -4.99 -11.77 -4.91
C ASN A 28 -4.09 -11.73 -6.14
N ALA A 29 -3.90 -10.53 -6.69
CA ALA A 29 -3.05 -10.38 -7.87
C ALA A 29 -2.43 -8.99 -7.94
N PHE A 30 -3.27 -7.97 -8.15
CA PHE A 30 -2.79 -6.60 -8.24
C PHE A 30 -2.63 -5.98 -6.85
N CYS A 31 -1.68 -6.51 -6.09
CA CYS A 31 -1.42 -6.01 -4.74
C CYS A 31 -0.20 -5.09 -4.73
N TYR A 32 -0.44 -3.81 -4.43
CA TYR A 32 0.65 -2.83 -4.39
C TYR A 32 0.48 -1.91 -3.19
N CYS A 33 1.58 -1.26 -2.79
CA CYS A 33 1.56 -0.35 -1.64
C CYS A 33 0.64 0.84 -1.90
N ARG A 34 -0.06 1.26 -0.85
CA ARG A 34 -0.95 2.41 -0.93
C ARG A 34 -0.85 3.25 0.33
N LYS A 35 -0.75 4.57 0.17
CA LYS A 35 -0.64 5.48 1.30
C LYS A 35 -2.02 5.85 1.86
N LEU A 36 -2.99 4.96 1.71
CA LEU A 36 -4.34 5.20 2.20
C LEU A 36 -4.92 6.48 1.62
N GLY A 37 -5.88 6.32 0.72
CA GLY A 37 -6.51 7.46 0.09
C GLY A 37 -7.56 8.11 0.97
N THR A 38 -7.15 8.51 2.17
CA THR A 38 -8.07 9.16 3.10
C THR A 38 -8.00 10.68 2.93
N ALA A 39 -8.66 11.17 1.90
CA ALA A 39 -8.69 12.60 1.62
C ALA A 39 -9.31 13.39 2.77
N MET A 40 -9.99 12.69 3.66
CA MET A 40 -10.63 13.33 4.81
C MET A 40 -9.64 13.52 5.94
N ASN A 41 -8.79 12.51 6.16
CA ASN A 41 -7.79 12.56 7.22
C ASN A 41 -6.57 11.73 6.86
N PRO A 42 -5.72 12.24 5.94
CA PRO A 42 -4.50 11.55 5.51
C PRO A 42 -3.40 11.62 6.57
N CYS A 43 -2.46 10.69 6.50
CA CYS A 43 -1.36 10.64 7.42
C CYS A 43 -0.27 11.62 7.02
N SER A 44 0.90 11.08 6.72
CA SER A 44 2.04 11.88 6.33
C SER A 44 1.96 12.24 4.85
N ARG A 45 2.15 13.52 4.55
CA ARG A 45 2.10 14.00 3.17
C ARG A 45 2.92 15.29 3.02
N THR A 46 4.20 15.14 2.76
CA THR A 46 5.09 16.29 2.60
C THR A 46 6.15 16.01 1.53
N CYS A 1 10.32 -4.01 3.15
CA CYS A 1 8.97 -3.56 2.75
C CYS A 1 8.92 -3.23 1.26
N VAL A 2 7.76 -2.74 0.81
CA VAL A 2 7.57 -2.39 -0.59
C VAL A 2 7.81 -0.91 -0.83
N ARG A 3 8.03 -0.54 -2.08
CA ARG A 3 8.28 0.84 -2.43
C ARG A 3 6.97 1.63 -2.46
N LEU A 4 7.01 2.81 -3.07
CA LEU A 4 5.84 3.67 -3.16
C LEU A 4 4.78 3.05 -4.06
N HIS A 5 5.20 2.22 -5.00
CA HIS A 5 4.29 1.56 -5.92
C HIS A 5 4.90 0.29 -6.47
N GLU A 6 4.94 -0.75 -5.65
CA GLU A 6 5.48 -2.04 -6.05
C GLU A 6 4.61 -3.18 -5.55
N SER A 7 4.78 -4.36 -6.15
CA SER A 7 4.00 -5.53 -5.77
C SER A 7 4.60 -6.20 -4.54
N CYS A 8 3.73 -6.80 -3.72
CA CYS A 8 4.16 -7.48 -2.51
C CYS A 8 3.96 -9.00 -2.63
N LEU A 9 3.20 -9.42 -3.63
CA LEU A 9 2.91 -10.84 -3.88
C LEU A 9 2.99 -11.68 -2.61
N GLY A 10 1.86 -11.87 -1.96
CA GLY A 10 1.83 -12.65 -0.73
C GLY A 10 1.25 -11.88 0.45
N GLN A 11 1.22 -10.56 0.32
CA GLN A 11 0.69 -9.70 1.37
C GLN A 11 1.60 -9.69 2.61
N GLN A 12 2.76 -10.35 2.50
CA GLN A 12 3.70 -10.40 3.61
C GLN A 12 4.77 -9.32 3.46
N VAL A 13 4.47 -8.29 2.68
CA VAL A 13 5.42 -7.20 2.45
C VAL A 13 4.69 -5.85 2.38
N PRO A 14 4.52 -5.18 3.53
CA PRO A 14 3.85 -3.87 3.58
C PRO A 14 4.67 -2.78 2.94
N CYS A 15 4.00 -1.69 2.56
CA CYS A 15 4.67 -0.55 1.93
C CYS A 15 5.66 0.09 2.88
N CYS A 16 6.77 0.58 2.34
CA CYS A 16 7.81 1.24 3.12
C CYS A 16 7.36 2.61 3.63
N ASP A 17 6.20 3.07 3.14
CA ASP A 17 5.68 4.38 3.55
C ASP A 17 4.80 4.28 4.79
N PRO A 18 4.91 5.27 5.70
CA PRO A 18 4.11 5.30 6.93
C PRO A 18 2.63 5.20 6.64
N CYS A 19 1.93 4.39 7.43
CA CYS A 19 0.50 4.21 7.26
C CYS A 19 0.17 3.63 5.88
N ALA A 20 1.18 3.15 5.16
CA ALA A 20 0.97 2.58 3.85
C ALA A 20 1.05 1.05 3.90
N THR A 21 0.07 0.39 3.27
CA THR A 21 0.02 -1.06 3.25
C THR A 21 -0.27 -1.57 1.84
N CYS A 22 0.13 -2.81 1.57
CA CYS A 22 -0.10 -3.40 0.27
C CYS A 22 -1.56 -3.75 0.06
N TYR A 23 -2.15 -3.21 -1.00
CA TYR A 23 -3.55 -3.46 -1.31
C TYR A 23 -3.69 -4.13 -2.68
N CYS A 24 -4.72 -4.95 -2.82
CA CYS A 24 -4.97 -5.66 -4.08
C CYS A 24 -6.17 -5.08 -4.80
N ARG A 25 -6.02 -4.84 -6.10
CA ARG A 25 -7.10 -4.29 -6.91
C ARG A 25 -8.18 -5.33 -7.18
N PHE A 26 -7.89 -6.58 -6.84
CA PHE A 26 -8.81 -7.67 -7.04
C PHE A 26 -8.69 -8.67 -5.88
N PHE A 27 -9.12 -9.89 -6.10
CA PHE A 27 -9.04 -10.92 -5.09
C PHE A 27 -7.61 -11.08 -4.60
N ASN A 28 -6.74 -11.57 -5.47
CA ASN A 28 -5.33 -11.75 -5.13
C ASN A 28 -4.47 -11.74 -6.38
N ALA A 29 -4.17 -10.55 -6.90
CA ALA A 29 -3.36 -10.42 -8.09
C ALA A 29 -2.56 -9.12 -8.10
N PHE A 30 -3.26 -8.01 -8.30
CA PHE A 30 -2.61 -6.70 -8.33
C PHE A 30 -2.42 -6.15 -6.92
N CYS A 31 -1.57 -6.81 -6.14
CA CYS A 31 -1.30 -6.39 -4.77
C CYS A 31 -0.01 -5.57 -4.70
N TYR A 32 -0.15 -4.27 -4.50
CA TYR A 32 1.01 -3.38 -4.41
C TYR A 32 0.85 -2.37 -3.28
N CYS A 33 1.90 -1.60 -3.01
CA CYS A 33 1.88 -0.60 -1.96
C CYS A 33 0.71 0.36 -2.12
N ARG A 34 0.04 0.66 -1.01
CA ARG A 34 -1.10 1.58 -1.02
C ARG A 34 -1.03 2.50 0.19
N LYS A 35 -0.89 3.80 -0.07
CA LYS A 35 -0.81 4.79 1.01
C LYS A 35 -2.21 5.22 1.48
N LEU A 36 -3.21 4.38 1.27
CA LEU A 36 -4.56 4.68 1.68
C LEU A 36 -5.07 5.94 1.02
N GLY A 37 -6.02 5.77 0.12
CA GLY A 37 -6.59 6.90 -0.60
C GLY A 37 -7.61 7.66 0.23
N THR A 38 -7.20 8.10 1.42
CA THR A 38 -8.08 8.84 2.30
C THR A 38 -7.95 10.33 2.05
N ALA A 39 -8.57 10.81 0.98
CA ALA A 39 -8.51 12.21 0.62
C ALA A 39 -9.13 13.09 1.70
N MET A 40 -9.91 12.48 2.58
CA MET A 40 -10.55 13.21 3.67
C MET A 40 -9.60 13.37 4.85
N ASN A 41 -8.78 12.35 5.09
CA ASN A 41 -7.82 12.38 6.19
C ASN A 41 -6.58 11.55 5.85
N PRO A 42 -5.78 12.00 4.87
CA PRO A 42 -4.57 11.30 4.45
C PRO A 42 -3.41 11.54 5.41
N CYS A 43 -2.39 10.69 5.32
CA CYS A 43 -1.23 10.79 6.17
C CYS A 43 -0.26 11.82 5.62
N SER A 44 0.93 11.35 5.29
CA SER A 44 1.98 12.19 4.75
C SER A 44 1.79 12.41 3.24
N ARG A 45 0.99 13.40 2.88
CA ARG A 45 0.73 13.71 1.48
C ARG A 45 0.33 15.17 1.30
N THR A 46 1.02 16.05 2.03
CA THR A 46 0.74 17.49 1.94
C THR A 46 0.94 18.00 0.52
N CYS A 1 10.41 -3.74 3.28
CA CYS A 1 9.00 -3.49 2.86
C CYS A 1 8.93 -3.18 1.37
N VAL A 2 7.80 -2.62 0.94
CA VAL A 2 7.60 -2.26 -0.46
C VAL A 2 7.91 -0.80 -0.70
N ARG A 3 8.04 -0.43 -1.96
CA ARG A 3 8.34 0.95 -2.31
C ARG A 3 7.09 1.81 -2.24
N LEU A 4 7.15 3.00 -2.85
CA LEU A 4 6.04 3.92 -2.85
C LEU A 4 4.90 3.39 -3.71
N HIS A 5 5.24 2.65 -4.76
CA HIS A 5 4.26 2.09 -5.65
C HIS A 5 4.80 0.85 -6.36
N GLU A 6 4.94 -0.23 -5.61
CA GLU A 6 5.45 -1.48 -6.17
C GLU A 6 4.70 -2.68 -5.60
N SER A 7 4.77 -3.80 -6.30
CA SER A 7 4.10 -5.03 -5.86
C SER A 7 4.88 -5.70 -4.74
N CYS A 8 4.17 -6.42 -3.87
CA CYS A 8 4.80 -7.10 -2.76
C CYS A 8 4.77 -8.62 -2.95
N LEU A 9 3.63 -9.10 -3.41
CA LEU A 9 3.41 -10.53 -3.67
C LEU A 9 2.81 -11.22 -2.45
N GLY A 10 1.61 -11.75 -2.61
CA GLY A 10 0.95 -12.43 -1.51
C GLY A 10 0.68 -11.52 -0.32
N GLN A 11 0.75 -10.21 -0.55
CA GLN A 11 0.52 -9.22 0.50
C GLN A 11 1.29 -9.55 1.78
N GLN A 12 2.42 -10.24 1.62
CA GLN A 12 3.24 -10.62 2.76
C GLN A 12 4.29 -9.55 3.06
N VAL A 13 4.20 -8.42 2.37
CA VAL A 13 5.15 -7.33 2.57
C VAL A 13 4.46 -5.97 2.48
N PRO A 14 4.15 -5.35 3.63
CA PRO A 14 3.48 -4.04 3.66
C PRO A 14 4.38 -2.93 3.15
N CYS A 15 3.78 -1.82 2.76
CA CYS A 15 4.54 -0.68 2.25
C CYS A 15 5.47 -0.10 3.31
N CYS A 16 6.69 0.23 2.91
CA CYS A 16 7.67 0.81 3.82
C CYS A 16 7.32 2.25 4.18
N ASP A 17 6.30 2.79 3.53
CA ASP A 17 5.87 4.17 3.78
C ASP A 17 4.87 4.26 4.93
N PRO A 18 4.97 5.31 5.76
CA PRO A 18 4.06 5.51 6.89
C PRO A 18 2.61 5.53 6.46
N CYS A 19 1.77 4.80 7.19
CA CYS A 19 0.35 4.72 6.87
C CYS A 19 0.13 4.06 5.50
N ALA A 20 1.17 3.43 4.97
CA ALA A 20 1.07 2.77 3.67
C ALA A 20 1.07 1.26 3.82
N THR A 21 0.15 0.60 3.13
CA THR A 21 0.04 -0.85 3.19
C THR A 21 -0.18 -1.44 1.80
N CYS A 22 0.33 -2.65 1.57
CA CYS A 22 0.17 -3.31 0.28
C CYS A 22 -1.25 -3.80 0.08
N TYR A 23 -1.95 -3.20 -0.89
CA TYR A 23 -3.33 -3.60 -1.18
C TYR A 23 -3.43 -4.24 -2.56
N CYS A 24 -4.42 -5.11 -2.72
CA CYS A 24 -4.63 -5.80 -3.99
C CYS A 24 -5.84 -5.23 -4.73
N ARG A 25 -5.69 -5.06 -6.04
CA ARG A 25 -6.77 -4.52 -6.86
C ARG A 25 -7.87 -5.56 -7.06
N PHE A 26 -7.59 -6.80 -6.68
CA PHE A 26 -8.54 -7.88 -6.80
C PHE A 26 -8.37 -8.86 -5.64
N PHE A 27 -8.79 -10.10 -5.85
CA PHE A 27 -8.66 -11.12 -4.82
C PHE A 27 -7.20 -11.26 -4.38
N ASN A 28 -6.36 -11.71 -5.30
CA ASN A 28 -4.95 -11.89 -5.02
C ASN A 28 -4.12 -11.85 -6.30
N ALA A 29 -3.80 -10.64 -6.77
CA ALA A 29 -3.04 -10.49 -7.99
C ALA A 29 -2.21 -9.20 -8.00
N PHE A 30 -2.88 -8.07 -8.24
CA PHE A 30 -2.21 -6.78 -8.28
C PHE A 30 -2.07 -6.21 -6.87
N CYS A 31 -1.18 -6.79 -6.07
CA CYS A 31 -0.96 -6.34 -4.70
C CYS A 31 0.28 -5.46 -4.62
N TYR A 32 0.07 -4.15 -4.44
CA TYR A 32 1.18 -3.21 -4.34
C TYR A 32 0.95 -2.21 -3.21
N CYS A 33 1.97 -1.41 -2.93
CA CYS A 33 1.90 -0.41 -1.87
C CYS A 33 0.72 0.55 -2.07
N ARG A 34 0.05 0.87 -0.96
CA ARG A 34 -1.09 1.78 -0.99
C ARG A 34 -1.01 2.75 0.19
N LYS A 35 -0.80 4.03 -0.12
CA LYS A 35 -0.70 5.05 0.92
C LYS A 35 -2.06 5.55 1.37
N LEU A 36 -3.11 4.77 1.11
CA LEU A 36 -4.46 5.15 1.50
C LEU A 36 -4.87 6.47 0.86
N GLY A 37 -5.82 6.38 -0.07
CA GLY A 37 -6.30 7.56 -0.75
C GLY A 37 -7.40 8.27 0.02
N THR A 38 -7.13 8.56 1.29
CA THR A 38 -8.10 9.26 2.12
C THR A 38 -7.88 10.76 2.07
N ALA A 39 -8.32 11.37 0.97
CA ALA A 39 -8.17 12.81 0.77
C ALA A 39 -8.92 13.60 1.85
N MET A 40 -9.84 12.93 2.53
CA MET A 40 -10.62 13.57 3.59
C MET A 40 -9.86 13.54 4.92
N ASN A 41 -9.13 12.46 5.15
CA ASN A 41 -8.36 12.31 6.37
C ASN A 41 -7.12 11.45 6.13
N PRO A 42 -6.17 11.95 5.32
CA PRO A 42 -4.93 11.24 5.00
C PRO A 42 -3.88 11.38 6.10
N CYS A 43 -2.94 10.42 6.14
CA CYS A 43 -1.89 10.43 7.12
C CYS A 43 -0.76 11.34 6.69
N SER A 44 0.39 10.76 6.46
CA SER A 44 1.57 11.50 6.05
C SER A 44 1.54 11.77 4.55
N ARG A 45 1.00 12.93 4.18
CA ARG A 45 0.92 13.31 2.76
C ARG A 45 0.87 14.83 2.62
N THR A 46 2.04 15.45 2.56
CA THR A 46 2.13 16.90 2.42
C THR A 46 3.12 17.28 1.32
N CYS A 1 10.14 -4.44 3.20
CA CYS A 1 8.82 -3.86 2.88
C CYS A 1 8.69 -3.53 1.40
N VAL A 2 7.57 -2.93 1.03
CA VAL A 2 7.32 -2.56 -0.37
C VAL A 2 7.68 -1.11 -0.63
N ARG A 3 7.78 -0.75 -1.90
CA ARG A 3 8.12 0.60 -2.28
C ARG A 3 6.92 1.53 -2.15
N LEU A 4 7.04 2.74 -2.68
CA LEU A 4 5.97 3.72 -2.61
C LEU A 4 4.77 3.29 -3.45
N HIS A 5 5.04 2.64 -4.58
CA HIS A 5 4.00 2.18 -5.47
C HIS A 5 4.46 1.00 -6.30
N GLU A 6 4.61 -0.16 -5.64
CA GLU A 6 5.04 -1.38 -6.32
C GLU A 6 4.27 -2.58 -5.80
N SER A 7 4.35 -3.68 -6.54
CA SER A 7 3.66 -4.91 -6.15
C SER A 7 4.48 -5.70 -5.14
N CYS A 8 3.80 -6.32 -4.19
CA CYS A 8 4.48 -7.10 -3.15
C CYS A 8 4.10 -8.58 -3.22
N LEU A 9 2.87 -8.84 -3.67
CA LEU A 9 2.34 -10.20 -3.79
C LEU A 9 2.95 -11.14 -2.74
N GLY A 10 3.10 -10.64 -1.51
CA GLY A 10 3.67 -11.44 -0.44
C GLY A 10 2.78 -11.49 0.79
N GLN A 11 1.76 -10.64 0.84
CA GLN A 11 0.83 -10.60 1.97
C GLN A 11 1.48 -10.01 3.22
N GLN A 12 2.58 -10.63 3.67
CA GLN A 12 3.28 -10.17 4.86
C GLN A 12 4.33 -9.11 4.54
N VAL A 13 4.28 -8.55 3.34
CA VAL A 13 5.24 -7.53 2.94
C VAL A 13 4.59 -6.14 2.92
N PRO A 14 4.58 -5.46 4.08
CA PRO A 14 4.00 -4.12 4.20
C PRO A 14 4.80 -3.06 3.45
N CYS A 15 4.14 -1.96 3.11
CA CYS A 15 4.78 -0.87 2.40
C CYS A 15 5.86 -0.21 3.26
N CYS A 16 6.93 0.25 2.62
CA CYS A 16 8.04 0.91 3.31
C CYS A 16 7.65 2.31 3.78
N ASP A 17 6.46 2.77 3.40
CA ASP A 17 6.01 4.11 3.77
C ASP A 17 5.06 4.08 4.98
N PRO A 18 5.18 5.07 5.88
CA PRO A 18 4.33 5.16 7.06
C PRO A 18 2.85 5.20 6.69
N CYS A 19 2.04 4.43 7.42
CA CYS A 19 0.61 4.37 7.14
C CYS A 19 0.33 3.75 5.77
N ALA A 20 1.37 3.19 5.15
CA ALA A 20 1.20 2.56 3.84
C ALA A 20 1.20 1.04 3.97
N THR A 21 0.21 0.42 3.34
CA THR A 21 0.08 -1.03 3.39
C THR A 21 -0.22 -1.60 2.00
N CYS A 22 0.24 -2.82 1.75
CA CYS A 22 0.03 -3.47 0.47
C CYS A 22 -1.43 -3.91 0.33
N TYR A 23 -2.10 -3.39 -0.70
CA TYR A 23 -3.49 -3.74 -0.94
C TYR A 23 -3.67 -4.34 -2.34
N CYS A 24 -4.70 -5.17 -2.49
CA CYS A 24 -4.98 -5.82 -3.77
C CYS A 24 -6.26 -5.27 -4.39
N ARG A 25 -6.18 -4.91 -5.67
CA ARG A 25 -7.34 -4.37 -6.38
C ARG A 25 -8.34 -5.48 -6.71
N PHE A 26 -7.91 -6.72 -6.54
CA PHE A 26 -8.74 -7.87 -6.81
C PHE A 26 -8.43 -8.98 -5.81
N PHE A 27 -8.76 -10.22 -6.16
CA PHE A 27 -8.50 -11.34 -5.29
C PHE A 27 -7.01 -11.43 -4.96
N ASN A 28 -6.20 -11.71 -5.97
CA ASN A 28 -4.76 -11.80 -5.79
C ASN A 28 -4.03 -11.51 -7.10
N ALA A 29 -3.90 -10.23 -7.44
CA ALA A 29 -3.23 -9.83 -8.67
C ALA A 29 -2.62 -8.43 -8.54
N PHE A 30 -3.47 -7.43 -8.41
CA PHE A 30 -3.01 -6.05 -8.28
C PHE A 30 -2.68 -5.72 -6.83
N CYS A 31 -1.74 -6.48 -6.25
CA CYS A 31 -1.34 -6.28 -4.87
C CYS A 31 -0.09 -5.41 -4.78
N TYR A 32 -0.27 -4.13 -4.46
CA TYR A 32 0.85 -3.21 -4.33
C TYR A 32 0.66 -2.28 -3.15
N CYS A 33 1.70 -1.51 -2.82
CA CYS A 33 1.65 -0.58 -1.70
C CYS A 33 0.49 0.42 -1.84
N ARG A 34 -0.10 0.78 -0.72
CA ARG A 34 -1.21 1.72 -0.68
C ARG A 34 -1.01 2.73 0.46
N LYS A 35 -0.80 3.99 0.11
CA LYS A 35 -0.58 5.04 1.11
C LYS A 35 -1.89 5.56 1.70
N LEU A 36 -3.01 4.93 1.34
CA LEU A 36 -4.30 5.33 1.84
C LEU A 36 -4.63 6.77 1.43
N GLY A 37 -5.61 6.89 0.55
CA GLY A 37 -6.01 8.19 0.07
C GLY A 37 -7.15 8.78 0.88
N THR A 38 -6.99 8.82 2.20
CA THR A 38 -8.00 9.35 3.09
C THR A 38 -7.75 10.84 3.34
N ALA A 39 -8.12 11.67 2.37
CA ALA A 39 -7.92 13.11 2.47
C ALA A 39 -8.70 13.69 3.66
N MET A 40 -9.66 12.93 4.17
CA MET A 40 -10.46 13.37 5.30
C MET A 40 -9.74 13.06 6.61
N ASN A 41 -8.96 12.00 6.62
CA ASN A 41 -8.21 11.59 7.80
C ASN A 41 -6.92 10.88 7.42
N PRO A 42 -6.01 11.58 6.71
CA PRO A 42 -4.74 11.01 6.28
C PRO A 42 -3.71 10.98 7.40
N CYS A 43 -2.76 10.06 7.31
CA CYS A 43 -1.72 9.92 8.30
C CYS A 43 -0.60 10.93 8.06
N SER A 44 0.57 10.42 7.77
CA SER A 44 1.73 11.26 7.52
C SER A 44 1.73 11.81 6.11
N ARG A 45 2.11 13.08 5.97
CA ARG A 45 2.15 13.72 4.66
C ARG A 45 3.17 14.87 4.66
N THR A 46 4.44 14.51 4.75
CA THR A 46 5.51 15.50 4.75
C THR A 46 6.28 15.49 3.44
N CYS A 1 10.13 -3.97 3.77
CA CYS A 1 8.84 -3.52 3.16
C CYS A 1 9.01 -3.30 1.66
N VAL A 2 7.93 -2.88 1.00
CA VAL A 2 7.95 -2.62 -0.42
C VAL A 2 8.21 -1.15 -0.70
N ARG A 3 8.15 -0.76 -1.97
CA ARG A 3 8.39 0.62 -2.34
C ARG A 3 7.16 1.48 -2.13
N LEU A 4 7.17 2.67 -2.71
CA LEU A 4 6.07 3.61 -2.59
C LEU A 4 4.85 3.12 -3.37
N HIS A 5 5.09 2.37 -4.42
CA HIS A 5 4.03 1.84 -5.26
C HIS A 5 4.45 0.57 -5.97
N GLU A 6 5.11 -0.32 -5.24
CA GLU A 6 5.58 -1.59 -5.82
C GLU A 6 4.69 -2.74 -5.35
N SER A 7 4.77 -3.86 -6.05
CA SER A 7 3.97 -5.03 -5.71
C SER A 7 4.64 -5.84 -4.60
N CYS A 8 3.81 -6.51 -3.79
CA CYS A 8 4.32 -7.32 -2.69
C CYS A 8 4.08 -8.81 -2.94
N LEU A 9 3.24 -9.11 -3.94
CA LEU A 9 2.91 -10.50 -4.30
C LEU A 9 3.03 -11.46 -3.11
N GLY A 10 1.92 -11.68 -2.42
CA GLY A 10 1.94 -12.59 -1.28
C GLY A 10 1.41 -11.92 -0.02
N GLN A 11 1.35 -10.59 -0.03
CA GLN A 11 0.87 -9.83 1.12
C GLN A 11 1.82 -9.92 2.31
N GLN A 12 2.98 -10.53 2.11
CA GLN A 12 3.97 -10.66 3.17
C GLN A 12 5.00 -9.53 3.12
N VAL A 13 4.65 -8.45 2.40
CA VAL A 13 5.56 -7.32 2.28
C VAL A 13 4.78 -6.00 2.29
N PRO A 14 4.51 -5.44 3.48
CA PRO A 14 3.78 -4.19 3.62
C PRO A 14 4.58 -2.99 3.10
N CYS A 15 3.89 -1.91 2.79
CA CYS A 15 4.54 -0.71 2.29
C CYS A 15 5.47 -0.11 3.32
N CYS A 16 6.68 0.25 2.89
CA CYS A 16 7.67 0.85 3.78
C CYS A 16 7.32 2.30 4.11
N ASP A 17 6.21 2.80 3.55
CA ASP A 17 5.80 4.18 3.80
C ASP A 17 4.79 4.26 4.96
N PRO A 18 4.89 5.32 5.78
CA PRO A 18 4.00 5.52 6.92
C PRO A 18 2.53 5.52 6.49
N CYS A 19 1.71 4.79 7.22
CA CYS A 19 0.28 4.69 6.91
C CYS A 19 0.06 4.05 5.54
N ALA A 20 1.09 3.41 5.01
CA ALA A 20 0.99 2.77 3.71
C ALA A 20 0.91 1.25 3.87
N THR A 21 -0.05 0.63 3.18
CA THR A 21 -0.22 -0.81 3.26
C THR A 21 -0.45 -1.41 1.87
N CYS A 22 0.10 -2.60 1.64
CA CYS A 22 -0.04 -3.29 0.37
C CYS A 22 -1.45 -3.84 0.20
N TYR A 23 -2.21 -3.27 -0.73
CA TYR A 23 -3.57 -3.72 -0.98
C TYR A 23 -3.70 -4.29 -2.39
N CYS A 24 -4.69 -5.15 -2.58
CA CYS A 24 -4.91 -5.78 -3.89
C CYS A 24 -6.12 -5.15 -4.60
N ARG A 25 -5.97 -4.93 -5.90
CA ARG A 25 -7.04 -4.34 -6.69
C ARG A 25 -8.17 -5.34 -6.93
N PHE A 26 -7.92 -6.59 -6.58
CA PHE A 26 -8.91 -7.64 -6.74
C PHE A 26 -8.77 -8.65 -5.60
N PHE A 27 -9.20 -9.89 -5.84
CA PHE A 27 -9.12 -10.92 -4.84
C PHE A 27 -7.68 -11.08 -4.36
N ASN A 28 -6.82 -11.58 -5.24
CA ASN A 28 -5.41 -11.77 -4.91
C ASN A 28 -4.56 -11.77 -6.19
N ALA A 29 -4.23 -10.58 -6.68
CA ALA A 29 -3.42 -10.47 -7.90
C ALA A 29 -2.62 -9.17 -7.91
N PHE A 30 -3.30 -8.05 -8.13
CA PHE A 30 -2.65 -6.75 -8.18
C PHE A 30 -2.46 -6.17 -6.77
N CYS A 31 -1.57 -6.78 -6.00
CA CYS A 31 -1.31 -6.33 -4.64
C CYS A 31 -0.05 -5.46 -4.57
N TYR A 32 -0.24 -4.17 -4.35
CA TYR A 32 0.88 -3.24 -4.27
C TYR A 32 0.66 -2.24 -3.14
N CYS A 33 1.73 -1.55 -2.75
CA CYS A 33 1.66 -0.57 -1.67
C CYS A 33 0.57 0.46 -1.94
N ARG A 34 -0.13 0.84 -0.87
CA ARG A 34 -1.20 1.83 -0.96
C ARG A 34 -1.17 2.75 0.25
N LYS A 35 -1.02 4.05 -0.01
CA LYS A 35 -0.97 5.04 1.07
C LYS A 35 -2.38 5.47 1.49
N LEU A 36 -3.37 4.62 1.26
CA LEU A 36 -4.74 4.92 1.62
C LEU A 36 -5.23 6.16 0.87
N GLY A 37 -6.16 5.93 -0.04
CA GLY A 37 -6.72 7.02 -0.83
C GLY A 37 -7.75 7.83 -0.07
N THR A 38 -7.40 8.27 1.14
CA THR A 38 -8.30 9.06 1.96
C THR A 38 -8.06 10.55 1.74
N ALA A 39 -8.57 11.06 0.63
CA ALA A 39 -8.40 12.47 0.29
C ALA A 39 -9.02 13.39 1.36
N MET A 40 -9.86 12.82 2.21
CA MET A 40 -10.50 13.58 3.27
C MET A 40 -9.58 13.72 4.48
N ASN A 41 -8.84 12.66 4.77
CA ASN A 41 -7.91 12.67 5.90
C ASN A 41 -6.71 11.75 5.64
N PRO A 42 -5.86 12.11 4.66
CA PRO A 42 -4.68 11.33 4.31
C PRO A 42 -3.56 11.46 5.33
N CYS A 43 -2.74 10.42 5.46
CA CYS A 43 -1.63 10.41 6.38
C CYS A 43 -0.43 11.12 5.79
N SER A 44 0.65 10.37 5.64
CA SER A 44 1.88 10.90 5.08
C SER A 44 1.83 10.90 3.56
N ARG A 45 1.38 12.01 2.99
CA ARG A 45 1.29 12.14 1.54
C ARG A 45 1.34 13.60 1.12
N THR A 46 2.56 14.11 0.92
CA THR A 46 2.74 15.50 0.52
C THR A 46 4.00 15.65 -0.34
N CYS A 1 10.57 -3.93 3.62
CA CYS A 1 9.21 -3.79 3.03
C CYS A 1 9.30 -3.48 1.54
N VAL A 2 8.16 -3.14 0.95
CA VAL A 2 8.11 -2.81 -0.47
C VAL A 2 8.17 -1.30 -0.68
N ARG A 3 8.57 -0.90 -1.87
CA ARG A 3 8.69 0.51 -2.20
C ARG A 3 7.33 1.10 -2.54
N LEU A 4 7.32 2.37 -2.94
CA LEU A 4 6.08 3.06 -3.29
C LEU A 4 5.54 2.55 -4.63
N HIS A 5 6.30 2.76 -5.69
CA HIS A 5 5.90 2.33 -7.02
C HIS A 5 6.29 0.87 -7.26
N GLU A 6 5.97 0.00 -6.31
CA GLU A 6 6.28 -1.42 -6.45
C GLU A 6 5.18 -2.30 -5.89
N SER A 7 5.20 -3.57 -6.30
CA SER A 7 4.21 -4.54 -5.84
C SER A 7 4.79 -5.40 -4.72
N CYS A 8 3.92 -6.02 -3.93
CA CYS A 8 4.38 -6.86 -2.82
C CYS A 8 4.08 -8.33 -3.08
N LEU A 9 2.95 -8.58 -3.75
CA LEU A 9 2.51 -9.93 -4.08
C LEU A 9 3.02 -10.97 -3.08
N GLY A 10 2.98 -10.62 -1.80
CA GLY A 10 3.45 -11.52 -0.76
C GLY A 10 2.53 -11.60 0.45
N GLN A 11 1.52 -10.73 0.48
CA GLN A 11 0.57 -10.70 1.59
C GLN A 11 1.22 -10.17 2.87
N GLN A 12 2.28 -10.84 3.32
CA GLN A 12 2.98 -10.44 4.54
C GLN A 12 4.12 -9.47 4.23
N VAL A 13 3.91 -8.60 3.24
CA VAL A 13 4.92 -7.64 2.85
C VAL A 13 4.30 -6.28 2.52
N PRO A 14 3.94 -5.49 3.55
CA PRO A 14 3.33 -4.17 3.36
C PRO A 14 4.34 -3.12 2.93
N CYS A 15 3.85 -2.01 2.43
CA CYS A 15 4.72 -0.93 1.97
C CYS A 15 5.52 -0.34 3.13
N CYS A 16 6.80 -0.06 2.87
CA CYS A 16 7.68 0.51 3.87
C CYS A 16 7.32 1.97 4.16
N ASP A 17 6.40 2.53 3.38
CA ASP A 17 5.99 3.92 3.55
C ASP A 17 4.96 4.06 4.68
N PRO A 18 5.14 5.08 5.56
CA PRO A 18 4.23 5.32 6.67
C PRO A 18 2.79 5.43 6.21
N CYS A 19 1.89 4.76 6.93
CA CYS A 19 0.48 4.78 6.59
C CYS A 19 0.25 4.17 5.21
N ALA A 20 1.23 3.41 4.71
CA ALA A 20 1.12 2.79 3.40
C ALA A 20 1.30 1.28 3.49
N THR A 21 0.27 0.54 3.10
CA THR A 21 0.31 -0.92 3.12
C THR A 21 -0.05 -1.47 1.75
N CYS A 22 0.16 -2.76 1.55
CA CYS A 22 -0.15 -3.39 0.27
C CYS A 22 -1.65 -3.48 0.04
N TYR A 23 -2.07 -3.27 -1.20
CA TYR A 23 -3.48 -3.32 -1.56
C TYR A 23 -3.66 -4.04 -2.90
N CYS A 24 -4.68 -4.89 -2.98
CA CYS A 24 -4.97 -5.64 -4.19
C CYS A 24 -6.20 -5.06 -4.90
N ARG A 25 -6.09 -4.88 -6.22
CA ARG A 25 -7.19 -4.34 -7.00
C ARG A 25 -8.31 -5.37 -7.16
N PHE A 26 -8.02 -6.60 -6.78
CA PHE A 26 -8.98 -7.69 -6.88
C PHE A 26 -8.78 -8.67 -5.72
N PHE A 27 -9.19 -9.91 -5.91
CA PHE A 27 -9.05 -10.92 -4.89
C PHE A 27 -7.59 -11.05 -4.47
N ASN A 28 -6.76 -11.52 -5.40
CA ASN A 28 -5.33 -11.69 -5.14
C ASN A 28 -4.54 -11.65 -6.44
N ALA A 29 -4.23 -10.45 -6.91
CA ALA A 29 -3.47 -10.31 -8.16
C ALA A 29 -2.65 -9.02 -8.17
N PHE A 30 -3.32 -7.88 -8.34
CA PHE A 30 -2.63 -6.60 -8.38
C PHE A 30 -2.41 -6.06 -6.97
N CYS A 31 -1.58 -6.75 -6.20
CA CYS A 31 -1.28 -6.33 -4.83
C CYS A 31 0.02 -5.53 -4.77
N TYR A 32 -0.11 -4.22 -4.64
CA TYR A 32 1.07 -3.34 -4.57
C TYR A 32 0.91 -2.29 -3.48
N CYS A 33 1.93 -1.45 -3.34
CA CYS A 33 1.92 -0.39 -2.34
C CYS A 33 0.66 0.46 -2.42
N ARG A 34 0.08 0.76 -1.26
CA ARG A 34 -1.14 1.56 -1.17
C ARG A 34 -1.03 2.53 0.01
N LYS A 35 -1.22 3.81 -0.26
CA LYS A 35 -1.14 4.84 0.77
C LYS A 35 -2.48 5.00 1.51
N LEU A 36 -3.13 3.88 1.80
CA LEU A 36 -4.41 3.90 2.51
C LEU A 36 -5.40 4.87 1.87
N GLY A 37 -6.35 4.33 1.13
CA GLY A 37 -7.36 5.15 0.49
C GLY A 37 -8.46 5.57 1.43
N THR A 38 -8.07 6.24 2.52
CA THR A 38 -9.04 6.69 3.51
C THR A 38 -9.52 8.11 3.18
N ALA A 39 -10.40 8.21 2.21
CA ALA A 39 -10.94 9.51 1.80
C ALA A 39 -11.69 10.19 2.94
N MET A 40 -12.06 9.41 3.95
CA MET A 40 -12.77 9.95 5.10
C MET A 40 -11.80 10.53 6.13
N ASN A 41 -10.74 9.79 6.42
CA ASN A 41 -9.74 10.24 7.38
C ASN A 41 -8.36 9.67 7.04
N PRO A 42 -7.71 10.22 6.01
CA PRO A 42 -6.39 9.75 5.58
C PRO A 42 -5.25 10.41 6.36
N CYS A 43 -4.04 9.88 6.22
CA CYS A 43 -2.89 10.41 6.90
C CYS A 43 -2.32 11.61 6.15
N SER A 44 -1.10 11.47 5.70
CA SER A 44 -0.43 12.53 4.97
C SER A 44 -0.85 12.53 3.51
N ARG A 45 -1.72 13.46 3.15
CA ARG A 45 -2.20 13.58 1.78
C ARG A 45 -2.68 15.00 1.49
N THR A 46 -1.74 15.86 1.10
CA THR A 46 -2.05 17.25 0.79
C THR A 46 -2.36 17.42 -0.70
N CYS A 1 10.43 -4.31 2.97
CA CYS A 1 9.07 -3.78 2.66
C CYS A 1 8.97 -3.41 1.19
N VAL A 2 7.81 -2.86 0.81
CA VAL A 2 7.57 -2.47 -0.58
C VAL A 2 7.83 -0.99 -0.79
N ARG A 3 8.00 -0.59 -2.03
CA ARG A 3 8.27 0.80 -2.36
C ARG A 3 7.00 1.63 -2.32
N LEU A 4 7.07 2.86 -2.83
CA LEU A 4 5.93 3.75 -2.85
C LEU A 4 4.87 3.26 -3.84
N HIS A 5 5.29 2.48 -4.82
CA HIS A 5 4.38 1.94 -5.82
C HIS A 5 4.92 0.65 -6.43
N GLU A 6 5.00 -0.38 -5.61
CA GLU A 6 5.50 -1.68 -6.07
C GLU A 6 4.66 -2.81 -5.47
N SER A 7 4.74 -3.99 -6.10
CA SER A 7 3.98 -5.15 -5.64
C SER A 7 4.62 -5.76 -4.40
N CYS A 8 3.80 -6.40 -3.57
CA CYS A 8 4.29 -7.04 -2.34
C CYS A 8 4.19 -8.57 -2.45
N LEU A 9 3.48 -9.05 -3.47
CA LEU A 9 3.31 -10.49 -3.71
C LEU A 9 3.43 -11.31 -2.43
N GLY A 10 2.29 -11.62 -1.81
CA GLY A 10 2.29 -12.41 -0.59
C GLY A 10 1.51 -11.74 0.53
N GLN A 11 1.38 -10.42 0.45
CA GLN A 11 0.65 -9.66 1.46
C GLN A 11 1.40 -9.63 2.79
N GLN A 12 2.60 -10.21 2.83
CA GLN A 12 3.40 -10.23 4.04
C GLN A 12 4.42 -9.09 4.05
N VAL A 13 4.66 -8.51 2.87
CA VAL A 13 5.61 -7.41 2.73
C VAL A 13 4.88 -6.06 2.68
N PRO A 14 4.78 -5.37 3.82
CA PRO A 14 4.11 -4.06 3.88
C PRO A 14 4.93 -2.97 3.20
N CYS A 15 4.26 -1.87 2.87
CA CYS A 15 4.92 -0.74 2.20
C CYS A 15 5.96 -0.11 3.11
N CYS A 16 7.04 0.37 2.50
CA CYS A 16 8.13 1.02 3.24
C CYS A 16 7.71 2.39 3.77
N ASP A 17 6.54 2.87 3.35
CA ASP A 17 6.05 4.19 3.76
C ASP A 17 5.14 4.09 4.99
N PRO A 18 5.30 5.01 5.95
CA PRO A 18 4.48 5.04 7.17
C PRO A 18 3.00 5.10 6.84
N CYS A 19 2.22 4.29 7.56
CA CYS A 19 0.78 4.24 7.34
C CYS A 19 0.44 3.67 5.96
N ALA A 20 1.46 3.12 5.27
CA ALA A 20 1.24 2.54 3.95
C ALA A 20 1.27 1.02 4.02
N THR A 21 0.25 0.39 3.44
CA THR A 21 0.16 -1.07 3.43
C THR A 21 -0.18 -1.58 2.03
N CYS A 22 0.06 -2.86 1.81
CA CYS A 22 -0.22 -3.47 0.51
C CYS A 22 -1.73 -3.58 0.25
N TYR A 23 -2.11 -3.44 -1.01
CA TYR A 23 -3.52 -3.52 -1.39
C TYR A 23 -3.66 -4.19 -2.76
N CYS A 24 -4.61 -5.12 -2.84
CA CYS A 24 -4.85 -5.84 -4.09
C CYS A 24 -6.05 -5.26 -4.83
N ARG A 25 -5.86 -4.95 -6.11
CA ARG A 25 -6.93 -4.40 -6.92
C ARG A 25 -7.98 -5.46 -7.27
N PHE A 26 -7.65 -6.72 -6.97
CA PHE A 26 -8.54 -7.82 -7.24
C PHE A 26 -8.38 -8.89 -6.16
N PHE A 27 -8.70 -10.13 -6.50
CA PHE A 27 -8.57 -11.23 -5.57
C PHE A 27 -7.15 -11.32 -5.03
N ASN A 28 -6.22 -11.71 -5.89
CA ASN A 28 -4.81 -11.82 -5.52
C ASN A 28 -3.91 -11.67 -6.74
N ALA A 29 -3.69 -10.42 -7.16
CA ALA A 29 -2.84 -10.17 -8.32
C ALA A 29 -2.21 -8.78 -8.26
N PHE A 30 -3.03 -7.74 -8.34
CA PHE A 30 -2.54 -6.37 -8.30
C PHE A 30 -2.33 -5.90 -6.86
N CYS A 31 -1.47 -6.60 -6.13
CA CYS A 31 -1.19 -6.26 -4.75
C CYS A 31 0.07 -5.41 -4.64
N TYR A 32 -0.10 -4.11 -4.41
CA TYR A 32 1.03 -3.20 -4.30
C TYR A 32 0.86 -2.24 -3.13
N CYS A 33 1.87 -1.43 -2.88
CA CYS A 33 1.85 -0.47 -1.79
C CYS A 33 0.66 0.50 -1.93
N ARG A 34 0.07 0.84 -0.79
CA ARG A 34 -1.06 1.76 -0.76
C ARG A 34 -0.93 2.70 0.43
N LYS A 35 -0.83 4.00 0.15
CA LYS A 35 -0.69 5.01 1.20
C LYS A 35 -2.05 5.43 1.77
N LEU A 36 -3.07 4.59 1.57
CA LEU A 36 -4.40 4.89 2.07
C LEU A 36 -4.92 6.19 1.47
N GLY A 37 -5.94 6.05 0.61
CA GLY A 37 -6.53 7.20 -0.03
C GLY A 37 -7.45 7.98 0.88
N THR A 38 -6.94 8.38 2.04
CA THR A 38 -7.73 9.15 3.00
C THR A 38 -7.57 10.64 2.76
N ALA A 39 -8.22 11.15 1.72
CA ALA A 39 -8.15 12.55 1.38
C ALA A 39 -8.69 13.43 2.50
N MET A 40 -9.47 12.82 3.39
CA MET A 40 -10.06 13.56 4.50
C MET A 40 -9.08 13.66 5.67
N ASN A 41 -8.39 12.55 5.95
CA ASN A 41 -7.41 12.51 7.04
C ASN A 41 -6.29 11.53 6.74
N PRO A 42 -5.39 11.88 5.80
CA PRO A 42 -4.27 11.03 5.42
C PRO A 42 -3.11 11.11 6.41
N CYS A 43 -2.29 10.07 6.43
CA CYS A 43 -1.15 10.01 7.32
C CYS A 43 0.02 10.78 6.75
N SER A 44 1.10 10.05 6.49
CA SER A 44 2.30 10.64 5.94
C SER A 44 2.20 10.82 4.43
N ARG A 45 1.98 12.07 4.00
CA ARG A 45 1.86 12.37 2.58
C ARG A 45 2.23 13.82 2.31
N THR A 46 3.49 14.05 1.99
CA THR A 46 3.97 15.41 1.70
C THR A 46 5.22 15.36 0.82
N CYS A 1 11.02 -3.56 2.96
CA CYS A 1 9.57 -3.52 2.65
C CYS A 1 9.32 -3.22 1.17
N VAL A 2 8.10 -2.78 0.86
CA VAL A 2 7.75 -2.45 -0.52
C VAL A 2 8.02 -0.98 -0.81
N ARG A 3 8.01 -0.62 -2.08
CA ARG A 3 8.27 0.75 -2.47
C ARG A 3 7.03 1.62 -2.26
N LEU A 4 7.07 2.84 -2.78
CA LEU A 4 5.96 3.77 -2.65
C LEU A 4 4.73 3.30 -3.41
N HIS A 5 4.97 2.65 -4.55
CA HIS A 5 3.88 2.15 -5.37
C HIS A 5 4.35 0.97 -6.23
N GLU A 6 4.57 -0.17 -5.59
CA GLU A 6 5.01 -1.37 -6.29
C GLU A 6 4.31 -2.61 -5.74
N SER A 7 4.34 -3.69 -6.51
CA SER A 7 3.71 -4.94 -6.08
C SER A 7 4.53 -5.61 -5.00
N CYS A 8 3.85 -6.30 -4.09
CA CYS A 8 4.51 -6.99 -2.99
C CYS A 8 4.43 -8.50 -3.15
N LEU A 9 3.41 -8.96 -3.88
CA LEU A 9 3.19 -10.38 -4.14
C LEU A 9 3.84 -11.26 -3.06
N GLY A 10 3.09 -11.53 -2.00
CA GLY A 10 3.60 -12.35 -0.92
C GLY A 10 2.80 -12.18 0.37
N GLN A 11 2.15 -11.03 0.51
CA GLN A 11 1.35 -10.75 1.71
C GLN A 11 2.22 -10.39 2.91
N GLN A 12 3.37 -11.05 3.05
CA GLN A 12 4.27 -10.78 4.16
C GLN A 12 5.29 -9.70 3.81
N VAL A 13 4.85 -8.72 3.02
CA VAL A 13 5.72 -7.64 2.60
C VAL A 13 4.97 -6.31 2.54
N PRO A 14 4.79 -5.64 3.69
CA PRO A 14 4.08 -4.36 3.77
C PRO A 14 4.89 -3.21 3.18
N CYS A 15 4.21 -2.12 2.86
CA CYS A 15 4.86 -0.94 2.29
C CYS A 15 5.82 -0.31 3.28
N CYS A 16 7.01 0.07 2.80
CA CYS A 16 8.02 0.70 3.63
C CYS A 16 7.66 2.15 3.95
N ASP A 17 6.54 2.64 3.41
CA ASP A 17 6.12 4.02 3.64
C ASP A 17 5.07 4.12 4.75
N PRO A 18 5.19 5.12 5.64
CA PRO A 18 4.25 5.33 6.74
C PRO A 18 2.82 5.44 6.23
N CYS A 19 1.90 4.80 6.94
CA CYS A 19 0.48 4.80 6.55
C CYS A 19 0.29 4.12 5.20
N ALA A 20 1.33 3.42 4.73
CA ALA A 20 1.25 2.72 3.45
C ALA A 20 1.18 1.21 3.66
N THR A 21 0.22 0.57 3.00
CA THR A 21 0.04 -0.87 3.12
C THR A 21 -0.26 -1.49 1.76
N CYS A 22 0.36 -2.63 1.47
CA CYS A 22 0.15 -3.32 0.21
C CYS A 22 -1.22 -3.99 0.16
N TYR A 23 -2.09 -3.48 -0.70
CA TYR A 23 -3.43 -4.03 -0.85
C TYR A 23 -3.65 -4.54 -2.27
N CYS A 24 -4.57 -5.47 -2.42
CA CYS A 24 -4.87 -6.05 -3.73
C CYS A 24 -6.13 -5.43 -4.33
N ARG A 25 -6.04 -5.03 -5.59
CA ARG A 25 -7.18 -4.42 -6.28
C ARG A 25 -8.25 -5.46 -6.61
N PHE A 26 -7.92 -6.72 -6.41
CA PHE A 26 -8.85 -7.81 -6.68
C PHE A 26 -8.67 -8.92 -5.64
N PHE A 27 -9.01 -10.15 -6.01
CA PHE A 27 -8.88 -11.27 -5.11
C PHE A 27 -7.44 -11.40 -4.64
N ASN A 28 -6.55 -11.79 -5.54
CA ASN A 28 -5.14 -11.93 -5.22
C ASN A 28 -4.28 -11.80 -6.48
N ALA A 29 -4.07 -10.56 -6.93
CA ALA A 29 -3.27 -10.32 -8.12
C ALA A 29 -2.61 -8.95 -8.10
N PHE A 30 -3.42 -7.90 -8.13
CA PHE A 30 -2.90 -6.53 -8.12
C PHE A 30 -2.63 -6.06 -6.70
N CYS A 31 -1.69 -6.73 -6.03
CA CYS A 31 -1.33 -6.38 -4.65
C CYS A 31 -0.09 -5.47 -4.64
N TYR A 32 -0.32 -4.18 -4.38
CA TYR A 32 0.78 -3.22 -4.33
C TYR A 32 0.61 -2.24 -3.18
N CYS A 33 1.69 -1.55 -2.82
CA CYS A 33 1.66 -0.59 -1.73
C CYS A 33 0.62 0.51 -1.98
N ARG A 34 -0.13 0.85 -0.94
CA ARG A 34 -1.15 1.88 -1.03
C ARG A 34 -1.12 2.76 0.21
N LYS A 35 -1.02 4.07 0.00
CA LYS A 35 -0.97 5.03 1.11
C LYS A 35 -2.37 5.40 1.60
N LEU A 36 -3.29 4.44 1.55
CA LEU A 36 -4.66 4.68 1.99
C LEU A 36 -5.29 5.85 1.25
N GLY A 37 -6.23 5.53 0.38
CA GLY A 37 -6.91 6.54 -0.40
C GLY A 37 -7.98 7.28 0.39
N THR A 38 -7.59 7.82 1.54
CA THR A 38 -8.53 8.55 2.39
C THR A 38 -8.48 10.04 2.06
N ALA A 39 -9.13 10.42 0.97
CA ALA A 39 -9.16 11.81 0.54
C ALA A 39 -9.81 12.71 1.60
N MET A 40 -10.53 12.10 2.54
CA MET A 40 -11.19 12.83 3.61
C MET A 40 -10.23 13.11 4.76
N ASN A 41 -9.37 12.14 5.05
CA ASN A 41 -8.40 12.29 6.14
C ASN A 41 -7.13 11.49 5.86
N PRO A 42 -6.30 11.94 4.89
CA PRO A 42 -5.06 11.25 4.53
C PRO A 42 -3.95 11.49 5.56
N CYS A 43 -2.95 10.60 5.56
CA CYS A 43 -1.84 10.70 6.46
C CYS A 43 -0.80 11.68 5.95
N SER A 44 0.39 11.16 5.68
CA SER A 44 1.48 11.96 5.17
C SER A 44 1.36 12.18 3.68
N ARG A 45 1.59 13.42 3.24
CA ARG A 45 1.51 13.76 1.83
C ARG A 45 2.36 14.99 1.51
N THR A 46 3.45 15.15 2.25
CA THR A 46 4.35 16.28 2.06
C THR A 46 5.73 15.98 2.62
N CYS A 1 10.96 -3.69 2.86
CA CYS A 1 9.50 -3.61 2.58
C CYS A 1 9.24 -3.21 1.14
N VAL A 2 8.03 -2.72 0.86
CA VAL A 2 7.66 -2.30 -0.48
C VAL A 2 7.93 -0.82 -0.67
N ARG A 3 7.97 -0.39 -1.92
CA ARG A 3 8.23 1.00 -2.24
C ARG A 3 7.00 1.86 -2.02
N LEU A 4 7.02 3.08 -2.57
CA LEU A 4 5.91 4.01 -2.43
C LEU A 4 4.70 3.52 -3.22
N HIS A 5 4.95 2.79 -4.29
CA HIS A 5 3.87 2.26 -5.12
C HIS A 5 4.33 1.02 -5.88
N GLU A 6 4.99 0.11 -5.18
CA GLU A 6 5.47 -1.13 -5.78
C GLU A 6 4.63 -2.32 -5.35
N SER A 7 4.66 -3.38 -6.13
CA SER A 7 3.89 -4.59 -5.83
C SER A 7 4.53 -5.37 -4.69
N CYS A 8 3.70 -6.00 -3.88
CA CYS A 8 4.19 -6.79 -2.75
C CYS A 8 3.97 -8.29 -2.97
N LEU A 9 3.01 -8.61 -3.85
CA LEU A 9 2.67 -10.00 -4.19
C LEU A 9 3.01 -10.97 -3.06
N GLY A 10 2.03 -11.21 -2.19
CA GLY A 10 2.24 -12.13 -1.07
C GLY A 10 1.51 -11.67 0.18
N GLN A 11 1.28 -10.37 0.29
CA GLN A 11 0.58 -9.80 1.46
C GLN A 11 1.46 -9.80 2.70
N GLN A 12 2.63 -10.44 2.62
CA GLN A 12 3.55 -10.49 3.75
C GLN A 12 4.55 -9.33 3.71
N VAL A 13 4.64 -8.68 2.55
CA VAL A 13 5.56 -7.56 2.39
C VAL A 13 4.84 -6.22 2.44
N PRO A 14 4.66 -5.64 3.64
CA PRO A 14 3.98 -4.35 3.81
C PRO A 14 4.81 -3.20 3.26
N CYS A 15 4.14 -2.08 3.01
CA CYS A 15 4.82 -0.90 2.49
C CYS A 15 5.83 -0.34 3.49
N CYS A 16 7.02 0.01 3.01
CA CYS A 16 8.06 0.56 3.85
C CYS A 16 7.75 2.01 4.26
N ASP A 17 6.65 2.56 3.74
CA ASP A 17 6.28 3.93 4.05
C ASP A 17 5.27 3.99 5.21
N PRO A 18 5.43 4.99 6.11
CA PRO A 18 4.54 5.16 7.25
C PRO A 18 3.08 5.28 6.82
N CYS A 19 2.20 4.58 7.52
CA CYS A 19 0.79 4.59 7.20
C CYS A 19 0.52 3.99 5.82
N ALA A 20 1.52 3.34 5.25
CA ALA A 20 1.37 2.72 3.93
C ALA A 20 1.23 1.21 4.04
N THR A 21 0.22 0.66 3.37
CA THR A 21 -0.03 -0.78 3.39
C THR A 21 -0.36 -1.29 1.99
N CYS A 22 0.11 -2.49 1.68
CA CYS A 22 -0.14 -3.09 0.38
C CYS A 22 -1.59 -3.56 0.25
N TYR A 23 -2.20 -3.26 -0.89
CA TYR A 23 -3.58 -3.66 -1.14
C TYR A 23 -3.71 -4.29 -2.52
N CYS A 24 -4.55 -5.33 -2.62
CA CYS A 24 -4.75 -6.03 -3.88
C CYS A 24 -6.00 -5.51 -4.60
N ARG A 25 -5.85 -5.21 -5.89
CA ARG A 25 -6.96 -4.72 -6.70
C ARG A 25 -7.95 -5.84 -7.01
N PHE A 26 -7.56 -7.07 -6.69
CA PHE A 26 -8.41 -8.23 -6.93
C PHE A 26 -8.24 -9.23 -5.79
N PHE A 27 -8.49 -10.51 -6.08
CA PHE A 27 -8.34 -11.55 -5.07
C PHE A 27 -6.94 -11.53 -4.48
N ASN A 28 -5.97 -11.94 -5.27
CA ASN A 28 -4.58 -11.97 -4.84
C ASN A 28 -3.64 -11.91 -6.04
N ALA A 29 -3.48 -10.71 -6.60
CA ALA A 29 -2.61 -10.54 -7.76
C ALA A 29 -2.04 -9.13 -7.85
N PHE A 30 -2.92 -8.15 -8.04
CA PHE A 30 -2.50 -6.75 -8.14
C PHE A 30 -2.35 -6.12 -6.76
N CYS A 31 -1.40 -6.62 -5.98
CA CYS A 31 -1.15 -6.12 -4.65
C CYS A 31 0.03 -5.16 -4.63
N TYR A 32 -0.23 -3.89 -4.31
CA TYR A 32 0.83 -2.89 -4.25
C TYR A 32 0.65 -1.96 -3.04
N CYS A 33 1.73 -1.29 -2.66
CA CYS A 33 1.70 -0.38 -1.52
C CYS A 33 0.65 0.72 -1.72
N ARG A 34 -0.01 1.10 -0.62
CA ARG A 34 -1.02 2.15 -0.64
C ARG A 34 -0.90 3.03 0.59
N LYS A 35 -0.82 4.34 0.37
CA LYS A 35 -0.71 5.29 1.48
C LYS A 35 -2.07 5.66 2.05
N LEU A 36 -3.03 4.75 1.94
CA LEU A 36 -4.37 4.99 2.45
C LEU A 36 -4.99 6.23 1.85
N GLY A 37 -5.98 6.03 0.99
CA GLY A 37 -6.65 7.15 0.34
C GLY A 37 -7.63 7.85 1.26
N THR A 38 -7.15 8.28 2.42
CA THR A 38 -7.99 8.98 3.38
C THR A 38 -7.93 10.49 3.15
N ALA A 39 -8.65 10.96 2.14
CA ALA A 39 -8.67 12.38 1.82
C ALA A 39 -9.23 13.20 2.96
N MET A 40 -9.92 12.53 3.89
CA MET A 40 -10.50 13.20 5.04
C MET A 40 -9.48 13.37 6.16
N ASN A 41 -8.63 12.36 6.34
CA ASN A 41 -7.60 12.40 7.36
C ASN A 41 -6.38 11.58 6.96
N PRO A 42 -5.58 12.10 6.00
CA PRO A 42 -4.38 11.41 5.52
C PRO A 42 -3.22 11.51 6.51
N CYS A 43 -2.33 10.52 6.47
CA CYS A 43 -1.18 10.48 7.34
C CYS A 43 -0.06 11.35 6.80
N SER A 44 1.05 10.70 6.49
CA SER A 44 2.22 11.38 5.97
C SER A 44 2.08 11.62 4.47
N ARG A 45 1.14 12.48 4.10
CA ARG A 45 0.91 12.82 2.70
C ARG A 45 0.26 14.19 2.57
N THR A 46 1.03 15.17 2.10
CA THR A 46 0.51 16.52 1.92
C THR A 46 1.42 17.32 0.99
N CYS A 1 10.95 -3.31 2.97
CA CYS A 1 9.50 -3.29 2.65
C CYS A 1 9.28 -3.00 1.16
N VAL A 2 8.07 -2.56 0.82
CA VAL A 2 7.74 -2.24 -0.57
C VAL A 2 7.97 -0.78 -0.85
N ARG A 3 8.04 -0.43 -2.13
CA ARG A 3 8.28 0.95 -2.52
C ARG A 3 7.00 1.77 -2.44
N LEU A 4 7.01 2.94 -3.05
CA LEU A 4 5.86 3.83 -3.04
C LEU A 4 4.71 3.25 -3.85
N HIS A 5 5.05 2.46 -4.86
CA HIS A 5 4.05 1.84 -5.71
C HIS A 5 4.61 0.57 -6.37
N GLU A 6 4.71 -0.49 -5.59
CA GLU A 6 5.22 -1.76 -6.08
C GLU A 6 4.37 -2.92 -5.55
N SER A 7 4.58 -4.10 -6.13
CA SER A 7 3.83 -5.28 -5.72
C SER A 7 4.48 -5.97 -4.53
N CYS A 8 3.66 -6.54 -3.65
CA CYS A 8 4.16 -7.22 -2.46
C CYS A 8 3.93 -8.74 -2.56
N LEU A 9 3.05 -9.14 -3.48
CA LEU A 9 2.72 -10.55 -3.71
C LEU A 9 2.94 -11.41 -2.46
N GLY A 10 1.87 -11.62 -1.70
CA GLY A 10 1.95 -12.42 -0.50
C GLY A 10 1.32 -11.74 0.70
N GLN A 11 1.20 -10.42 0.64
CA GLN A 11 0.61 -9.64 1.73
C GLN A 11 1.51 -9.64 2.97
N GLN A 12 2.70 -10.23 2.85
CA GLN A 12 3.65 -10.28 3.97
C GLN A 12 4.63 -9.11 3.90
N VAL A 13 4.76 -8.51 2.71
CA VAL A 13 5.67 -7.39 2.51
C VAL A 13 4.91 -6.06 2.48
N PRO A 14 4.69 -5.44 3.65
CA PRO A 14 3.96 -4.16 3.73
C PRO A 14 4.77 -3.01 3.14
N CYS A 15 4.09 -1.93 2.79
CA CYS A 15 4.75 -0.76 2.21
C CYS A 15 5.69 -0.10 3.21
N CYS A 16 6.88 0.25 2.75
CA CYS A 16 7.87 0.90 3.58
C CYS A 16 7.49 2.34 3.90
N ASP A 17 6.39 2.82 3.29
CA ASP A 17 5.95 4.19 3.51
C ASP A 17 5.01 4.29 4.70
N PRO A 18 5.10 5.39 5.47
CA PRO A 18 4.24 5.62 6.65
C PRO A 18 2.76 5.56 6.30
N CYS A 19 2.01 4.81 7.09
CA CYS A 19 0.57 4.66 6.85
C CYS A 19 0.31 4.00 5.49
N ALA A 20 1.34 3.37 4.91
CA ALA A 20 1.20 2.71 3.63
C ALA A 20 1.18 1.20 3.78
N THR A 21 0.20 0.56 3.16
CA THR A 21 0.07 -0.89 3.23
C THR A 21 -0.28 -1.47 1.87
N CYS A 22 -0.04 -2.76 1.69
CA CYS A 22 -0.33 -3.42 0.42
C CYS A 22 -1.83 -3.60 0.22
N TYR A 23 -2.25 -3.63 -1.04
CA TYR A 23 -3.65 -3.79 -1.38
C TYR A 23 -3.80 -4.38 -2.77
N CYS A 24 -4.73 -5.31 -2.92
CA CYS A 24 -4.98 -5.96 -4.21
C CYS A 24 -6.17 -5.33 -4.92
N ARG A 25 -5.98 -5.01 -6.20
CA ARG A 25 -7.04 -4.41 -7.00
C ARG A 25 -8.13 -5.43 -7.33
N PHE A 26 -7.85 -6.70 -7.06
CA PHE A 26 -8.78 -7.77 -7.31
C PHE A 26 -8.66 -8.84 -6.23
N PHE A 27 -9.04 -10.07 -6.56
CA PHE A 27 -8.96 -11.16 -5.63
C PHE A 27 -7.54 -11.31 -5.10
N ASN A 28 -6.63 -11.72 -5.99
CA ASN A 28 -5.23 -11.89 -5.62
C ASN A 28 -4.34 -11.78 -6.85
N ALA A 29 -4.04 -10.55 -7.26
CA ALA A 29 -3.20 -10.32 -8.42
C ALA A 29 -2.46 -9.00 -8.35
N PHE A 30 -3.19 -7.90 -8.49
CA PHE A 30 -2.61 -6.57 -8.45
C PHE A 30 -2.45 -6.08 -7.01
N CYS A 31 -1.60 -6.74 -6.25
CA CYS A 31 -1.36 -6.38 -4.85
C CYS A 31 -0.10 -5.52 -4.73
N TYR A 32 -0.30 -4.21 -4.53
CA TYR A 32 0.81 -3.29 -4.40
C TYR A 32 0.62 -2.33 -3.23
N CYS A 33 1.61 -1.48 -3.01
CA CYS A 33 1.56 -0.51 -1.91
C CYS A 33 0.50 0.56 -2.15
N ARG A 34 -0.22 0.90 -1.07
CA ARG A 34 -1.25 1.92 -1.13
C ARG A 34 -1.23 2.74 0.17
N LYS A 35 -0.98 4.04 0.03
CA LYS A 35 -0.91 4.93 1.19
C LYS A 35 -2.28 5.39 1.65
N LEU A 36 -3.20 4.45 1.82
CA LEU A 36 -4.55 4.76 2.28
C LEU A 36 -5.16 5.91 1.49
N GLY A 37 -6.06 5.56 0.58
CA GLY A 37 -6.72 6.57 -0.24
C GLY A 37 -7.72 7.40 0.55
N THR A 38 -7.24 8.03 1.63
CA THR A 38 -8.09 8.86 2.46
C THR A 38 -8.04 10.32 2.01
N ALA A 39 -8.72 10.62 0.92
CA ALA A 39 -8.75 11.98 0.38
C ALA A 39 -9.37 12.96 1.38
N MET A 40 -10.08 12.43 2.37
CA MET A 40 -10.71 13.27 3.38
C MET A 40 -9.72 13.58 4.51
N ASN A 41 -9.05 12.57 5.01
CA ASN A 41 -8.07 12.74 6.09
C ASN A 41 -6.95 11.71 6.00
N PRO A 42 -5.97 11.93 5.11
CA PRO A 42 -4.85 11.01 4.94
C PRO A 42 -3.80 11.18 6.04
N CYS A 43 -2.85 10.24 6.10
CA CYS A 43 -1.80 10.28 7.07
C CYS A 43 -0.67 11.20 6.62
N SER A 44 0.50 10.61 6.43
CA SER A 44 1.67 11.35 6.00
C SER A 44 1.66 11.56 4.49
N ARG A 45 1.51 12.81 4.07
CA ARG A 45 1.49 13.16 2.65
C ARG A 45 1.93 14.60 2.43
N THR A 46 3.18 14.88 2.76
CA THR A 46 3.73 16.22 2.59
C THR A 46 5.16 16.17 2.07
N CYS A 1 10.61 -4.24 2.84
CA CYS A 1 9.16 -4.02 2.58
C CYS A 1 8.93 -3.65 1.11
N VAL A 2 7.76 -3.08 0.83
CA VAL A 2 7.42 -2.66 -0.53
C VAL A 2 7.76 -1.20 -0.75
N ARG A 3 7.77 -0.78 -2.00
CA ARG A 3 8.10 0.59 -2.33
C ARG A 3 6.92 1.53 -2.05
N LEU A 4 7.00 2.76 -2.56
CA LEU A 4 5.94 3.73 -2.35
C LEU A 4 4.68 3.35 -3.11
N HIS A 5 4.86 2.80 -4.30
CA HIS A 5 3.74 2.38 -5.13
C HIS A 5 4.16 1.28 -6.09
N GLU A 6 4.44 0.10 -5.54
CA GLU A 6 4.85 -1.05 -6.33
C GLU A 6 4.20 -2.33 -5.81
N SER A 7 4.32 -3.41 -6.58
CA SER A 7 3.75 -4.69 -6.18
C SER A 7 4.45 -5.22 -4.94
N CYS A 8 3.67 -5.89 -4.08
CA CYS A 8 4.21 -6.45 -2.85
C CYS A 8 4.27 -7.97 -2.91
N LEU A 9 3.39 -8.56 -3.72
CA LEU A 9 3.32 -10.02 -3.91
C LEU A 9 3.92 -10.77 -2.72
N GLY A 10 3.07 -11.14 -1.76
CA GLY A 10 3.55 -11.87 -0.59
C GLY A 10 2.55 -11.86 0.55
N GLN A 11 1.66 -10.87 0.56
CA GLN A 11 0.65 -10.76 1.61
C GLN A 11 1.25 -10.28 2.93
N GLN A 12 2.30 -10.95 3.39
CA GLN A 12 2.96 -10.58 4.64
C GLN A 12 4.03 -9.50 4.41
N VAL A 13 4.07 -8.93 3.21
CA VAL A 13 5.04 -7.90 2.90
C VAL A 13 4.38 -6.52 2.84
N PRO A 14 4.24 -5.87 4.00
CA PRO A 14 3.63 -4.53 4.08
C PRO A 14 4.51 -3.45 3.47
N CYS A 15 3.90 -2.32 3.13
CA CYS A 15 4.63 -1.21 2.53
C CYS A 15 5.66 -0.64 3.51
N CYS A 16 6.84 -0.33 2.98
CA CYS A 16 7.91 0.24 3.80
C CYS A 16 7.62 1.69 4.20
N ASP A 17 6.53 2.25 3.67
CA ASP A 17 6.16 3.63 3.97
C ASP A 17 5.14 3.71 5.10
N PRO A 18 5.34 4.63 6.05
CA PRO A 18 4.42 4.82 7.19
C PRO A 18 2.99 5.05 6.72
N CYS A 19 2.05 4.41 7.39
CA CYS A 19 0.64 4.53 7.04
C CYS A 19 0.38 3.95 5.65
N ALA A 20 1.35 3.22 5.10
CA ALA A 20 1.20 2.62 3.79
C ALA A 20 1.03 1.10 3.89
N THR A 21 0.04 0.58 3.18
CA THR A 21 -0.24 -0.86 3.19
C THR A 21 -0.54 -1.37 1.79
N CYS A 22 -0.11 -2.59 1.50
CA CYS A 22 -0.34 -3.18 0.19
C CYS A 22 -1.81 -3.57 0.00
N TYR A 23 -2.42 -3.01 -1.04
CA TYR A 23 -3.82 -3.30 -1.34
C TYR A 23 -3.94 -4.07 -2.65
N CYS A 24 -4.85 -5.04 -2.68
CA CYS A 24 -5.05 -5.85 -3.88
C CYS A 24 -6.31 -5.43 -4.61
N ARG A 25 -6.18 -5.13 -5.90
CA ARG A 25 -7.31 -4.71 -6.71
C ARG A 25 -8.24 -5.88 -7.03
N PHE A 26 -7.78 -7.09 -6.72
CA PHE A 26 -8.55 -8.29 -6.94
C PHE A 26 -8.31 -9.29 -5.82
N PHE A 27 -8.57 -10.56 -6.06
CA PHE A 27 -8.36 -11.59 -5.07
C PHE A 27 -6.91 -11.58 -4.59
N ASN A 28 -6.00 -11.94 -5.49
CA ASN A 28 -4.58 -11.98 -5.17
C ASN A 28 -3.75 -11.81 -6.43
N ALA A 29 -3.66 -10.59 -6.94
CA ALA A 29 -2.88 -10.33 -8.15
C ALA A 29 -2.36 -8.90 -8.18
N PHE A 30 -3.26 -7.93 -8.26
CA PHE A 30 -2.88 -6.52 -8.30
C PHE A 30 -2.66 -5.98 -6.90
N CYS A 31 -1.70 -6.54 -6.19
CA CYS A 31 -1.38 -6.11 -4.83
C CYS A 31 -0.19 -5.17 -4.82
N TYR A 32 -0.44 -3.89 -4.53
CA TYR A 32 0.62 -2.88 -4.50
C TYR A 32 0.47 -1.98 -3.28
N CYS A 33 1.57 -1.35 -2.87
CA CYS A 33 1.55 -0.46 -1.72
C CYS A 33 0.53 0.66 -1.91
N ARG A 34 -0.11 1.05 -0.81
CA ARG A 34 -1.11 2.11 -0.83
C ARG A 34 -0.95 3.02 0.39
N LYS A 35 -0.82 4.32 0.14
CA LYS A 35 -0.65 5.29 1.22
C LYS A 35 -1.99 5.72 1.81
N LEU A 36 -3.02 4.89 1.64
CA LEU A 36 -4.34 5.21 2.17
C LEU A 36 -4.87 6.52 1.61
N GLY A 37 -5.86 6.41 0.74
CA GLY A 37 -6.46 7.59 0.14
C GLY A 37 -7.47 8.26 1.05
N THR A 38 -7.04 8.62 2.26
CA THR A 38 -7.91 9.27 3.22
C THR A 38 -7.85 10.79 3.07
N ALA A 39 -8.50 11.29 2.02
CA ALA A 39 -8.51 12.73 1.75
C ALA A 39 -9.17 13.51 2.90
N MET A 40 -9.92 12.80 3.74
CA MET A 40 -10.60 13.42 4.87
C MET A 40 -9.66 13.53 6.06
N ASN A 41 -8.90 12.47 6.32
CA ASN A 41 -7.97 12.46 7.44
C ASN A 41 -6.77 11.56 7.12
N PRO A 42 -5.86 12.02 6.24
CA PRO A 42 -4.68 11.26 5.85
C PRO A 42 -3.55 11.38 6.87
N CYS A 43 -2.57 10.49 6.78
CA CYS A 43 -1.45 10.47 7.68
C CYS A 43 -0.41 11.49 7.25
N SER A 44 0.75 11.00 6.90
CA SER A 44 1.85 11.85 6.47
C SER A 44 1.69 12.26 5.01
N ARG A 45 1.25 13.49 4.79
CA ARG A 45 1.05 14.01 3.44
C ARG A 45 1.14 15.53 3.42
N THR A 46 2.37 16.04 3.46
CA THR A 46 2.59 17.49 3.45
C THR A 46 2.54 18.03 2.02
N CYS A 1 10.89 -4.18 2.80
CA CYS A 1 9.45 -3.96 2.52
C CYS A 1 9.22 -3.63 1.05
N VAL A 2 8.06 -3.05 0.75
CA VAL A 2 7.72 -2.67 -0.62
C VAL A 2 8.08 -1.22 -0.88
N ARG A 3 8.03 -0.82 -2.14
CA ARG A 3 8.36 0.54 -2.51
C ARG A 3 7.20 1.48 -2.22
N LEU A 4 7.27 2.68 -2.78
CA LEU A 4 6.22 3.68 -2.59
C LEU A 4 4.93 3.26 -3.27
N HIS A 5 5.05 2.66 -4.44
CA HIS A 5 3.89 2.21 -5.19
C HIS A 5 4.25 1.05 -6.11
N GLU A 6 4.56 -0.10 -5.52
CA GLU A 6 4.91 -1.29 -6.29
C GLU A 6 4.29 -2.54 -5.67
N SER A 7 4.21 -3.61 -6.45
CA SER A 7 3.62 -4.86 -5.98
C SER A 7 4.35 -5.35 -4.73
N CYS A 8 3.62 -6.06 -3.86
CA CYS A 8 4.19 -6.58 -2.63
C CYS A 8 4.40 -8.09 -2.72
N LEU A 9 3.56 -8.75 -3.50
CA LEU A 9 3.63 -10.21 -3.70
C LEU A 9 4.34 -10.92 -2.56
N GLY A 10 3.58 -11.41 -1.59
CA GLY A 10 4.16 -12.10 -0.45
C GLY A 10 3.24 -12.17 0.75
N GLN A 11 2.23 -11.29 0.78
CA GLN A 11 1.27 -11.25 1.88
C GLN A 11 1.92 -10.70 3.15
N GLN A 12 3.01 -11.31 3.59
CA GLN A 12 3.71 -10.88 4.79
C GLN A 12 4.81 -9.87 4.44
N VAL A 13 4.50 -8.99 3.49
CA VAL A 13 5.44 -7.96 3.07
C VAL A 13 4.75 -6.60 2.93
N PRO A 14 4.59 -5.88 4.05
CA PRO A 14 3.95 -4.56 4.07
C PRO A 14 4.82 -3.49 3.43
N CYS A 15 4.19 -2.37 3.08
CA CYS A 15 4.90 -1.25 2.45
C CYS A 15 5.93 -0.65 3.41
N CYS A 16 7.09 -0.30 2.87
CA CYS A 16 8.17 0.30 3.66
C CYS A 16 7.83 1.74 4.05
N ASP A 17 6.73 2.27 3.53
CA ASP A 17 6.32 3.65 3.81
C ASP A 17 5.32 3.71 4.96
N PRO A 18 5.52 4.66 5.90
CA PRO A 18 4.62 4.83 7.04
C PRO A 18 3.17 5.02 6.61
N CYS A 19 2.26 4.34 7.30
CA CYS A 19 0.85 4.42 6.97
C CYS A 19 0.57 3.84 5.58
N ALA A 20 1.55 3.14 5.01
CA ALA A 20 1.40 2.54 3.70
C ALA A 20 1.24 1.03 3.80
N THR A 21 0.24 0.49 3.11
CA THR A 21 -0.01 -0.95 3.13
C THR A 21 -0.33 -1.47 1.73
N CYS A 22 0.04 -2.71 1.46
CA CYS A 22 -0.20 -3.31 0.15
C CYS A 22 -1.69 -3.61 -0.04
N TYR A 23 -2.29 -2.93 -1.01
CA TYR A 23 -3.71 -3.12 -1.31
C TYR A 23 -3.87 -3.90 -2.61
N CYS A 24 -4.86 -4.80 -2.63
CA CYS A 24 -5.13 -5.62 -3.80
C CYS A 24 -6.35 -5.10 -4.55
N ARG A 25 -6.17 -4.74 -5.81
CA ARG A 25 -7.25 -4.24 -6.64
C ARG A 25 -8.21 -5.35 -7.04
N PHE A 26 -7.82 -6.58 -6.77
CA PHE A 26 -8.65 -7.73 -7.09
C PHE A 26 -8.48 -8.82 -6.04
N PHE A 27 -8.81 -10.05 -6.39
CA PHE A 27 -8.68 -11.17 -5.48
C PHE A 27 -7.24 -11.27 -4.98
N ASN A 28 -6.34 -11.63 -5.89
CA ASN A 28 -4.93 -11.77 -5.56
C ASN A 28 -4.06 -11.56 -6.79
N ALA A 29 -3.92 -10.31 -7.22
CA ALA A 29 -3.12 -9.99 -8.40
C ALA A 29 -2.56 -8.58 -8.34
N PHE A 30 -3.45 -7.59 -8.31
CA PHE A 30 -3.03 -6.20 -8.26
C PHE A 30 -2.76 -5.76 -6.82
N CYS A 31 -1.85 -6.46 -6.16
CA CYS A 31 -1.49 -6.15 -4.79
C CYS A 31 -0.22 -5.31 -4.72
N TYR A 32 -0.39 -4.01 -4.51
CA TYR A 32 0.75 -3.10 -4.44
C TYR A 32 0.59 -2.13 -3.27
N CYS A 33 1.71 -1.53 -2.85
CA CYS A 33 1.70 -0.58 -1.74
C CYS A 33 0.69 0.55 -1.99
N ARG A 34 0.06 1.00 -0.91
CA ARG A 34 -0.91 2.08 -0.98
C ARG A 34 -0.74 3.04 0.19
N LYS A 35 -0.65 4.33 -0.12
CA LYS A 35 -0.46 5.36 0.90
C LYS A 35 -1.79 5.77 1.54
N LEU A 36 -2.86 5.05 1.21
CA LEU A 36 -4.18 5.34 1.75
C LEU A 36 -4.64 6.74 1.36
N GLY A 37 -5.64 6.79 0.52
CA GLY A 37 -6.18 8.06 0.06
C GLY A 37 -7.21 8.63 1.02
N THR A 38 -6.82 8.78 2.28
CA THR A 38 -7.71 9.32 3.30
C THR A 38 -7.57 10.84 3.39
N ALA A 39 -8.15 11.54 2.42
CA ALA A 39 -8.08 12.99 2.39
C ALA A 39 -8.75 13.61 3.61
N MET A 40 -9.57 12.83 4.29
CA MET A 40 -10.26 13.30 5.48
C MET A 40 -9.37 13.15 6.72
N ASN A 41 -8.53 12.12 6.72
CA ASN A 41 -7.62 11.86 7.83
C ASN A 41 -6.35 11.17 7.34
N PRO A 42 -5.55 11.87 6.51
CA PRO A 42 -4.31 11.32 5.98
C PRO A 42 -3.18 11.34 7.01
N CYS A 43 -2.25 10.38 6.88
CA CYS A 43 -1.13 10.28 7.77
C CYS A 43 -0.03 11.24 7.38
N SER A 44 1.11 10.68 7.02
CA SER A 44 2.26 11.46 6.62
C SER A 44 2.13 11.91 5.16
N ARG A 45 1.64 13.12 4.96
CA ARG A 45 1.48 13.67 3.61
C ARG A 45 1.50 15.19 3.64
N THR A 46 2.70 15.76 3.65
CA THR A 46 2.86 17.22 3.67
C THR A 46 3.41 17.72 2.34
N CYS A 1 10.78 -3.60 3.11
CA CYS A 1 9.33 -3.51 2.82
C CYS A 1 9.08 -3.20 1.34
N VAL A 2 7.88 -2.71 1.03
CA VAL A 2 7.53 -2.37 -0.35
C VAL A 2 7.80 -0.90 -0.62
N ARG A 3 7.85 -0.55 -1.90
CA ARG A 3 8.12 0.81 -2.29
C ARG A 3 6.88 1.69 -2.14
N LEU A 4 6.89 2.85 -2.79
CA LEU A 4 5.78 3.78 -2.73
C LEU A 4 4.55 3.22 -3.42
N HIS A 5 4.78 2.43 -4.47
CA HIS A 5 3.69 1.83 -5.21
C HIS A 5 4.15 0.55 -5.91
N GLU A 6 4.83 -0.30 -5.17
CA GLU A 6 5.31 -1.57 -5.72
C GLU A 6 4.46 -2.73 -5.21
N SER A 7 4.54 -3.86 -5.91
CA SER A 7 3.78 -5.04 -5.54
C SER A 7 4.46 -5.79 -4.40
N CYS A 8 3.67 -6.46 -3.57
CA CYS A 8 4.19 -7.22 -2.44
C CYS A 8 4.05 -8.72 -2.66
N LEU A 9 3.36 -9.09 -3.74
CA LEU A 9 3.13 -10.50 -4.10
C LEU A 9 3.21 -11.44 -2.90
N GLY A 10 2.06 -11.74 -2.29
CA GLY A 10 2.03 -12.61 -1.14
C GLY A 10 1.37 -11.95 0.07
N GLN A 11 1.32 -10.62 0.07
CA GLN A 11 0.72 -9.87 1.17
C GLN A 11 1.58 -9.94 2.43
N GLN A 12 2.73 -10.61 2.35
CA GLN A 12 3.62 -10.73 3.49
C GLN A 12 4.71 -9.64 3.45
N VAL A 13 4.42 -8.55 2.75
CA VAL A 13 5.37 -7.45 2.62
C VAL A 13 4.66 -6.10 2.68
N PRO A 14 4.53 -5.51 3.88
CA PRO A 14 3.87 -4.21 4.05
C PRO A 14 4.68 -3.07 3.43
N CYS A 15 4.01 -1.97 3.13
CA CYS A 15 4.67 -0.81 2.55
C CYS A 15 5.67 -0.19 3.52
N CYS A 16 6.86 0.13 3.00
CA CYS A 16 7.90 0.75 3.81
C CYS A 16 7.57 2.19 4.13
N ASP A 17 6.48 2.71 3.55
CA ASP A 17 6.07 4.09 3.77
C ASP A 17 5.08 4.21 4.92
N PRO A 18 5.25 5.24 5.78
CA PRO A 18 4.35 5.47 6.92
C PRO A 18 2.90 5.56 6.51
N CYS A 19 2.03 4.87 7.23
CA CYS A 19 0.60 4.86 6.94
C CYS A 19 0.32 4.23 5.57
N ALA A 20 1.32 3.54 5.02
CA ALA A 20 1.16 2.88 3.72
C ALA A 20 1.03 1.37 3.89
N THR A 21 0.07 0.78 3.20
CA THR A 21 -0.14 -0.66 3.29
C THR A 21 -0.45 -1.27 1.92
N CYS A 22 -0.05 -2.52 1.72
CA CYS A 22 -0.29 -3.20 0.47
C CYS A 22 -1.75 -3.60 0.33
N TYR A 23 -2.30 -3.42 -0.87
CA TYR A 23 -3.69 -3.77 -1.14
C TYR A 23 -3.83 -4.38 -2.53
N CYS A 24 -4.76 -5.31 -2.66
CA CYS A 24 -5.00 -5.99 -3.94
C CYS A 24 -6.21 -5.39 -4.65
N ARG A 25 -6.03 -5.07 -5.93
CA ARG A 25 -7.11 -4.49 -6.73
C ARG A 25 -8.17 -5.55 -7.06
N PHE A 26 -7.84 -6.80 -6.80
CA PHE A 26 -8.74 -7.91 -7.07
C PHE A 26 -8.55 -8.99 -6.01
N PHE A 27 -8.90 -10.23 -6.36
CA PHE A 27 -8.76 -11.34 -5.44
C PHE A 27 -7.31 -11.45 -4.95
N ASN A 28 -6.42 -11.82 -5.86
CA ASN A 28 -5.00 -11.96 -5.54
C ASN A 28 -4.14 -11.77 -6.78
N ALA A 29 -3.91 -10.51 -7.16
CA ALA A 29 -3.11 -10.22 -8.34
C ALA A 29 -2.43 -8.86 -8.24
N PHE A 30 -3.22 -7.80 -8.32
CA PHE A 30 -2.68 -6.45 -8.26
C PHE A 30 -2.51 -5.98 -6.81
N CYS A 31 -1.61 -6.65 -6.09
CA CYS A 31 -1.36 -6.31 -4.68
C CYS A 31 -0.12 -5.44 -4.56
N TYR A 32 -0.33 -4.14 -4.32
CA TYR A 32 0.78 -3.20 -4.17
C TYR A 32 0.53 -2.21 -3.04
N CYS A 33 1.57 -1.52 -2.64
CA CYS A 33 1.49 -0.52 -1.57
C CYS A 33 0.47 0.56 -1.89
N ARG A 34 -0.18 1.08 -0.85
CA ARG A 34 -1.17 2.14 -1.01
C ARG A 34 -1.04 3.16 0.12
N LYS A 35 -1.06 4.44 -0.25
CA LYS A 35 -0.94 5.51 0.74
C LYS A 35 -2.29 5.88 1.35
N LEU A 36 -3.28 5.01 1.18
CA LEU A 36 -4.61 5.28 1.71
C LEU A 36 -5.21 6.53 1.12
N GLY A 37 -6.24 6.34 0.32
CA GLY A 37 -6.91 7.47 -0.31
C GLY A 37 -7.82 8.21 0.65
N THR A 38 -7.27 8.65 1.77
CA THR A 38 -8.03 9.39 2.77
C THR A 38 -7.98 10.89 2.49
N ALA A 39 -8.73 11.33 1.49
CA ALA A 39 -8.77 12.74 1.12
C ALA A 39 -9.28 13.61 2.27
N MET A 40 -9.92 12.98 3.24
CA MET A 40 -10.47 13.70 4.38
C MET A 40 -9.39 13.90 5.45
N ASN A 41 -8.60 12.86 5.69
CA ASN A 41 -7.53 12.93 6.68
C ASN A 41 -6.36 12.02 6.28
N PRO A 42 -5.58 12.42 5.26
CA PRO A 42 -4.44 11.63 4.80
C PRO A 42 -3.23 11.77 5.70
N CYS A 43 -2.40 10.74 5.74
CA CYS A 43 -1.21 10.73 6.55
C CYS A 43 -0.07 11.45 5.84
N SER A 44 0.98 10.71 5.58
CA SER A 44 2.15 11.25 4.92
C SER A 44 1.96 11.31 3.41
N ARG A 45 2.36 12.41 2.80
CA ARG A 45 2.23 12.58 1.36
C ARG A 45 3.26 13.58 0.84
N THR A 46 4.42 13.62 1.48
CA THR A 46 5.49 14.52 1.07
C THR A 46 6.86 13.91 1.36
N CYS A 1 10.56 -4.26 2.71
CA CYS A 1 9.17 -3.78 2.48
C CYS A 1 8.96 -3.42 1.01
N VAL A 2 7.78 -2.91 0.70
CA VAL A 2 7.44 -2.53 -0.68
C VAL A 2 7.68 -1.05 -0.91
N ARG A 3 7.75 -0.66 -2.18
CA ARG A 3 7.98 0.72 -2.53
C ARG A 3 6.71 1.55 -2.40
N LEU A 4 6.72 2.75 -2.95
CA LEU A 4 5.58 3.65 -2.88
C LEU A 4 4.42 3.14 -3.72
N HIS A 5 4.71 2.33 -4.73
CA HIS A 5 3.68 1.77 -5.59
C HIS A 5 4.14 0.48 -6.27
N GLU A 6 4.84 -0.34 -5.50
CA GLU A 6 5.34 -1.62 -6.02
C GLU A 6 4.51 -2.78 -5.48
N SER A 7 4.56 -3.92 -6.16
CA SER A 7 3.81 -5.10 -5.75
C SER A 7 4.46 -5.74 -4.53
N CYS A 8 3.65 -6.36 -3.68
CA CYS A 8 4.14 -7.02 -2.47
C CYS A 8 4.04 -8.53 -2.59
N LEU A 9 3.12 -9.00 -3.44
CA LEU A 9 2.88 -10.43 -3.66
C LEU A 9 3.30 -11.29 -2.46
N GLY A 10 2.34 -11.55 -1.58
CA GLY A 10 2.61 -12.35 -0.41
C GLY A 10 1.87 -11.86 0.82
N GLN A 11 1.60 -10.56 0.86
CA GLN A 11 0.89 -9.94 1.98
C GLN A 11 1.78 -9.79 3.21
N GLN A 12 2.93 -10.47 3.22
CA GLN A 12 3.85 -10.41 4.34
C GLN A 12 4.84 -9.25 4.17
N VAL A 13 4.89 -8.68 2.97
CA VAL A 13 5.79 -7.58 2.68
C VAL A 13 5.07 -6.23 2.69
N PRO A 14 5.00 -5.57 3.86
CA PRO A 14 4.33 -4.27 3.98
C PRO A 14 5.08 -3.16 3.25
N CYS A 15 4.37 -2.08 2.93
CA CYS A 15 4.97 -0.96 2.22
C CYS A 15 6.03 -0.27 3.06
N CYS A 16 7.03 0.29 2.40
CA CYS A 16 8.13 0.98 3.06
C CYS A 16 7.71 2.35 3.60
N ASP A 17 6.44 2.71 3.44
CA ASP A 17 5.96 4.02 3.91
C ASP A 17 4.97 3.87 5.08
N PRO A 18 5.08 4.77 6.07
CA PRO A 18 4.19 4.77 7.24
C PRO A 18 2.73 4.82 6.83
N CYS A 19 1.91 4.02 7.49
CA CYS A 19 0.48 3.97 7.19
C CYS A 19 0.24 3.43 5.78
N ALA A 20 1.28 2.89 5.15
CA ALA A 20 1.16 2.34 3.80
C ALA A 20 1.12 0.81 3.85
N THR A 21 0.06 0.24 3.28
CA THR A 21 -0.10 -1.21 3.25
C THR A 21 -0.42 -1.70 1.84
N CYS A 22 -0.26 -3.00 1.62
CA CYS A 22 -0.52 -3.57 0.32
C CYS A 22 -2.02 -3.59 0.02
N TYR A 23 -2.36 -3.29 -1.23
CA TYR A 23 -3.74 -3.26 -1.67
C TYR A 23 -3.90 -3.98 -3.00
N CYS A 24 -4.81 -4.95 -3.05
CA CYS A 24 -5.06 -5.72 -4.26
C CYS A 24 -6.24 -5.16 -5.04
N ARG A 25 -6.04 -4.94 -6.34
CA ARG A 25 -7.11 -4.43 -7.19
C ARG A 25 -8.16 -5.49 -7.47
N PHE A 26 -7.87 -6.72 -7.07
CA PHE A 26 -8.78 -7.84 -7.27
C PHE A 26 -8.70 -8.77 -6.06
N PHE A 27 -9.08 -10.03 -6.24
CA PHE A 27 -9.04 -10.99 -5.16
C PHE A 27 -7.64 -11.06 -4.56
N ASN A 28 -6.71 -11.58 -5.33
CA ASN A 28 -5.32 -11.70 -4.88
C ASN A 28 -4.37 -11.75 -6.07
N ALA A 29 -4.05 -10.60 -6.64
CA ALA A 29 -3.15 -10.54 -7.79
C ALA A 29 -2.41 -9.22 -7.86
N PHE A 30 -3.12 -8.15 -8.19
CA PHE A 30 -2.51 -6.82 -8.30
C PHE A 30 -2.41 -6.15 -6.94
N CYS A 31 -1.57 -6.70 -6.06
CA CYS A 31 -1.40 -6.16 -4.72
C CYS A 31 -0.14 -5.29 -4.66
N TYR A 32 -0.31 -3.99 -4.46
CA TYR A 32 0.82 -3.06 -4.37
C TYR A 32 0.65 -2.11 -3.20
N CYS A 33 1.74 -1.44 -2.84
CA CYS A 33 1.73 -0.49 -1.72
C CYS A 33 0.65 0.58 -1.91
N ARG A 34 0.00 0.93 -0.80
CA ARG A 34 -1.04 1.95 -0.82
C ARG A 34 -0.96 2.80 0.44
N LYS A 35 -0.86 4.11 0.26
CA LYS A 35 -0.78 5.03 1.39
C LYS A 35 -2.15 5.40 1.93
N LEU A 36 -3.16 4.58 1.63
CA LEU A 36 -4.51 4.83 2.10
C LEU A 36 -5.02 6.17 1.62
N GLY A 37 -5.97 6.12 0.70
CA GLY A 37 -6.54 7.34 0.15
C GLY A 37 -7.59 7.96 1.07
N THR A 38 -7.19 8.23 2.31
CA THR A 38 -8.09 8.82 3.29
C THR A 38 -8.02 10.35 3.23
N ALA A 39 -8.62 10.92 2.19
CA ALA A 39 -8.62 12.37 2.01
C ALA A 39 -9.32 13.07 3.18
N MET A 40 -10.11 12.32 3.93
CA MET A 40 -10.84 12.86 5.07
C MET A 40 -9.96 12.88 6.31
N ASN A 41 -9.21 11.80 6.52
CA ASN A 41 -8.32 11.68 7.67
C ASN A 41 -7.12 10.82 7.35
N PRO A 42 -6.16 11.35 6.57
CA PRO A 42 -4.95 10.61 6.19
C PRO A 42 -3.90 10.62 7.30
N CYS A 43 -2.94 9.71 7.20
CA CYS A 43 -1.88 9.60 8.17
C CYS A 43 -0.78 10.61 7.90
N SER A 44 0.40 10.10 7.63
CA SER A 44 1.56 10.94 7.34
C SER A 44 1.55 11.39 5.89
N ARG A 45 1.55 12.71 5.69
CA ARG A 45 1.55 13.28 4.35
C ARG A 45 2.16 14.68 4.36
N THR A 46 3.42 14.78 4.77
CA THR A 46 4.11 16.06 4.82
C THR A 46 5.02 16.24 3.61
N CYS A 1 10.42 -4.29 3.08
CA CYS A 1 9.05 -3.77 2.84
C CYS A 1 8.83 -3.44 1.37
N VAL A 2 7.66 -2.89 1.06
CA VAL A 2 7.33 -2.53 -0.32
C VAL A 2 7.63 -1.06 -0.60
N ARG A 3 7.73 -0.73 -1.88
CA ARG A 3 8.04 0.63 -2.28
C ARG A 3 6.79 1.52 -2.16
N LEU A 4 6.87 2.73 -2.71
CA LEU A 4 5.76 3.67 -2.66
C LEU A 4 4.60 3.19 -3.51
N HIS A 5 4.91 2.46 -4.57
CA HIS A 5 3.88 1.94 -5.45
C HIS A 5 4.36 0.69 -6.18
N GLU A 6 4.52 -0.41 -5.44
CA GLU A 6 4.96 -1.67 -6.01
C GLU A 6 4.21 -2.84 -5.39
N SER A 7 4.26 -4.00 -6.05
CA SER A 7 3.57 -5.18 -5.55
C SER A 7 4.29 -5.75 -4.33
N CYS A 8 3.53 -6.45 -3.49
CA CYS A 8 4.09 -7.05 -2.28
C CYS A 8 4.17 -8.58 -2.40
N LEU A 9 3.75 -9.11 -3.56
CA LEU A 9 3.78 -10.55 -3.83
C LEU A 9 3.78 -11.39 -2.56
N GLY A 10 2.60 -11.83 -2.14
CA GLY A 10 2.49 -12.64 -0.93
C GLY A 10 1.66 -11.98 0.15
N GLN A 11 1.59 -10.66 0.11
CA GLN A 11 0.83 -9.88 1.09
C GLN A 11 1.54 -9.83 2.45
N GLN A 12 2.65 -10.56 2.58
CA GLN A 12 3.41 -10.57 3.83
C GLN A 12 4.57 -9.59 3.75
N VAL A 13 4.36 -8.47 3.07
CA VAL A 13 5.38 -7.45 2.91
C VAL A 13 4.80 -6.05 3.03
N PRO A 14 4.81 -5.46 4.23
CA PRO A 14 4.27 -4.12 4.45
C PRO A 14 5.03 -3.05 3.68
N CYS A 15 4.33 -1.97 3.34
CA CYS A 15 4.92 -0.87 2.59
C CYS A 15 6.01 -0.16 3.40
N CYS A 16 7.03 0.31 2.70
CA CYS A 16 8.14 1.02 3.33
C CYS A 16 7.73 2.41 3.80
N ASP A 17 6.54 2.85 3.40
CA ASP A 17 6.05 4.17 3.78
C ASP A 17 5.07 4.11 4.95
N PRO A 18 5.24 5.02 5.94
CA PRO A 18 4.35 5.07 7.11
C PRO A 18 2.89 5.19 6.70
N CYS A 19 2.02 4.48 7.40
CA CYS A 19 0.60 4.50 7.10
C CYS A 19 0.30 3.87 5.73
N ALA A 20 1.32 3.28 5.10
CA ALA A 20 1.14 2.66 3.81
C ALA A 20 1.13 1.14 3.93
N THR A 21 0.16 0.49 3.31
CA THR A 21 0.04 -0.96 3.36
C THR A 21 -0.35 -1.53 2.01
N CYS A 22 0.13 -2.73 1.71
CA CYS A 22 -0.17 -3.38 0.44
C CYS A 22 -1.61 -3.90 0.42
N TYR A 23 -2.27 -3.72 -0.71
CA TYR A 23 -3.65 -4.17 -0.87
C TYR A 23 -3.88 -4.73 -2.28
N CYS A 24 -4.80 -5.68 -2.39
CA CYS A 24 -5.12 -6.30 -3.66
C CYS A 24 -6.40 -5.71 -4.25
N ARG A 25 -6.29 -5.18 -5.47
CA ARG A 25 -7.45 -4.58 -6.13
C ARG A 25 -8.42 -5.65 -6.62
N PHE A 26 -7.99 -6.91 -6.55
CA PHE A 26 -8.81 -8.03 -6.98
C PHE A 26 -8.56 -9.23 -6.08
N PHE A 27 -8.83 -10.43 -6.59
CA PHE A 27 -8.63 -11.64 -5.83
C PHE A 27 -7.19 -11.73 -5.34
N ASN A 28 -6.27 -11.95 -6.27
CA ASN A 28 -4.85 -12.05 -5.95
C ASN A 28 -4.00 -11.70 -7.15
N ALA A 29 -3.90 -10.40 -7.45
CA ALA A 29 -3.10 -9.95 -8.59
C ALA A 29 -2.59 -8.53 -8.39
N PHE A 30 -3.51 -7.58 -8.20
CA PHE A 30 -3.13 -6.19 -8.01
C PHE A 30 -2.83 -5.90 -6.54
N CYS A 31 -1.90 -6.67 -5.98
CA CYS A 31 -1.51 -6.50 -4.58
C CYS A 31 -0.28 -5.61 -4.46
N TYR A 32 -0.49 -4.32 -4.21
CA TYR A 32 0.62 -3.38 -4.09
C TYR A 32 0.40 -2.40 -2.95
N CYS A 33 1.47 -1.70 -2.55
CA CYS A 33 1.43 -0.72 -1.48
C CYS A 33 0.36 0.35 -1.74
N ARG A 34 -0.25 0.81 -0.66
CA ARG A 34 -1.28 1.85 -0.75
C ARG A 34 -1.09 2.87 0.37
N LYS A 35 -1.05 4.14 0.02
CA LYS A 35 -0.87 5.22 1.00
C LYS A 35 -2.19 5.62 1.65
N LEU A 36 -3.24 4.83 1.42
CA LEU A 36 -4.55 5.11 2.00
C LEU A 36 -5.07 6.46 1.53
N GLY A 37 -6.11 6.42 0.72
CA GLY A 37 -6.71 7.64 0.21
C GLY A 37 -7.70 8.26 1.17
N THR A 38 -7.24 8.53 2.40
CA THR A 38 -8.08 9.12 3.42
C THR A 38 -8.01 10.64 3.36
N ALA A 39 -8.67 11.23 2.35
CA ALA A 39 -8.68 12.67 2.18
C ALA A 39 -9.32 13.37 3.37
N MET A 40 -10.08 12.62 4.16
CA MET A 40 -10.75 13.16 5.33
C MET A 40 -9.81 13.18 6.53
N ASN A 41 -8.98 12.15 6.63
CA ASN A 41 -8.04 12.03 7.74
C ASN A 41 -6.78 11.27 7.31
N PRO A 42 -5.96 11.87 6.43
CA PRO A 42 -4.73 11.26 5.93
C PRO A 42 -3.60 11.31 6.97
N CYS A 43 -2.66 10.39 6.86
CA CYS A 43 -1.55 10.31 7.76
C CYS A 43 -0.46 11.29 7.35
N SER A 44 0.69 10.75 7.02
CA SER A 44 1.83 11.54 6.60
C SER A 44 1.72 11.94 5.14
N ARG A 45 1.01 13.03 4.87
CA ARG A 45 0.83 13.50 3.50
C ARG A 45 0.53 15.00 3.49
N THR A 46 1.57 15.80 3.28
CA THR A 46 1.41 17.25 3.24
C THR A 46 1.51 17.78 1.82
#